data_4IL1
#
_entry.id   4IL1
#
_cell.length_a   99.300
_cell.length_b   193.850
_cell.length_c   107.820
_cell.angle_alpha   90.00
_cell.angle_beta   90.09
_cell.angle_gamma   90.00
#
_symmetry.space_group_name_H-M   'P 1 21 1'
#
loop_
_entity.id
_entity.type
_entity.pdbx_description
1 polymer 'Calmodulin, Calcineurin subunit B type 1, Serine/threonine-protein phosphatase 2B catalytic subunit alpha isoform'
2 non-polymer 'CALCIUM ION'
3 water water
#
_entity_poly.entity_id   1
_entity_poly.type   'polypeptide(L)'
_entity_poly.pdbx_seq_one_letter_code
;MADQLTEEQIAEFKEAFSLFDKDGDGTITTKELGTVMRSLGQNPTEAELQDMINEVDADGNGTIDFPEFLTMMARKMKDT
DSEEEIREAFRVFDKDGNGYISAAELRHVMTNLGEKLTDEEVDEMIREADIDGDGQVNYEEFVQMMTAKGGGGGGGGGGN
EASYPLEMCSHFDADEIKRLGKRFKKLDLDNSGSLSVEEFMSLPELQQNPLVQRVIDIFDTDGNGEVDFKEFIEGVSQFS
VKGDKEQKLRFAFRIYDMDKDGYISNGELFQVLKMMVGNNLKDTQLQQIVDKTIINADKDGDGRISFEEFCAVVGGLDIH
KKMVVDVGGGGGGMSEPKAIDPKLSTTDRVVKAVPFPPSHRLTAKEVFDNDGKPRVDILKAHLMKEGRLEESVALRIITE
GASILRQEKNLLDIDAPVTVCGDIHGQFFDLMKLFEVGGSPANTRYLFLGDYVDRGYFSIECVLYLWALKILYPKTLFLL
RGNHECRHLTEYFTFKQECKIKYSERVYDACMDAFDCLPLAALMNQQFLCVHGGLSPEINTLDDIRKLDRFKEPPAYGPM
CDILWSDPLEDFGNEKTQEHFTHNTVRGCSYFYSYPAVCDFLQHNNLLSILRAHEAQDAGYRMYRKSQTTGFPSLITIFS
APNYLDVYNNKAAVLKYENNVMNIRQFNCSPHPYWLPNFMDVFTWSLPFVGEKVTEMLVNVLNICSDDELGSEEDGFDGA
TAAARKEVIRNKIRAIGKMARVFSVLREESESVLTLKGLTPTGMLPSGVLSGGKQTLQSAIKGFSPQHKITSFEEAKGLD
RINERMPPRRDAMPSLEHHHHHH
;
_entity_poly.pdbx_strand_id   A,B,C,D
#
# COMPACT_ATOMS: atom_id res chain seq x y z
N SER A 163 17.64 -50.62 -49.43
CA SER A 163 17.66 -52.06 -49.85
C SER A 163 17.94 -53.10 -48.74
N TYR A 164 18.30 -52.68 -47.51
CA TYR A 164 18.34 -53.59 -46.32
C TYR A 164 16.95 -53.76 -45.70
N PRO A 165 16.56 -55.00 -45.30
CA PRO A 165 15.24 -55.21 -44.69
C PRO A 165 15.02 -54.54 -43.33
N LEU A 166 13.76 -54.32 -43.00
CA LEU A 166 13.39 -53.53 -41.85
C LEU A 166 12.71 -54.42 -40.83
N GLU A 167 13.20 -54.37 -39.60
CA GLU A 167 12.62 -55.14 -38.51
C GLU A 167 11.57 -54.31 -37.77
N MET A 168 10.48 -54.98 -37.41
CA MET A 168 9.46 -54.40 -36.57
C MET A 168 8.63 -55.50 -35.89
N CYS A 169 7.97 -55.12 -34.79
CA CYS A 169 7.11 -56.02 -34.03
C CYS A 169 5.71 -55.43 -34.02
N SER A 170 4.79 -56.09 -34.72
CA SER A 170 3.40 -55.67 -34.86
C SER A 170 2.48 -56.88 -34.99
N HIS A 171 1.19 -56.61 -34.96
CA HIS A 171 0.18 -57.66 -35.09
C HIS A 171 -0.45 -57.63 -36.47
N PHE A 172 0.15 -56.88 -37.40
CA PHE A 172 -0.40 -56.75 -38.73
C PHE A 172 0.17 -57.84 -39.62
N ASP A 173 -0.63 -58.30 -40.57
CA ASP A 173 -0.15 -59.26 -41.57
C ASP A 173 0.50 -58.49 -42.74
N ALA A 174 1.16 -59.20 -43.64
CA ALA A 174 2.03 -58.57 -44.68
C ALA A 174 1.29 -57.63 -45.62
N ASP A 175 0.04 -57.96 -45.90
CA ASP A 175 -0.86 -57.13 -46.69
C ASP A 175 -1.19 -55.81 -45.94
N GLU A 176 -1.66 -55.92 -44.69
CA GLU A 176 -1.93 -54.76 -43.84
C GLU A 176 -0.74 -53.80 -43.69
N ILE A 177 0.47 -54.35 -43.64
CA ILE A 177 1.68 -53.53 -43.58
C ILE A 177 1.91 -52.75 -44.89
N LYS A 178 1.64 -53.39 -46.02
CA LYS A 178 1.78 -52.75 -47.34
C LYS A 178 0.83 -51.55 -47.47
N ARG A 179 -0.41 -51.75 -47.01
CA ARG A 179 -1.41 -50.68 -47.01
C ARG A 179 -1.00 -49.52 -46.10
N LEU A 180 -0.66 -49.83 -44.85
CA LEU A 180 -0.16 -48.81 -43.94
C LEU A 180 1.04 -48.08 -44.54
N GLY A 181 1.84 -48.80 -45.32
CA GLY A 181 2.92 -48.20 -46.07
C GLY A 181 2.48 -47.15 -47.10
N LYS A 182 1.37 -47.42 -47.79
CA LYS A 182 0.82 -46.48 -48.79
C LYS A 182 0.51 -45.15 -48.11
N ARG A 183 -0.20 -45.23 -46.99
CA ARG A 183 -0.62 -44.04 -46.25
C ARG A 183 0.57 -43.37 -45.60
N PHE A 184 1.61 -44.13 -45.26
CA PHE A 184 2.86 -43.55 -44.73
C PHE A 184 3.56 -42.70 -45.79
N LYS A 185 3.57 -43.19 -47.03
CA LYS A 185 4.29 -42.52 -48.13
C LYS A 185 3.63 -41.19 -48.50
N LYS A 186 2.31 -41.25 -48.71
CA LYS A 186 1.51 -40.08 -49.01
C LYS A 186 1.74 -38.99 -47.96
N LEU A 187 1.53 -39.34 -46.71
CA LEU A 187 1.82 -38.48 -45.59
C LEU A 187 3.22 -37.88 -45.66
N ASP A 188 4.19 -38.70 -46.04
CA ASP A 188 5.56 -38.27 -46.21
C ASP A 188 5.69 -37.46 -47.49
N LEU A 189 5.72 -36.14 -47.33
CA LEU A 189 5.78 -35.23 -48.47
C LEU A 189 7.19 -35.18 -49.04
N ASP A 190 8.15 -34.73 -48.23
CA ASP A 190 9.58 -34.64 -48.63
C ASP A 190 10.24 -36.02 -48.87
N ASN A 191 9.43 -37.07 -48.93
CA ASN A 191 9.90 -38.46 -49.13
C ASN A 191 11.27 -38.78 -48.49
N SER A 192 11.49 -38.25 -47.27
CA SER A 192 12.69 -38.51 -46.47
C SER A 192 12.59 -39.81 -45.69
N GLY A 193 11.45 -40.47 -45.74
CA GLY A 193 11.28 -41.77 -45.07
C GLY A 193 11.08 -41.61 -43.57
N SER A 194 10.87 -40.37 -43.14
CA SER A 194 10.59 -40.06 -41.72
C SER A 194 9.54 -38.93 -41.62
N LEU A 195 8.47 -39.19 -40.87
CA LEU A 195 7.39 -38.21 -40.66
C LEU A 195 7.81 -37.15 -39.67
N SER A 196 7.74 -35.89 -40.11
CA SER A 196 8.10 -34.72 -39.31
C SER A 196 6.88 -34.00 -38.75
N VAL A 197 7.08 -33.28 -37.66
CA VAL A 197 5.97 -32.64 -36.94
C VAL A 197 5.10 -31.86 -37.91
N GLU A 198 5.75 -31.10 -38.79
CA GLU A 198 5.03 -30.30 -39.79
C GLU A 198 4.29 -31.17 -40.81
N GLU A 199 4.96 -32.24 -41.27
CA GLU A 199 4.35 -33.19 -42.22
C GLU A 199 3.02 -33.75 -41.66
N PHE A 200 2.98 -33.99 -40.35
CA PHE A 200 1.75 -34.44 -39.72
C PHE A 200 0.71 -33.32 -39.78
N MET A 201 1.10 -32.14 -39.27
CA MET A 201 0.27 -30.90 -39.29
C MET A 201 0.02 -30.30 -40.70
N SER A 202 -0.13 -31.16 -41.70
CA SER A 202 -0.51 -30.77 -43.04
C SER A 202 -1.85 -31.37 -43.41
N LEU A 203 -2.49 -32.10 -42.49
CA LEU A 203 -3.69 -32.87 -42.79
C LEU A 203 -4.98 -32.15 -42.37
N PRO A 204 -6.12 -32.48 -43.04
CA PRO A 204 -7.29 -31.60 -42.96
C PRO A 204 -7.76 -31.28 -41.55
N GLU A 205 -8.03 -32.30 -40.74
CA GLU A 205 -8.56 -32.12 -39.36
C GLU A 205 -7.55 -32.40 -38.23
N LEU A 206 -6.28 -32.49 -38.58
CA LEU A 206 -5.28 -32.98 -37.63
C LEU A 206 -4.62 -31.88 -36.82
N GLN A 207 -4.78 -30.63 -37.25
CA GLN A 207 -4.09 -29.48 -36.64
C GLN A 207 -4.85 -28.96 -35.42
N GLN A 208 -6.16 -29.24 -35.41
CA GLN A 208 -7.06 -28.89 -34.29
C GLN A 208 -7.32 -30.05 -33.32
N ASN A 209 -6.39 -31.00 -33.25
CA ASN A 209 -6.46 -32.15 -32.32
C ASN A 209 -5.33 -32.04 -31.26
N PRO A 210 -5.70 -31.77 -30.00
CA PRO A 210 -4.74 -31.47 -28.93
C PRO A 210 -3.74 -32.56 -28.64
N LEU A 211 -4.06 -33.78 -29.07
CA LEU A 211 -3.28 -34.99 -28.74
C LEU A 211 -2.25 -35.46 -29.77
N VAL A 212 -2.30 -34.88 -30.96
CA VAL A 212 -1.36 -35.25 -31.99
C VAL A 212 0.05 -35.10 -31.42
N GLN A 213 0.32 -33.90 -30.92
CA GLN A 213 1.56 -33.53 -30.22
C GLN A 213 2.09 -34.64 -29.34
N ARG A 214 1.17 -35.27 -28.61
CA ARG A 214 1.52 -36.39 -27.71
C ARG A 214 1.79 -37.70 -28.47
N VAL A 215 0.84 -38.08 -29.33
CA VAL A 215 0.91 -39.36 -30.01
C VAL A 215 2.19 -39.43 -30.80
N ILE A 216 2.42 -38.41 -31.60
CA ILE A 216 3.67 -38.30 -32.36
C ILE A 216 4.89 -38.56 -31.48
N ASP A 217 4.92 -37.95 -30.32
CA ASP A 217 6.10 -38.03 -29.46
C ASP A 217 6.25 -39.42 -28.80
N ILE A 218 5.14 -40.09 -28.54
CA ILE A 218 5.19 -41.47 -28.00
C ILE A 218 5.74 -42.44 -29.06
N PHE A 219 5.15 -42.38 -30.26
CA PHE A 219 5.61 -43.14 -31.44
C PHE A 219 7.12 -42.98 -31.65
N ASP A 220 7.65 -41.78 -31.42
CA ASP A 220 9.08 -41.52 -31.59
C ASP A 220 9.89 -42.21 -30.50
N THR A 221 10.11 -43.50 -30.71
CA THR A 221 10.79 -44.39 -29.78
C THR A 221 12.26 -44.07 -29.65
N ASP A 222 12.87 -43.67 -30.78
CA ASP A 222 14.32 -43.32 -30.85
C ASP A 222 14.64 -41.91 -30.33
N GLY A 223 13.60 -41.09 -30.18
CA GLY A 223 13.75 -39.72 -29.69
C GLY A 223 14.54 -38.81 -30.63
N ASN A 224 14.34 -38.97 -31.94
CA ASN A 224 14.99 -38.12 -32.95
C ASN A 224 14.12 -37.00 -33.50
N GLY A 225 12.90 -36.87 -32.99
CA GLY A 225 11.99 -35.82 -33.45
C GLY A 225 11.04 -36.28 -34.54
N GLU A 226 11.48 -37.21 -35.38
CA GLU A 226 10.64 -37.71 -36.48
C GLU A 226 10.19 -39.18 -36.28
N VAL A 227 9.24 -39.61 -37.11
CA VAL A 227 8.67 -40.94 -36.99
C VAL A 227 9.00 -41.78 -38.22
N ASP A 228 9.90 -42.75 -38.04
CA ASP A 228 10.23 -43.71 -39.11
C ASP A 228 9.14 -44.77 -39.30
N PHE A 229 9.24 -45.57 -40.36
CA PHE A 229 8.16 -46.49 -40.74
C PHE A 229 7.93 -47.55 -39.68
N LYS A 230 9.01 -48.11 -39.17
CA LYS A 230 8.92 -49.03 -38.04
C LYS A 230 8.01 -48.42 -36.97
N GLU A 231 8.44 -47.25 -36.46
CA GLU A 231 7.77 -46.55 -35.35
C GLU A 231 6.29 -46.35 -35.66
N PHE A 232 6.03 -45.82 -36.86
CA PHE A 232 4.67 -45.67 -37.35
C PHE A 232 3.85 -46.96 -37.25
N ILE A 233 4.39 -48.05 -37.81
CA ILE A 233 3.69 -49.35 -37.82
C ILE A 233 3.53 -49.90 -36.40
N GLU A 234 4.61 -49.83 -35.62
CA GLU A 234 4.57 -50.26 -34.23
C GLU A 234 3.60 -49.45 -33.39
N GLY A 235 3.63 -48.13 -33.55
CA GLY A 235 2.70 -47.25 -32.87
C GLY A 235 1.25 -47.63 -33.16
N VAL A 236 0.86 -47.59 -34.43
CA VAL A 236 -0.52 -47.92 -34.83
C VAL A 236 -0.92 -49.33 -34.40
N SER A 237 0.07 -50.22 -34.38
CA SER A 237 -0.15 -51.59 -33.97
C SER A 237 -0.56 -51.66 -32.51
N GLN A 238 0.00 -50.77 -31.69
CA GLN A 238 -0.34 -50.71 -30.26
C GLN A 238 -1.75 -50.18 -30.02
N PHE A 239 -2.45 -49.85 -31.08
CA PHE A 239 -3.90 -49.72 -31.02
C PHE A 239 -4.44 -50.78 -31.90
N SER A 240 -5.75 -50.76 -32.11
CA SER A 240 -6.38 -51.78 -32.91
C SER A 240 -5.90 -53.17 -32.47
N VAL A 241 -5.48 -53.25 -31.21
CA VAL A 241 -4.72 -54.40 -30.75
C VAL A 241 -5.75 -55.51 -30.52
N LYS A 242 -6.82 -55.19 -29.78
CA LYS A 242 -7.74 -56.18 -29.16
C LYS A 242 -7.01 -56.99 -28.10
N GLY A 243 -5.67 -56.90 -28.14
CA GLY A 243 -4.75 -57.56 -27.26
C GLY A 243 -4.95 -57.19 -25.82
N ASP A 244 -4.15 -57.83 -24.99
CA ASP A 244 -4.36 -57.83 -23.55
C ASP A 244 -4.47 -56.40 -23.04
N LYS A 245 -5.24 -56.21 -21.97
CA LYS A 245 -5.61 -54.90 -21.40
C LYS A 245 -4.37 -54.10 -20.96
N GLU A 246 -3.26 -54.78 -20.69
CA GLU A 246 -2.05 -54.12 -20.21
C GLU A 246 -1.54 -53.17 -21.26
N GLN A 247 -1.66 -53.55 -22.52
CA GLN A 247 -1.19 -52.66 -23.57
C GLN A 247 -1.99 -51.37 -23.58
N LYS A 248 -3.33 -51.48 -23.57
CA LYS A 248 -4.22 -50.33 -23.50
C LYS A 248 -3.76 -49.39 -22.38
N LEU A 249 -3.70 -49.93 -21.16
CA LEU A 249 -3.12 -49.19 -20.02
C LEU A 249 -1.73 -48.64 -20.25
N ARG A 250 -0.87 -49.46 -20.84
CA ARG A 250 0.53 -49.08 -21.06
C ARG A 250 0.59 -47.86 -22.00
N PHE A 251 -0.32 -47.83 -22.98
CA PHE A 251 -0.36 -46.73 -23.95
C PHE A 251 -0.87 -45.49 -23.30
N ALA A 252 -1.96 -45.66 -22.57
CA ALA A 252 -2.58 -44.57 -21.81
C ALA A 252 -1.58 -43.89 -20.91
N PHE A 253 -0.83 -44.68 -20.14
CA PHE A 253 0.19 -44.13 -19.25
C PHE A 253 1.16 -43.22 -19.98
N ARG A 254 1.57 -43.59 -21.19
CA ARG A 254 2.60 -42.82 -21.93
C ARG A 254 2.09 -41.42 -22.38
N ILE A 255 0.80 -41.32 -22.60
CA ILE A 255 0.17 -40.02 -22.92
C ILE A 255 0.60 -38.97 -21.89
N TYR A 256 0.42 -39.28 -20.62
CA TYR A 256 0.80 -38.39 -19.53
C TYR A 256 2.32 -38.27 -19.30
N ASP A 257 3.05 -39.37 -19.39
CA ASP A 257 4.47 -39.36 -19.01
C ASP A 257 5.32 -38.74 -20.11
N MET A 258 5.40 -37.41 -20.11
CA MET A 258 6.07 -36.71 -21.22
C MET A 258 7.55 -37.08 -21.38
N ASP A 259 8.31 -37.10 -20.29
CA ASP A 259 9.80 -37.34 -20.36
C ASP A 259 10.20 -38.82 -20.46
N LYS A 260 9.20 -39.70 -20.59
CA LYS A 260 9.40 -41.15 -20.81
C LYS A 260 10.20 -41.89 -19.72
N ASP A 261 10.32 -41.31 -18.54
CA ASP A 261 11.09 -41.93 -17.47
C ASP A 261 10.30 -42.99 -16.69
N GLY A 262 9.05 -43.24 -17.08
CA GLY A 262 8.17 -44.22 -16.39
C GLY A 262 7.43 -43.71 -15.15
N TYR A 263 7.50 -42.41 -14.90
CA TYR A 263 6.77 -41.83 -13.79
C TYR A 263 6.01 -40.58 -14.25
N ILE A 264 4.79 -40.40 -13.76
CA ILE A 264 4.04 -39.17 -14.08
C ILE A 264 4.25 -38.10 -12.99
N SER A 265 4.87 -36.99 -13.39
CA SER A 265 5.13 -35.82 -12.55
C SER A 265 3.90 -34.97 -12.42
N ASN A 266 3.85 -34.16 -11.38
CA ASN A 266 2.80 -33.16 -11.25
C ASN A 266 2.74 -32.29 -12.51
N GLY A 267 3.86 -31.64 -12.80
CA GLY A 267 3.93 -30.76 -13.95
C GLY A 267 3.49 -31.48 -15.19
N GLU A 268 3.98 -32.70 -15.36
CA GLU A 268 3.65 -33.56 -16.51
C GLU A 268 2.11 -33.68 -16.61
N LEU A 269 1.53 -34.17 -15.53
CA LEU A 269 0.07 -34.34 -15.45
C LEU A 269 -0.69 -33.03 -15.69
N PHE A 270 -0.15 -31.94 -15.18
CA PHE A 270 -0.74 -30.63 -15.41
C PHE A 270 -0.71 -30.18 -16.87
N GLN A 271 0.46 -30.33 -17.49
CA GLN A 271 0.68 -29.84 -18.84
C GLN A 271 -0.14 -30.63 -19.83
N VAL A 272 -0.17 -31.93 -19.63
CA VAL A 272 -0.85 -32.83 -20.56
C VAL A 272 -2.37 -32.62 -20.49
N LEU A 273 -2.89 -32.57 -19.28
CA LEU A 273 -4.27 -32.18 -19.12
C LEU A 273 -4.51 -30.80 -19.72
N LYS A 274 -3.61 -29.86 -19.42
CA LYS A 274 -3.77 -28.46 -19.85
C LYS A 274 -3.89 -28.37 -21.35
N MET A 275 -3.23 -29.28 -22.05
CA MET A 275 -3.34 -29.37 -23.52
C MET A 275 -4.76 -29.61 -23.97
N MET A 276 -5.42 -30.59 -23.38
CA MET A 276 -6.74 -31.00 -23.84
C MET A 276 -7.90 -30.21 -23.25
N VAL A 277 -7.71 -29.69 -22.04
CA VAL A 277 -8.75 -28.92 -21.35
C VAL A 277 -8.82 -27.45 -21.85
N GLY A 278 -7.70 -26.94 -22.34
CA GLY A 278 -7.61 -25.56 -22.83
C GLY A 278 -7.96 -24.52 -21.78
N ASN A 279 -8.99 -23.71 -22.06
CA ASN A 279 -9.45 -22.64 -21.16
C ASN A 279 -10.75 -22.91 -20.42
N ASN A 280 -11.21 -24.15 -20.47
CA ASN A 280 -12.46 -24.50 -19.79
C ASN A 280 -12.27 -24.55 -18.29
N LEU A 281 -11.02 -24.53 -17.85
CA LEU A 281 -10.70 -24.52 -16.43
C LEU A 281 -9.64 -23.46 -16.19
N LYS A 282 -9.78 -22.77 -15.09
CA LYS A 282 -8.74 -21.88 -14.64
C LYS A 282 -7.53 -22.69 -14.19
N ASP A 283 -6.35 -22.09 -14.28
CA ASP A 283 -5.12 -22.82 -13.99
C ASP A 283 -5.06 -23.18 -12.50
N THR A 284 -5.60 -22.33 -11.64
CA THR A 284 -5.60 -22.64 -10.20
C THR A 284 -6.44 -23.92 -10.02
N GLN A 285 -7.58 -23.97 -10.69
CA GLN A 285 -8.50 -25.13 -10.59
C GLN A 285 -7.89 -26.44 -11.06
N LEU A 286 -7.22 -26.37 -12.20
CA LEU A 286 -6.65 -27.55 -12.80
C LEU A 286 -5.53 -28.07 -11.92
N GLN A 287 -4.68 -27.17 -11.44
CA GLN A 287 -3.59 -27.53 -10.52
C GLN A 287 -4.14 -28.26 -9.29
N GLN A 288 -5.24 -27.74 -8.76
CA GLN A 288 -5.88 -28.36 -7.59
C GLN A 288 -6.28 -29.81 -7.78
N ILE A 289 -6.97 -30.11 -8.89
CA ILE A 289 -7.46 -31.49 -9.17
C ILE A 289 -6.31 -32.45 -9.52
N VAL A 290 -5.27 -31.92 -10.16
CA VAL A 290 -4.02 -32.66 -10.36
C VAL A 290 -3.46 -33.05 -9.01
N ASP A 291 -3.31 -32.06 -8.12
CA ASP A 291 -2.80 -32.27 -6.75
C ASP A 291 -3.55 -33.37 -5.98
N LYS A 292 -4.88 -33.24 -5.90
CA LYS A 292 -5.70 -34.20 -5.18
C LYS A 292 -5.63 -35.59 -5.79
N THR A 293 -5.57 -35.65 -7.12
CA THR A 293 -5.53 -36.92 -7.82
C THR A 293 -4.30 -37.67 -7.42
N ILE A 294 -3.16 -36.99 -7.51
CA ILE A 294 -1.89 -37.53 -7.06
C ILE A 294 -1.90 -37.95 -5.58
N ILE A 295 -2.31 -37.05 -4.70
CA ILE A 295 -2.30 -37.35 -3.25
C ILE A 295 -2.95 -38.70 -3.01
N ASN A 296 -4.10 -38.91 -3.64
CA ASN A 296 -4.81 -40.19 -3.52
C ASN A 296 -4.10 -41.34 -4.17
N ALA A 297 -3.46 -41.07 -5.29
CA ALA A 297 -2.99 -42.15 -6.16
C ALA A 297 -1.61 -42.62 -5.76
N ASP A 298 -0.81 -41.69 -5.22
CA ASP A 298 0.56 -41.93 -4.81
C ASP A 298 0.63 -42.68 -3.50
N LYS A 299 0.98 -43.95 -3.57
CA LYS A 299 0.91 -44.83 -2.41
C LYS A 299 2.27 -44.98 -1.71
N ASP A 300 3.35 -44.52 -2.34
CA ASP A 300 4.73 -44.56 -1.77
C ASP A 300 5.37 -43.23 -1.28
N GLY A 301 4.80 -42.07 -1.63
CA GLY A 301 5.20 -40.77 -1.06
C GLY A 301 6.16 -39.92 -1.87
N ASP A 302 6.75 -40.49 -2.91
CA ASP A 302 7.72 -39.77 -3.79
C ASP A 302 7.17 -38.52 -4.51
N GLY A 303 5.85 -38.43 -4.62
CA GLY A 303 5.17 -37.32 -5.31
C GLY A 303 4.96 -37.53 -6.80
N ARG A 304 5.14 -38.76 -7.28
CA ARG A 304 4.94 -39.07 -8.70
C ARG A 304 4.16 -40.36 -8.83
N ILE A 305 3.62 -40.57 -10.03
CA ILE A 305 2.73 -41.70 -10.29
C ILE A 305 3.45 -42.76 -11.10
N SER A 306 3.63 -43.94 -10.50
CA SER A 306 4.27 -45.08 -11.17
C SER A 306 3.27 -45.75 -12.10
N PHE A 307 3.74 -46.66 -12.95
CA PHE A 307 2.80 -47.43 -13.78
C PHE A 307 1.84 -48.21 -12.89
N GLU A 308 2.36 -48.74 -11.81
CA GLU A 308 1.54 -49.53 -10.89
C GLU A 308 0.42 -48.71 -10.19
N GLU A 309 0.82 -47.60 -9.56
CA GLU A 309 -0.12 -46.69 -8.91
C GLU A 309 -1.22 -46.28 -9.91
N PHE A 310 -0.79 -45.86 -11.10
CA PHE A 310 -1.68 -45.57 -12.24
C PHE A 310 -2.73 -46.64 -12.48
N CYS A 311 -2.27 -47.88 -12.60
CA CYS A 311 -3.16 -49.02 -12.93
C CYS A 311 -4.13 -49.26 -11.80
N ALA A 312 -3.70 -48.97 -10.57
CA ALA A 312 -4.57 -49.04 -9.41
C ALA A 312 -5.73 -48.03 -9.48
N VAL A 313 -5.46 -46.87 -10.05
CA VAL A 313 -6.42 -45.78 -10.03
C VAL A 313 -7.40 -45.87 -11.18
N VAL A 314 -6.88 -46.13 -12.36
CA VAL A 314 -7.75 -46.19 -13.52
C VAL A 314 -8.69 -47.40 -13.42
N GLY A 315 -8.22 -48.48 -12.80
CA GLY A 315 -8.93 -49.75 -12.63
C GLY A 315 -9.95 -49.82 -11.49
N GLY A 316 -11.24 -49.64 -11.81
CA GLY A 316 -12.31 -49.72 -10.79
C GLY A 316 -13.57 -48.94 -11.09
N ASP A 348 10.13 -26.23 -9.43
CA ASP A 348 10.74 -27.35 -10.15
C ASP A 348 9.71 -28.51 -10.24
N ARG A 349 9.20 -28.77 -11.47
CA ARG A 349 8.40 -29.99 -11.85
C ARG A 349 6.91 -29.89 -11.53
N VAL A 350 6.50 -28.76 -10.94
CA VAL A 350 5.15 -28.40 -10.44
C VAL A 350 4.80 -26.94 -10.81
N VAL A 351 3.52 -26.67 -11.05
CA VAL A 351 3.01 -25.29 -11.29
C VAL A 351 2.30 -24.58 -10.07
N LYS A 352 3.11 -23.92 -9.26
CA LYS A 352 2.71 -23.31 -7.99
C LYS A 352 2.44 -21.85 -8.37
N ALA A 353 2.07 -20.90 -7.49
CA ALA A 353 1.77 -21.04 -6.06
C ALA A 353 0.27 -21.04 -5.66
N VAL A 354 -0.38 -22.16 -5.98
CA VAL A 354 -1.63 -22.63 -5.32
C VAL A 354 -1.27 -23.54 -4.14
N PRO A 355 -1.90 -23.30 -2.96
CA PRO A 355 -1.56 -24.12 -1.80
C PRO A 355 -1.77 -25.60 -2.03
N PHE A 356 -0.81 -26.40 -1.60
CA PHE A 356 -0.86 -27.84 -1.72
C PHE A 356 -1.53 -28.36 -0.42
N PRO A 357 -2.47 -29.33 -0.52
CA PRO A 357 -3.09 -29.89 0.70
C PRO A 357 -2.12 -30.68 1.61
N PRO A 358 -2.06 -30.32 2.94
CA PRO A 358 -1.15 -30.92 3.94
C PRO A 358 -1.23 -32.42 4.06
N SER A 359 -0.07 -33.08 4.14
CA SER A 359 -0.03 -34.54 4.34
C SER A 359 -0.32 -34.98 5.78
N HIS A 360 -0.01 -34.11 6.74
CA HIS A 360 -0.15 -34.47 8.16
C HIS A 360 -1.61 -34.55 8.63
N ARG A 361 -1.94 -35.68 9.22
CA ARG A 361 -3.27 -35.90 9.78
C ARG A 361 -3.26 -35.54 11.27
N LEU A 362 -4.10 -34.59 11.67
CA LEU A 362 -4.11 -34.17 13.08
C LEU A 362 -4.42 -35.28 14.05
N THR A 363 -3.67 -35.30 15.15
CA THR A 363 -3.78 -36.35 16.17
C THR A 363 -4.65 -35.89 17.30
N ALA A 364 -4.98 -36.81 18.20
CA ALA A 364 -5.88 -36.51 19.32
C ALA A 364 -5.33 -35.40 20.24
N LYS A 365 -4.01 -35.28 20.32
CA LYS A 365 -3.35 -34.28 21.19
C LYS A 365 -3.40 -32.88 20.62
N GLU A 366 -3.34 -32.82 19.30
CA GLU A 366 -3.37 -31.56 18.57
C GLU A 366 -4.80 -30.96 18.51
N VAL A 367 -5.81 -31.82 18.60
CA VAL A 367 -7.21 -31.43 18.38
C VAL A 367 -7.92 -31.29 19.71
N PHE A 368 -7.58 -32.14 20.66
CA PHE A 368 -8.22 -32.11 21.95
C PHE A 368 -7.26 -31.59 23.01
N ASP A 369 -7.78 -30.75 23.90
CA ASP A 369 -7.01 -30.31 25.04
C ASP A 369 -7.32 -31.25 26.20
N ASN A 370 -6.52 -31.18 27.26
CA ASN A 370 -6.59 -32.19 28.34
C ASN A 370 -7.97 -32.37 28.96
N ASP A 371 -8.75 -31.31 29.00
CA ASP A 371 -10.09 -31.31 29.58
C ASP A 371 -11.12 -32.04 28.70
N GLY A 372 -10.71 -32.52 27.53
CA GLY A 372 -11.58 -33.24 26.59
C GLY A 372 -12.11 -32.42 25.39
N LYS A 373 -12.18 -31.10 25.55
CA LYS A 373 -12.80 -30.23 24.58
C LYS A 373 -11.90 -30.02 23.34
N PRO A 374 -12.48 -29.82 22.15
CA PRO A 374 -11.70 -29.69 20.92
C PRO A 374 -11.30 -28.26 20.61
N ARG A 375 -10.22 -28.14 19.85
CA ARG A 375 -9.60 -26.87 19.55
C ARG A 375 -10.07 -26.35 18.21
N VAL A 376 -11.24 -25.76 18.23
CA VAL A 376 -11.84 -25.16 17.05
C VAL A 376 -10.86 -24.22 16.27
N ASP A 377 -10.11 -23.41 17.02
CA ASP A 377 -8.94 -22.69 16.53
C ASP A 377 -8.24 -23.52 15.46
N ILE A 378 -7.72 -24.66 15.89
CA ILE A 378 -6.79 -25.50 15.14
C ILE A 378 -7.49 -26.28 14.05
N LEU A 379 -8.62 -26.86 14.43
CA LEU A 379 -9.52 -27.59 13.52
C LEU A 379 -9.78 -26.81 12.22
N LYS A 380 -10.29 -25.61 12.40
CA LYS A 380 -10.60 -24.73 11.29
C LYS A 380 -9.38 -24.52 10.42
N ALA A 381 -8.26 -24.17 11.05
CA ALA A 381 -7.01 -23.89 10.32
C ALA A 381 -6.65 -25.00 9.35
N HIS A 382 -6.71 -26.23 9.86
CA HIS A 382 -6.38 -27.41 9.10
C HIS A 382 -7.39 -27.69 7.97
N LEU A 383 -8.67 -27.73 8.34
CA LEU A 383 -9.72 -28.07 7.40
C LEU A 383 -9.81 -27.10 6.24
N MET A 384 -9.55 -25.82 6.52
CA MET A 384 -9.56 -24.80 5.48
C MET A 384 -8.40 -25.00 4.52
N LYS A 385 -7.31 -25.57 5.02
CA LYS A 385 -6.14 -25.96 4.20
C LYS A 385 -6.38 -27.24 3.40
N GLU A 386 -7.60 -27.76 3.49
CA GLU A 386 -7.96 -29.07 2.95
C GLU A 386 -7.32 -30.24 3.68
N GLY A 387 -6.77 -29.98 4.86
CA GLY A 387 -6.17 -31.03 5.70
C GLY A 387 -7.20 -32.01 6.20
N ARG A 388 -6.76 -33.19 6.61
CA ARG A 388 -7.67 -34.19 7.18
C ARG A 388 -7.22 -34.55 8.58
N LEU A 389 -8.15 -35.08 9.36
CA LEU A 389 -7.86 -35.55 10.70
C LEU A 389 -7.45 -36.99 10.59
N GLU A 390 -7.28 -37.65 11.72
CA GLU A 390 -7.07 -39.09 11.71
C GLU A 390 -8.40 -39.82 11.85
N GLU A 391 -8.47 -40.99 11.24
CA GLU A 391 -9.65 -41.81 11.23
C GLU A 391 -10.15 -41.99 12.69
N SER A 392 -9.21 -42.05 13.64
CA SER A 392 -9.53 -42.11 15.10
C SER A 392 -10.11 -40.77 15.67
N VAL A 393 -9.45 -39.65 15.36
CA VAL A 393 -9.86 -38.33 15.83
C VAL A 393 -11.26 -37.93 15.32
N ALA A 394 -11.47 -38.12 14.01
CA ALA A 394 -12.78 -37.93 13.37
C ALA A 394 -13.88 -38.76 14.03
N LEU A 395 -13.61 -40.05 14.20
CA LEU A 395 -14.61 -40.96 14.81
C LEU A 395 -14.97 -40.51 16.21
N ARG A 396 -13.98 -40.01 16.93
CA ARG A 396 -14.19 -39.52 18.29
C ARG A 396 -15.09 -38.32 18.25
N ILE A 397 -14.77 -37.38 17.38
CA ILE A 397 -15.60 -36.17 17.24
C ILE A 397 -17.05 -36.56 16.91
N ILE A 398 -17.22 -37.46 15.97
CA ILE A 398 -18.56 -37.78 15.49
C ILE A 398 -19.39 -38.38 16.64
N THR A 399 -18.79 -39.35 17.31
CA THR A 399 -19.48 -40.12 18.33
C THR A 399 -19.64 -39.34 19.62
N GLU A 400 -18.64 -38.52 19.94
CA GLU A 400 -18.69 -37.70 21.15
C GLU A 400 -19.81 -36.66 21.02
N GLY A 401 -20.04 -36.18 19.81
CA GLY A 401 -21.14 -35.24 19.53
C GLY A 401 -22.51 -35.88 19.48
N ALA A 402 -22.60 -36.99 18.75
CA ALA A 402 -23.84 -37.81 18.70
C ALA A 402 -24.35 -38.15 20.08
N SER A 403 -23.45 -38.49 20.99
CA SER A 403 -23.81 -38.85 22.38
C SER A 403 -24.43 -37.66 23.11
N ILE A 404 -24.03 -36.45 22.74
CA ILE A 404 -24.70 -35.26 23.25
C ILE A 404 -26.09 -35.10 22.65
N LEU A 405 -26.19 -35.37 21.36
CA LEU A 405 -27.47 -35.22 20.66
C LEU A 405 -28.49 -36.18 21.23
N ARG A 406 -28.05 -37.43 21.38
CA ARG A 406 -28.88 -38.55 21.82
C ARG A 406 -29.65 -38.18 23.06
N GLN A 407 -29.11 -37.28 23.84
CA GLN A 407 -29.78 -36.85 25.09
C GLN A 407 -30.68 -35.63 25.01
N GLU A 408 -30.57 -34.86 23.94
CA GLU A 408 -31.48 -33.72 23.79
C GLU A 408 -32.86 -34.22 23.38
N LYS A 409 -33.91 -33.51 23.81
CA LYS A 409 -35.30 -33.89 23.45
C LYS A 409 -35.63 -33.69 21.95
N ASN A 410 -36.72 -34.31 21.51
CA ASN A 410 -37.20 -34.21 20.13
C ASN A 410 -37.45 -32.79 19.70
N LEU A 411 -38.08 -32.05 20.60
CA LEU A 411 -38.36 -30.65 20.35
C LEU A 411 -37.52 -29.86 21.35
N LEU A 412 -36.58 -29.08 20.85
CA LEU A 412 -35.74 -28.30 21.75
C LEU A 412 -36.53 -27.12 22.29
N ASP A 413 -36.06 -26.56 23.39
CA ASP A 413 -36.51 -25.25 23.89
C ASP A 413 -35.30 -24.34 23.73
N ILE A 414 -35.39 -23.31 22.92
CA ILE A 414 -34.25 -22.40 22.74
C ILE A 414 -34.70 -20.96 22.98
N ASP A 415 -33.84 -20.18 23.61
CA ASP A 415 -34.22 -18.81 23.95
C ASP A 415 -33.55 -17.77 23.09
N ALA A 416 -34.18 -16.62 22.97
CA ALA A 416 -33.59 -15.49 22.26
C ALA A 416 -32.62 -14.75 23.20
N PRO A 417 -31.55 -14.13 22.67
CA PRO A 417 -31.22 -14.01 21.25
C PRO A 417 -30.63 -15.30 20.65
N VAL A 418 -30.83 -15.45 19.34
CA VAL A 418 -30.32 -16.58 18.62
C VAL A 418 -30.16 -16.26 17.14
N THR A 419 -29.14 -16.87 16.54
CA THR A 419 -28.92 -16.81 15.07
C THR A 419 -29.44 -18.12 14.46
N VAL A 420 -30.45 -18.04 13.58
CA VAL A 420 -31.03 -19.24 12.96
C VAL A 420 -30.51 -19.40 11.54
N CYS A 421 -30.16 -20.63 11.16
CA CYS A 421 -29.52 -20.86 9.86
C CYS A 421 -30.25 -21.92 9.11
N GLY A 422 -30.21 -21.80 7.78
CA GLY A 422 -30.84 -22.75 6.90
C GLY A 422 -29.83 -23.75 6.37
N ASP A 423 -30.07 -24.19 5.15
CA ASP A 423 -29.29 -25.29 4.58
C ASP A 423 -27.88 -24.82 4.31
N ILE A 424 -26.93 -25.74 4.42
CA ILE A 424 -25.50 -25.47 4.28
C ILE A 424 -24.96 -26.23 3.08
N HIS A 425 -25.29 -27.52 3.02
CA HIS A 425 -25.00 -28.34 1.86
C HIS A 425 -23.52 -28.32 1.49
N GLY A 426 -22.69 -28.62 2.49
CA GLY A 426 -21.27 -28.95 2.28
C GLY A 426 -20.44 -27.81 1.76
N GLN A 427 -20.97 -26.60 1.80
CA GLN A 427 -20.23 -25.42 1.41
C GLN A 427 -19.43 -24.89 2.62
N PHE A 428 -18.43 -25.65 3.03
CA PHE A 428 -17.67 -25.35 4.27
C PHE A 428 -17.08 -23.95 4.32
N PHE A 429 -16.61 -23.49 3.20
CA PHE A 429 -15.96 -22.19 3.12
C PHE A 429 -16.97 -21.04 3.31
N ASP A 430 -18.22 -21.28 3.00
CA ASP A 430 -19.28 -20.30 3.21
C ASP A 430 -19.76 -20.37 4.66
N LEU A 431 -19.60 -21.53 5.28
CA LEU A 431 -19.87 -21.71 6.71
C LEU A 431 -18.97 -20.82 7.55
N MET A 432 -17.74 -20.64 7.09
CA MET A 432 -16.79 -19.82 7.81
C MET A 432 -17.33 -18.39 7.78
N LYS A 433 -17.73 -17.94 6.60
CA LYS A 433 -18.33 -16.63 6.47
C LYS A 433 -19.58 -16.55 7.35
N LEU A 434 -20.42 -17.58 7.27
CA LEU A 434 -21.67 -17.61 8.03
C LEU A 434 -21.44 -17.25 9.50
N PHE A 435 -20.44 -17.88 10.12
CA PHE A 435 -20.07 -17.61 11.53
C PHE A 435 -19.55 -16.21 11.77
N GLU A 436 -18.83 -15.68 10.79
CA GLU A 436 -18.32 -14.31 10.85
C GLU A 436 -19.47 -13.29 10.84
N VAL A 437 -20.47 -13.58 10.04
CA VAL A 437 -21.65 -12.76 9.88
C VAL A 437 -22.66 -12.89 11.01
N GLY A 438 -22.87 -14.11 11.47
CA GLY A 438 -23.88 -14.38 12.51
C GLY A 438 -23.38 -14.26 13.96
N GLY A 439 -22.08 -13.99 14.14
CA GLY A 439 -21.48 -13.86 15.46
C GLY A 439 -20.75 -15.10 15.91
N SER A 440 -19.69 -14.90 16.70
CA SER A 440 -18.85 -16.04 17.18
C SER A 440 -19.68 -17.00 18.03
N PRO A 441 -19.49 -18.30 17.83
CA PRO A 441 -20.23 -19.32 18.59
C PRO A 441 -19.97 -19.25 20.10
N ALA A 442 -18.82 -18.67 20.45
CA ALA A 442 -18.40 -18.45 21.83
C ALA A 442 -19.16 -17.37 22.61
N ASN A 443 -19.80 -16.47 21.89
CA ASN A 443 -20.56 -15.38 22.46
C ASN A 443 -22.00 -15.36 21.93
N THR A 444 -22.36 -16.32 21.07
CA THR A 444 -23.65 -16.30 20.38
C THR A 444 -24.34 -17.65 20.36
N ARG A 445 -25.67 -17.61 20.38
CA ARG A 445 -26.45 -18.85 20.28
C ARG A 445 -26.79 -19.20 18.86
N TYR A 446 -26.58 -20.46 18.51
CA TYR A 446 -26.86 -20.97 17.17
C TYR A 446 -27.91 -22.04 17.10
N LEU A 447 -28.71 -21.99 16.03
CA LEU A 447 -29.69 -23.04 15.70
C LEU A 447 -29.59 -23.24 14.22
N PHE A 448 -29.16 -24.43 13.84
CA PHE A 448 -29.11 -24.82 12.43
C PHE A 448 -30.29 -25.70 12.16
N LEU A 449 -30.99 -25.45 11.05
CA LEU A 449 -32.22 -26.18 10.72
C LEU A 449 -31.99 -27.35 9.79
N GLY A 450 -30.75 -27.79 9.62
CA GLY A 450 -30.47 -29.03 8.87
C GLY A 450 -29.76 -28.86 7.54
N ASP A 451 -29.71 -29.98 6.85
CA ASP A 451 -29.03 -30.16 5.56
C ASP A 451 -27.59 -29.69 5.58
N TYR A 452 -26.75 -30.41 6.30
CA TYR A 452 -25.35 -30.09 6.44
C TYR A 452 -24.53 -30.69 5.33
N VAL A 453 -25.09 -31.64 4.66
CA VAL A 453 -24.27 -32.45 3.80
C VAL A 453 -24.96 -32.60 2.46
N ASP A 454 -24.17 -33.09 1.52
CA ASP A 454 -24.65 -33.63 0.26
C ASP A 454 -24.48 -32.96 -1.04
N ARG A 455 -24.67 -31.67 -1.14
CA ARG A 455 -24.64 -31.16 -2.49
C ARG A 455 -23.37 -30.46 -2.81
N GLY A 456 -22.50 -30.43 -1.84
CA GLY A 456 -21.31 -29.63 -1.90
C GLY A 456 -20.20 -30.53 -1.49
N TYR A 457 -18.99 -30.21 -1.91
CA TYR A 457 -17.92 -31.19 -1.84
C TYR A 457 -17.16 -31.18 -0.52
N PHE A 458 -17.68 -30.47 0.47
CA PHE A 458 -16.99 -30.36 1.76
C PHE A 458 -17.82 -30.77 2.95
N SER A 459 -18.73 -31.70 2.73
CA SER A 459 -19.72 -32.05 3.73
C SER A 459 -19.07 -32.55 5.01
N ILE A 460 -18.08 -33.41 4.87
CA ILE A 460 -17.45 -34.06 6.03
C ILE A 460 -16.77 -33.01 6.91
N GLU A 461 -16.20 -31.97 6.27
CA GLU A 461 -15.60 -30.88 7.01
C GLU A 461 -16.68 -30.15 7.78
N CYS A 462 -17.81 -29.85 7.13
CA CYS A 462 -18.93 -29.13 7.79
C CYS A 462 -19.38 -29.89 8.99
N VAL A 463 -19.38 -31.20 8.85
CA VAL A 463 -19.87 -32.10 9.88
C VAL A 463 -18.89 -32.17 11.07
N LEU A 464 -17.65 -32.48 10.77
CA LEU A 464 -16.60 -32.50 11.80
C LEU A 464 -16.58 -31.22 12.61
N TYR A 465 -16.60 -30.10 11.90
CA TYR A 465 -16.56 -28.79 12.53
C TYR A 465 -17.77 -28.52 13.41
N LEU A 466 -18.97 -28.71 12.88
CA LEU A 466 -20.19 -28.36 13.61
C LEU A 466 -20.33 -29.34 14.76
N TRP A 467 -19.97 -30.59 14.52
CA TRP A 467 -20.00 -31.57 15.59
C TRP A 467 -18.98 -31.21 16.68
N ALA A 468 -17.83 -30.70 16.26
CA ALA A 468 -16.82 -30.26 17.22
C ALA A 468 -17.38 -29.08 18.01
N LEU A 469 -17.92 -28.12 17.32
CA LEU A 469 -18.56 -27.02 18.04
C LEU A 469 -19.64 -27.46 19.01
N LYS A 470 -20.30 -28.57 18.71
CA LYS A 470 -21.46 -28.97 19.49
C LYS A 470 -20.98 -29.46 20.84
N ILE A 471 -19.84 -30.11 20.80
CA ILE A 471 -19.21 -30.65 22.02
C ILE A 471 -18.75 -29.50 22.94
N LEU A 472 -18.19 -28.49 22.27
CA LEU A 472 -17.64 -27.31 22.89
C LEU A 472 -18.66 -26.38 23.51
N TYR A 473 -19.81 -26.23 22.83
CA TYR A 473 -20.90 -25.35 23.27
C TYR A 473 -22.24 -26.09 23.33
N PRO A 474 -22.26 -27.22 24.03
CA PRO A 474 -23.47 -28.03 24.15
C PRO A 474 -24.77 -27.28 24.38
N LYS A 475 -24.75 -26.25 25.21
CA LYS A 475 -25.97 -25.59 25.61
C LYS A 475 -26.32 -24.35 24.77
N THR A 476 -25.39 -23.93 23.91
CA THR A 476 -25.61 -22.71 23.10
C THR A 476 -25.65 -22.94 21.59
N LEU A 477 -25.18 -24.10 21.14
CA LEU A 477 -25.22 -24.45 19.71
C LEU A 477 -26.06 -25.71 19.43
N PHE A 478 -27.04 -25.53 18.56
CA PHE A 478 -28.04 -26.52 18.32
C PHE A 478 -28.15 -26.90 16.85
N LEU A 479 -28.24 -28.21 16.61
CA LEU A 479 -28.40 -28.77 15.27
C LEU A 479 -29.71 -29.51 15.18
N LEU A 480 -30.51 -29.20 14.17
CA LEU A 480 -31.66 -30.06 13.80
C LEU A 480 -31.28 -31.01 12.73
N ARG A 481 -32.23 -31.87 12.42
CA ARG A 481 -32.10 -32.81 11.34
C ARG A 481 -32.83 -32.27 10.14
N GLY A 482 -32.17 -32.41 8.99
CA GLY A 482 -32.75 -32.07 7.70
C GLY A 482 -32.91 -33.31 6.88
N ASN A 483 -33.66 -33.23 5.80
CA ASN A 483 -34.01 -34.45 5.02
C ASN A 483 -32.78 -35.21 4.52
N HIS A 484 -31.70 -34.45 4.31
CA HIS A 484 -30.45 -34.97 3.74
C HIS A 484 -29.60 -35.76 4.73
N GLU A 485 -29.98 -35.70 6.01
CA GLU A 485 -29.22 -36.37 7.06
C GLU A 485 -29.70 -37.79 7.29
N CYS A 486 -29.61 -38.59 6.24
CA CYS A 486 -30.10 -39.95 6.29
C CYS A 486 -29.25 -40.82 5.39
N ARG A 487 -29.47 -42.13 5.50
CA ARG A 487 -28.66 -43.10 4.74
C ARG A 487 -29.08 -43.13 3.30
N HIS A 488 -30.35 -42.80 3.06
CA HIS A 488 -30.96 -42.98 1.75
C HIS A 488 -30.50 -41.93 0.74
N LEU A 489 -30.49 -40.67 1.16
CA LEU A 489 -30.03 -39.57 0.31
C LEU A 489 -28.50 -39.47 0.16
N THR A 490 -27.78 -39.80 1.23
CA THR A 490 -26.30 -39.75 1.23
C THR A 490 -25.65 -40.88 0.37
N GLU A 491 -26.39 -41.99 0.23
CA GLU A 491 -26.05 -43.04 -0.73
C GLU A 491 -26.30 -42.51 -2.14
N TYR A 492 -27.42 -41.83 -2.34
CA TYR A 492 -27.78 -41.41 -3.68
C TYR A 492 -26.87 -40.31 -4.19
N PHE A 493 -26.66 -39.30 -3.36
CA PHE A 493 -25.72 -38.23 -3.69
C PHE A 493 -24.31 -38.59 -3.19
N THR A 494 -23.46 -37.59 -3.12
CA THR A 494 -22.05 -37.82 -3.02
C THR A 494 -21.44 -37.87 -1.63
N PHE A 495 -22.24 -37.83 -0.57
CA PHE A 495 -21.66 -37.82 0.80
C PHE A 495 -20.93 -39.13 1.17
N LYS A 496 -21.61 -40.25 1.00
CA LYS A 496 -20.99 -41.55 1.20
C LYS A 496 -19.68 -41.58 0.43
N GLN A 497 -19.74 -41.10 -0.79
CA GLN A 497 -18.56 -41.09 -1.64
C GLN A 497 -17.43 -40.24 -1.05
N GLU A 498 -17.78 -39.07 -0.49
CA GLU A 498 -16.80 -38.18 0.15
C GLU A 498 -16.08 -38.88 1.32
N CYS A 499 -16.86 -39.54 2.16
CA CYS A 499 -16.32 -40.26 3.30
C CYS A 499 -15.36 -41.36 2.93
N LYS A 500 -15.56 -42.01 1.79
CA LYS A 500 -14.65 -43.08 1.34
C LYS A 500 -13.34 -42.46 0.83
N ILE A 501 -13.47 -41.43 -0.01
CA ILE A 501 -12.31 -40.75 -0.59
C ILE A 501 -11.42 -40.18 0.52
N LYS A 502 -12.04 -39.50 1.47
CA LYS A 502 -11.32 -38.97 2.59
C LYS A 502 -11.66 -39.91 3.71
N TYR A 503 -10.72 -40.24 4.57
CA TYR A 503 -11.07 -41.13 5.67
C TYR A 503 -11.49 -42.54 5.15
N SER A 504 -12.55 -43.10 5.74
CA SER A 504 -12.96 -44.49 5.54
C SER A 504 -14.47 -44.60 5.47
N GLU A 505 -15.00 -45.77 5.15
CA GLU A 505 -16.45 -45.98 5.23
C GLU A 505 -16.98 -46.08 6.68
N ARG A 506 -16.08 -46.25 7.65
CA ARG A 506 -16.50 -46.26 9.06
C ARG A 506 -16.94 -44.89 9.53
N VAL A 507 -16.30 -43.88 8.98
CA VAL A 507 -16.62 -42.51 9.29
C VAL A 507 -18.03 -42.20 8.78
N TYR A 508 -18.31 -42.63 7.55
CA TYR A 508 -19.66 -42.55 6.98
C TYR A 508 -20.67 -43.20 7.93
N ASP A 509 -20.45 -44.48 8.23
CA ASP A 509 -21.33 -45.24 9.11
C ASP A 509 -21.51 -44.55 10.43
N ALA A 510 -20.43 -43.99 10.96
CA ALA A 510 -20.47 -43.21 12.23
C ALA A 510 -21.37 -41.96 12.13
N CYS A 511 -21.20 -41.17 11.05
CA CYS A 511 -22.08 -40.02 10.76
C CYS A 511 -23.56 -40.41 10.62
N MET A 512 -23.81 -41.56 10.02
CA MET A 512 -25.18 -42.02 9.84
C MET A 512 -25.84 -42.22 11.21
N ASP A 513 -25.12 -42.85 12.13
CA ASP A 513 -25.64 -43.13 13.48
C ASP A 513 -25.80 -41.82 14.27
N ALA A 514 -24.88 -40.91 14.02
CA ALA A 514 -24.91 -39.58 14.63
C ALA A 514 -26.13 -38.84 14.17
N PHE A 515 -26.36 -38.89 12.87
CA PHE A 515 -27.48 -38.19 12.27
C PHE A 515 -28.80 -38.67 12.82
N ASP A 516 -28.89 -39.97 13.11
CA ASP A 516 -30.07 -40.53 13.73
C ASP A 516 -30.45 -39.81 15.04
N CYS A 517 -29.44 -39.36 15.78
CA CYS A 517 -29.64 -38.63 17.05
C CYS A 517 -30.05 -37.17 16.92
N LEU A 518 -29.82 -36.59 15.77
CA LEU A 518 -30.29 -35.23 15.55
C LEU A 518 -31.78 -35.07 15.95
N PRO A 519 -32.09 -34.03 16.75
CA PRO A 519 -33.47 -33.61 17.03
C PRO A 519 -34.20 -33.13 15.81
N LEU A 520 -35.53 -33.16 15.88
CA LEU A 520 -36.36 -32.88 14.75
C LEU A 520 -36.79 -31.44 14.65
N ALA A 521 -36.79 -30.74 15.76
CA ALA A 521 -37.42 -29.45 15.80
C ALA A 521 -37.01 -28.58 16.96
N ALA A 522 -37.47 -27.33 16.91
CA ALA A 522 -37.15 -26.37 17.97
C ALA A 522 -38.28 -25.38 18.22
N LEU A 523 -38.62 -25.22 19.48
CA LEU A 523 -39.48 -24.14 19.89
C LEU A 523 -38.54 -23.04 20.36
N MET A 524 -38.53 -21.95 19.62
CA MET A 524 -37.63 -20.84 19.86
C MET A 524 -38.37 -19.65 20.49
N ASN A 525 -37.89 -19.24 21.66
CA ASN A 525 -38.45 -18.12 22.47
C ASN A 525 -39.93 -18.16 22.68
N GLN A 526 -40.47 -19.38 22.67
CA GLN A 526 -41.90 -19.60 22.86
C GLN A 526 -42.79 -18.87 21.85
N GLN A 527 -42.25 -18.62 20.68
CA GLN A 527 -42.96 -17.91 19.65
C GLN A 527 -42.91 -18.64 18.31
N PHE A 528 -41.75 -19.21 18.01
CA PHE A 528 -41.50 -19.81 16.73
C PHE A 528 -41.22 -21.32 16.82
N LEU A 529 -41.93 -22.04 15.97
CA LEU A 529 -41.63 -23.43 15.76
C LEU A 529 -40.59 -23.45 14.67
N CYS A 530 -39.51 -24.17 14.92
CA CYS A 530 -38.42 -24.20 13.98
C CYS A 530 -38.27 -25.61 13.51
N VAL A 531 -38.47 -25.78 12.22
CA VAL A 531 -38.44 -27.09 11.61
C VAL A 531 -37.66 -26.99 10.28
N HIS A 532 -37.05 -28.09 9.86
CA HIS A 532 -36.36 -28.11 8.59
C HIS A 532 -37.33 -27.91 7.44
N GLY A 533 -38.33 -28.80 7.36
CA GLY A 533 -39.35 -28.78 6.29
C GLY A 533 -40.67 -28.07 6.61
N GLY A 534 -41.47 -28.66 7.49
CA GLY A 534 -42.67 -28.01 7.96
C GLY A 534 -43.64 -28.98 8.65
N LEU A 535 -44.92 -28.77 8.36
CA LEU A 535 -46.00 -29.42 9.11
C LEU A 535 -46.24 -30.86 8.66
N SER A 536 -47.15 -31.51 9.39
CA SER A 536 -47.67 -32.83 9.07
C SER A 536 -49.14 -32.80 9.42
N PRO A 537 -49.99 -33.49 8.64
CA PRO A 537 -51.42 -33.59 9.01
C PRO A 537 -51.61 -34.32 10.35
N GLU A 538 -50.64 -35.17 10.69
CA GLU A 538 -50.62 -35.95 11.94
C GLU A 538 -50.01 -35.22 13.15
N ILE A 539 -49.46 -34.02 12.94
CA ILE A 539 -48.89 -33.22 14.03
C ILE A 539 -49.70 -31.94 14.26
N ASN A 540 -50.59 -32.02 15.25
CA ASN A 540 -51.54 -30.95 15.53
C ASN A 540 -51.08 -30.05 16.64
N THR A 541 -50.39 -30.67 17.58
CA THR A 541 -49.83 -29.94 18.71
C THR A 541 -48.33 -30.19 18.82
N LEU A 542 -47.66 -29.31 19.54
CA LEU A 542 -46.24 -29.48 19.82
C LEU A 542 -45.94 -30.79 20.55
N ASP A 543 -46.89 -31.23 21.37
CA ASP A 543 -46.73 -32.50 22.10
C ASP A 543 -46.62 -33.70 21.16
N ASP A 544 -47.24 -33.61 19.99
CA ASP A 544 -47.14 -34.67 18.97
C ASP A 544 -45.69 -34.91 18.52
N ILE A 545 -44.90 -33.85 18.47
CA ILE A 545 -43.51 -33.94 18.03
C ILE A 545 -42.71 -34.79 19.05
N ARG A 546 -43.13 -34.69 20.31
CA ARG A 546 -42.43 -35.33 21.46
C ARG A 546 -42.65 -36.83 21.50
N LYS A 547 -43.82 -37.25 21.07
CA LYS A 547 -44.18 -38.66 21.11
C LYS A 547 -43.49 -39.51 20.06
N LEU A 548 -42.75 -38.87 19.15
CA LEU A 548 -42.16 -39.58 18.00
C LEU A 548 -40.88 -40.28 18.43
N ASP A 549 -40.65 -41.49 17.96
CA ASP A 549 -39.36 -42.18 18.12
C ASP A 549 -38.48 -41.69 16.98
N ARG A 550 -37.47 -40.88 17.29
CA ARG A 550 -36.62 -40.24 16.26
C ARG A 550 -35.34 -41.00 15.85
N PHE A 551 -35.01 -42.07 16.58
CA PHE A 551 -33.68 -42.73 16.44
C PHE A 551 -33.64 -43.86 15.41
N LYS A 552 -33.83 -43.47 14.16
CA LYS A 552 -33.93 -44.41 13.07
C LYS A 552 -33.69 -43.64 11.78
N GLU A 553 -33.53 -44.38 10.70
CA GLU A 553 -33.60 -43.83 9.35
C GLU A 553 -35.02 -43.29 9.14
N PRO A 554 -35.18 -42.05 8.59
CA PRO A 554 -36.50 -41.44 8.37
C PRO A 554 -37.40 -42.26 7.47
N PRO A 555 -38.61 -42.59 7.93
CA PRO A 555 -39.47 -43.40 7.11
C PRO A 555 -39.92 -42.61 5.89
N ALA A 556 -40.52 -43.31 4.93
CA ALA A 556 -40.95 -42.74 3.62
C ALA A 556 -42.27 -41.98 3.69
N TYR A 557 -42.91 -42.06 4.87
CA TYR A 557 -44.11 -41.32 5.18
C TYR A 557 -44.27 -41.28 6.70
N GLY A 558 -45.20 -40.48 7.19
CA GLY A 558 -45.43 -40.35 8.63
C GLY A 558 -44.94 -39.01 9.14
N PRO A 559 -45.26 -38.65 10.40
CA PRO A 559 -44.93 -37.33 10.95
C PRO A 559 -43.47 -36.98 10.87
N MET A 560 -42.62 -38.00 10.96
CA MET A 560 -41.21 -37.81 10.87
C MET A 560 -40.88 -37.22 9.50
N CYS A 561 -41.25 -37.97 8.47
CA CYS A 561 -41.01 -37.60 7.08
C CYS A 561 -41.50 -36.17 6.79
N ASP A 562 -42.73 -35.91 7.17
CA ASP A 562 -43.35 -34.64 6.88
C ASP A 562 -42.57 -33.50 7.48
N ILE A 563 -42.14 -33.66 8.73
CA ILE A 563 -41.39 -32.61 9.43
C ILE A 563 -40.20 -32.21 8.58
N LEU A 564 -39.60 -33.21 7.94
CA LEU A 564 -38.38 -33.00 7.16
C LEU A 564 -38.54 -32.68 5.67
N TRP A 565 -39.70 -32.99 5.08
CA TRP A 565 -39.90 -32.82 3.64
C TRP A 565 -41.04 -31.88 3.26
N SER A 566 -42.07 -31.77 4.10
CA SER A 566 -43.19 -30.87 3.74
C SER A 566 -42.62 -29.54 3.21
N ASP A 567 -43.23 -29.06 2.14
CA ASP A 567 -42.94 -27.75 1.55
C ASP A 567 -44.22 -26.95 1.58
N PRO A 568 -44.12 -25.62 1.48
CA PRO A 568 -45.40 -24.86 1.34
C PRO A 568 -45.91 -24.87 -0.09
N LEU A 569 -47.20 -24.60 -0.26
CA LEU A 569 -47.83 -24.52 -1.60
C LEU A 569 -47.06 -23.58 -2.48
N GLU A 570 -47.03 -23.86 -3.78
CA GLU A 570 -46.37 -22.97 -4.73
C GLU A 570 -47.02 -21.58 -4.70
N ASP A 571 -48.35 -21.53 -4.58
CA ASP A 571 -49.07 -20.27 -4.43
C ASP A 571 -49.66 -20.19 -3.04
N PHE A 572 -48.82 -20.48 -2.05
CA PHE A 572 -49.13 -20.31 -0.63
C PHE A 572 -49.58 -18.90 -0.33
N GLY A 573 -50.79 -18.76 0.22
CA GLY A 573 -51.38 -17.43 0.53
C GLY A 573 -52.37 -16.89 -0.50
N ASN A 574 -52.46 -17.52 -1.68
CA ASN A 574 -53.46 -17.18 -2.71
C ASN A 574 -54.28 -18.41 -3.06
N GLU A 575 -54.67 -19.21 -2.05
CA GLU A 575 -55.20 -20.54 -2.34
C GLU A 575 -56.67 -20.60 -2.78
N LYS A 576 -56.90 -21.39 -3.82
CA LYS A 576 -58.18 -21.48 -4.52
C LYS A 576 -58.52 -22.97 -4.68
N THR A 577 -59.25 -23.55 -3.72
CA THR A 577 -59.59 -25.03 -3.71
C THR A 577 -58.48 -26.04 -3.30
N GLN A 578 -57.38 -25.56 -2.75
CA GLN A 578 -56.36 -26.45 -2.23
C GLN A 578 -56.74 -26.70 -0.79
N GLU A 579 -56.61 -27.95 -0.37
CA GLU A 579 -56.95 -28.30 1.00
C GLU A 579 -55.69 -28.06 1.84
N HIS A 580 -55.83 -28.11 3.15
CA HIS A 580 -54.70 -27.91 4.09
C HIS A 580 -53.43 -28.64 3.63
N PHE A 581 -53.55 -29.95 3.42
CA PHE A 581 -52.40 -30.78 3.03
C PHE A 581 -52.70 -31.52 1.74
N THR A 582 -51.73 -31.51 0.81
CA THR A 582 -51.90 -32.08 -0.53
C THR A 582 -50.63 -32.77 -1.01
N HIS A 583 -50.76 -33.80 -1.83
CA HIS A 583 -49.57 -34.59 -2.23
C HIS A 583 -48.52 -33.73 -2.91
N ASN A 584 -47.32 -33.72 -2.34
CA ASN A 584 -46.23 -32.86 -2.81
C ASN A 584 -45.60 -33.48 -4.04
N THR A 585 -45.79 -32.86 -5.20
CA THR A 585 -45.30 -33.42 -6.47
C THR A 585 -43.87 -33.05 -6.85
N VAL A 586 -43.31 -32.06 -6.15
CA VAL A 586 -41.89 -31.66 -6.34
C VAL A 586 -40.94 -32.66 -5.68
N ARG A 587 -41.27 -33.03 -4.45
CA ARG A 587 -40.50 -34.01 -3.67
C ARG A 587 -40.84 -35.44 -4.01
N GLY A 588 -42.11 -35.70 -4.26
CA GLY A 588 -42.63 -37.06 -4.42
C GLY A 588 -42.84 -37.85 -3.15
N CYS A 589 -43.04 -37.14 -2.05
CA CYS A 589 -43.40 -37.72 -0.77
C CYS A 589 -43.88 -36.58 0.07
N SER A 590 -44.44 -36.90 1.22
CA SER A 590 -45.09 -35.95 2.13
C SER A 590 -45.92 -34.92 1.38
N TYR A 591 -46.34 -33.90 2.12
CA TYR A 591 -47.36 -32.93 1.68
C TYR A 591 -46.89 -31.51 1.32
N PHE A 592 -47.75 -30.81 0.60
CA PHE A 592 -47.72 -29.34 0.52
C PHE A 592 -48.66 -28.80 1.57
N TYR A 593 -48.23 -27.83 2.35
CA TYR A 593 -49.13 -27.20 3.29
C TYR A 593 -49.56 -25.82 2.82
N SER A 594 -50.76 -25.46 3.20
CA SER A 594 -51.35 -24.19 2.78
C SER A 594 -51.31 -23.15 3.92
N TYR A 595 -51.53 -21.89 3.56
CA TYR A 595 -51.63 -20.78 4.52
C TYR A 595 -52.68 -20.99 5.62
N PRO A 596 -53.91 -21.39 5.27
CA PRO A 596 -54.85 -21.80 6.32
C PRO A 596 -54.32 -22.92 7.24
N ALA A 597 -53.64 -23.91 6.67
CA ALA A 597 -53.08 -24.99 7.45
C ALA A 597 -52.11 -24.43 8.49
N VAL A 598 -51.25 -23.52 8.05
CA VAL A 598 -50.23 -22.97 8.93
C VAL A 598 -50.87 -22.09 9.98
N CYS A 599 -51.79 -21.24 9.53
CA CYS A 599 -52.51 -20.30 10.40
C CYS A 599 -53.26 -21.06 11.43
N ASP A 600 -53.81 -22.18 11.01
CA ASP A 600 -54.62 -23.00 11.91
C ASP A 600 -53.72 -23.50 13.02
N PHE A 601 -52.58 -24.05 12.65
CA PHE A 601 -51.59 -24.58 13.62
C PHE A 601 -50.97 -23.49 14.51
N LEU A 602 -50.73 -22.32 13.94
CA LEU A 602 -50.22 -21.23 14.70
C LEU A 602 -51.18 -20.83 15.80
N GLN A 603 -52.48 -20.94 15.57
CA GLN A 603 -53.47 -20.58 16.59
C GLN A 603 -53.61 -21.68 17.64
N HIS A 604 -53.78 -22.92 17.19
CA HIS A 604 -53.97 -24.04 18.11
C HIS A 604 -52.81 -24.21 19.11
N ASN A 605 -51.60 -23.85 18.72
CA ASN A 605 -50.44 -24.01 19.60
C ASN A 605 -49.86 -22.69 20.16
N ASN A 606 -50.60 -21.60 19.92
CA ASN A 606 -50.28 -20.29 20.44
C ASN A 606 -48.91 -19.74 19.99
N LEU A 607 -48.64 -19.86 18.69
CA LEU A 607 -47.35 -19.50 18.12
C LEU A 607 -47.47 -18.35 17.17
N LEU A 608 -46.35 -17.70 16.94
CA LEU A 608 -46.33 -16.50 16.11
C LEU A 608 -45.99 -16.80 14.64
N SER A 609 -45.06 -17.72 14.42
CA SER A 609 -44.59 -18.05 13.06
C SER A 609 -43.80 -19.38 12.99
N ILE A 610 -43.58 -19.82 11.77
CA ILE A 610 -42.77 -21.01 11.49
C ILE A 610 -41.51 -20.66 10.70
N LEU A 611 -40.37 -21.05 11.25
CA LEU A 611 -39.10 -20.90 10.58
C LEU A 611 -38.68 -22.22 10.06
N ARG A 612 -38.32 -22.24 8.79
CA ARG A 612 -37.95 -23.45 8.13
C ARG A 612 -36.93 -23.11 7.06
N ALA A 613 -36.44 -24.14 6.38
CA ALA A 613 -35.40 -23.99 5.38
C ALA A 613 -35.33 -25.25 4.58
N HIS A 614 -35.81 -25.26 3.38
CA HIS A 614 -35.78 -26.53 2.66
C HIS A 614 -35.66 -26.29 1.15
N GLU A 615 -36.02 -25.07 0.77
CA GLU A 615 -36.04 -24.61 -0.60
C GLU A 615 -35.02 -23.47 -0.79
N ALA A 616 -34.19 -23.59 -1.81
CA ALA A 616 -33.29 -22.51 -2.19
C ALA A 616 -34.04 -21.20 -2.44
N GLN A 617 -33.37 -20.08 -2.20
CA GLN A 617 -33.97 -18.73 -2.35
C GLN A 617 -32.99 -17.69 -2.91
N ASP A 618 -33.42 -16.98 -3.93
CA ASP A 618 -32.52 -16.05 -4.64
C ASP A 618 -31.92 -15.04 -3.68
N ALA A 619 -32.76 -14.50 -2.81
CA ALA A 619 -32.29 -13.51 -1.84
C ALA A 619 -31.73 -14.13 -0.52
N GLY A 620 -31.65 -15.45 -0.43
CA GLY A 620 -31.19 -16.10 0.81
C GLY A 620 -32.30 -16.39 1.82
N TYR A 621 -33.47 -15.80 1.61
CA TYR A 621 -34.62 -16.02 2.46
C TYR A 621 -35.90 -15.78 1.70
N ARG A 622 -37.02 -15.82 2.41
CA ARG A 622 -38.32 -15.54 1.83
C ARG A 622 -39.34 -15.48 2.92
N MET A 623 -40.10 -14.38 2.96
CA MET A 623 -41.20 -14.22 3.91
C MET A 623 -42.49 -14.49 3.18
N TYR A 624 -43.48 -14.96 3.89
CA TYR A 624 -44.72 -15.33 3.28
C TYR A 624 -45.82 -14.53 3.94
N ARG A 625 -47.04 -14.79 3.52
CA ARG A 625 -48.16 -13.93 3.86
C ARG A 625 -48.30 -13.75 5.36
N LYS A 626 -48.53 -12.48 5.73
CA LYS A 626 -48.68 -12.09 7.12
C LYS A 626 -49.96 -12.65 7.72
N SER A 627 -49.91 -13.00 8.98
CA SER A 627 -51.11 -13.45 9.67
C SER A 627 -52.09 -12.30 9.78
N GLN A 628 -53.39 -12.62 9.60
CA GLN A 628 -54.49 -11.63 9.65
C GLN A 628 -54.57 -10.86 10.98
N THR A 629 -54.19 -11.53 12.07
CA THR A 629 -54.23 -10.96 13.43
C THR A 629 -52.87 -10.40 13.94
N THR A 630 -51.78 -11.13 13.73
CA THR A 630 -50.47 -10.73 14.27
C THR A 630 -49.80 -9.64 13.45
N GLY A 631 -50.04 -9.64 12.15
CA GLY A 631 -49.36 -8.75 11.22
C GLY A 631 -47.92 -9.14 10.95
N PHE A 632 -47.55 -10.34 11.39
CA PHE A 632 -46.19 -10.87 11.21
C PHE A 632 -46.23 -12.11 10.31
N PRO A 633 -45.25 -12.25 9.41
CA PRO A 633 -45.20 -13.36 8.47
C PRO A 633 -45.45 -14.71 9.12
N SER A 634 -46.45 -15.40 8.57
CA SER A 634 -46.85 -16.70 9.07
C SER A 634 -45.77 -17.76 8.86
N LEU A 635 -44.90 -17.49 7.90
CA LEU A 635 -43.90 -18.47 7.47
C LEU A 635 -42.66 -17.75 6.94
N ILE A 636 -41.48 -18.28 7.29
CA ILE A 636 -40.25 -17.76 6.77
C ILE A 636 -39.38 -18.91 6.34
N THR A 637 -38.85 -18.82 5.13
CA THR A 637 -37.81 -19.75 4.69
C THR A 637 -36.47 -19.08 4.90
N ILE A 638 -35.49 -19.84 5.37
CA ILE A 638 -34.15 -19.36 5.52
C ILE A 638 -33.22 -20.29 4.77
N PHE A 639 -32.26 -19.74 4.02
CA PHE A 639 -31.32 -20.49 3.17
C PHE A 639 -29.91 -19.90 3.24
N SER A 640 -28.98 -20.71 3.70
CA SER A 640 -27.67 -20.23 4.11
C SER A 640 -26.51 -20.70 3.23
N ALA A 641 -26.81 -21.20 2.04
CA ALA A 641 -25.76 -21.64 1.09
C ALA A 641 -25.73 -20.68 -0.10
N PRO A 642 -24.75 -19.78 -0.08
CA PRO A 642 -24.65 -18.75 -1.12
C PRO A 642 -24.09 -19.32 -2.40
N ASN A 643 -24.64 -18.87 -3.53
CA ASN A 643 -24.22 -19.38 -4.86
C ASN A 643 -24.29 -20.92 -4.92
N TYR A 644 -25.48 -21.41 -4.63
CA TYR A 644 -25.77 -22.83 -4.55
C TYR A 644 -25.40 -23.65 -5.81
N LEU A 645 -24.72 -24.77 -5.56
CA LEU A 645 -24.17 -25.68 -6.58
C LEU A 645 -23.16 -25.01 -7.46
N ASP A 646 -22.69 -23.84 -7.02
CA ASP A 646 -21.77 -22.97 -7.79
C ASP A 646 -22.42 -22.22 -8.93
N VAL A 647 -23.74 -22.37 -9.11
CA VAL A 647 -24.42 -21.84 -10.31
C VAL A 647 -25.62 -20.93 -10.04
N TYR A 648 -26.41 -21.16 -9.00
CA TYR A 648 -27.62 -20.37 -8.77
C TYR A 648 -27.30 -18.89 -8.57
N ASN A 649 -26.09 -18.59 -8.12
CA ASN A 649 -25.67 -17.21 -7.99
C ASN A 649 -26.60 -16.43 -7.04
N ASN A 650 -27.04 -17.14 -6.02
CA ASN A 650 -27.97 -16.61 -5.04
C ASN A 650 -27.28 -16.13 -3.78
N LYS A 651 -27.91 -15.18 -3.11
CA LYS A 651 -27.39 -14.70 -1.85
C LYS A 651 -27.83 -15.69 -0.79
N ALA A 652 -27.07 -15.73 0.31
CA ALA A 652 -27.41 -16.55 1.48
C ALA A 652 -27.95 -15.67 2.57
N ALA A 653 -28.53 -16.30 3.57
CA ALA A 653 -28.99 -15.55 4.73
C ALA A 653 -29.07 -16.39 5.99
N VAL A 654 -29.08 -15.66 7.11
CA VAL A 654 -29.32 -16.20 8.45
C VAL A 654 -30.22 -15.23 9.20
N LEU A 655 -31.04 -15.74 10.12
CA LEU A 655 -31.91 -14.89 10.96
C LEU A 655 -31.28 -14.59 12.29
N LYS A 656 -31.15 -13.31 12.61
CA LYS A 656 -30.61 -12.90 13.90
C LYS A 656 -31.75 -12.27 14.66
N TYR A 657 -32.28 -13.01 15.62
CA TYR A 657 -33.37 -12.54 16.43
C TYR A 657 -32.86 -12.04 17.78
N GLU A 658 -32.99 -10.72 17.97
CA GLU A 658 -32.51 -10.05 19.18
C GLU A 658 -33.22 -8.70 19.36
N ASN A 659 -33.45 -8.30 20.61
CA ASN A 659 -34.13 -7.05 20.94
C ASN A 659 -35.47 -6.95 20.21
N ASN A 660 -36.16 -8.08 20.11
CA ASN A 660 -37.47 -8.13 19.51
C ASN A 660 -37.47 -7.67 18.07
N VAL A 661 -36.33 -7.88 17.41
CA VAL A 661 -36.16 -7.63 15.97
C VAL A 661 -35.64 -8.90 15.29
N MET A 662 -36.29 -9.31 14.19
CA MET A 662 -35.87 -10.46 13.38
C MET A 662 -35.06 -9.95 12.19
N ASN A 663 -33.77 -9.75 12.38
CA ASN A 663 -32.93 -9.14 11.36
C ASN A 663 -32.40 -10.23 10.43
N ILE A 664 -32.57 -10.04 9.13
CA ILE A 664 -32.12 -11.01 8.14
C ILE A 664 -30.82 -10.53 7.55
N ARG A 665 -29.74 -11.21 7.86
CA ARG A 665 -28.44 -10.75 7.43
C ARG A 665 -28.00 -11.62 6.25
N GLN A 666 -27.74 -10.99 5.11
CA GLN A 666 -27.43 -11.73 3.88
C GLN A 666 -25.94 -11.71 3.67
N PHE A 667 -25.47 -12.58 2.80
CA PHE A 667 -24.05 -12.60 2.46
C PHE A 667 -23.80 -13.35 1.17
N ASN A 668 -22.76 -12.93 0.46
CA ASN A 668 -22.36 -13.53 -0.80
C ASN A 668 -21.41 -14.66 -0.51
N CYS A 669 -21.05 -15.42 -1.54
CA CYS A 669 -20.25 -16.63 -1.33
C CYS A 669 -18.78 -16.31 -1.25
N SER A 670 -17.98 -17.35 -1.03
CA SER A 670 -16.54 -17.24 -0.88
C SER A 670 -15.78 -18.28 -1.72
N PRO A 671 -14.48 -18.08 -1.89
CA PRO A 671 -13.77 -18.99 -2.74
C PRO A 671 -13.71 -20.33 -2.11
N HIS A 672 -13.57 -21.35 -2.93
CA HIS A 672 -13.30 -22.66 -2.45
C HIS A 672 -12.59 -23.50 -3.49
N PRO A 673 -11.83 -24.49 -3.03
CA PRO A 673 -11.07 -25.38 -3.87
C PRO A 673 -11.96 -26.11 -4.85
N TYR A 674 -11.32 -26.75 -5.82
CA TYR A 674 -12.05 -27.41 -6.90
C TYR A 674 -11.97 -28.92 -6.77
N TRP A 675 -13.08 -29.56 -7.10
CA TRP A 675 -13.12 -31.00 -7.19
C TRP A 675 -13.93 -31.27 -8.44
N LEU A 676 -13.55 -32.33 -9.14
CA LEU A 676 -14.31 -32.75 -10.32
C LEU A 676 -15.57 -33.41 -9.80
N PRO A 677 -16.64 -33.43 -10.62
CA PRO A 677 -17.89 -34.01 -10.12
C PRO A 677 -17.65 -35.41 -9.55
N ASN A 678 -18.25 -35.69 -8.41
CA ASN A 678 -18.15 -37.00 -7.77
C ASN A 678 -16.70 -37.45 -7.44
N PHE A 679 -15.83 -36.47 -7.17
CA PHE A 679 -14.46 -36.73 -6.67
C PHE A 679 -13.68 -37.68 -7.59
N MET A 680 -13.99 -37.58 -8.87
CA MET A 680 -13.30 -38.32 -9.88
C MET A 680 -11.87 -37.83 -9.96
N ASP A 681 -10.96 -38.78 -10.09
CA ASP A 681 -9.57 -38.45 -10.30
C ASP A 681 -9.41 -37.97 -11.73
N VAL A 682 -8.37 -37.21 -11.98
CA VAL A 682 -8.18 -36.63 -13.32
C VAL A 682 -7.99 -37.64 -14.48
N PHE A 683 -7.45 -38.82 -14.20
CA PHE A 683 -7.28 -39.83 -15.26
C PHE A 683 -8.62 -40.34 -15.76
N THR A 684 -9.42 -40.90 -14.85
CA THR A 684 -10.75 -41.38 -15.17
C THR A 684 -11.52 -40.38 -15.97
N TRP A 685 -11.35 -39.12 -15.59
CA TRP A 685 -11.98 -38.03 -16.27
C TRP A 685 -11.45 -37.84 -17.70
N SER A 686 -10.14 -37.80 -17.83
CA SER A 686 -9.51 -37.39 -19.09
C SER A 686 -9.40 -38.53 -20.08
N LEU A 687 -9.21 -39.73 -19.55
CA LEU A 687 -8.96 -40.89 -20.40
C LEU A 687 -9.94 -41.01 -21.55
N PRO A 688 -11.24 -40.94 -21.27
CA PRO A 688 -12.21 -41.04 -22.37
C PRO A 688 -11.99 -40.02 -23.49
N PHE A 689 -11.69 -38.78 -23.12
CA PHE A 689 -11.33 -37.77 -24.12
C PHE A 689 -10.05 -38.14 -24.90
N VAL A 690 -9.05 -38.63 -24.16
CA VAL A 690 -7.83 -39.17 -24.79
C VAL A 690 -8.17 -40.31 -25.78
N GLY A 691 -9.04 -41.22 -25.36
CA GLY A 691 -9.45 -42.33 -26.19
C GLY A 691 -10.07 -41.86 -27.48
N GLU A 692 -11.03 -40.96 -27.35
CA GLU A 692 -11.78 -40.46 -28.51
C GLU A 692 -10.91 -39.69 -29.51
N LYS A 693 -9.93 -38.94 -29.01
CA LYS A 693 -9.13 -38.06 -29.87
C LYS A 693 -8.01 -38.79 -30.63
N VAL A 694 -7.47 -39.83 -30.01
CA VAL A 694 -6.52 -40.71 -30.67
C VAL A 694 -7.17 -41.51 -31.79
N THR A 695 -8.40 -42.00 -31.56
CA THR A 695 -9.12 -42.72 -32.64
C THR A 695 -9.31 -41.78 -33.82
N GLU A 696 -9.84 -40.58 -33.56
CA GLU A 696 -9.92 -39.58 -34.64
C GLU A 696 -8.57 -39.50 -35.36
N MET A 697 -7.49 -39.31 -34.62
CA MET A 697 -6.19 -39.15 -35.25
C MET A 697 -5.95 -40.26 -36.25
N LEU A 698 -6.09 -41.50 -35.82
CA LEU A 698 -5.78 -42.64 -36.67
C LEU A 698 -6.69 -42.70 -37.87
N VAL A 699 -7.97 -42.35 -37.67
CA VAL A 699 -8.95 -42.34 -38.78
C VAL A 699 -8.50 -41.41 -39.95
N ASN A 700 -7.58 -40.49 -39.71
CA ASN A 700 -6.70 -39.99 -40.82
C ASN A 700 -6.10 -41.13 -41.65
N VAL A 701 -6.27 -42.35 -41.18
CA VAL A 701 -5.58 -43.48 -41.77
C VAL A 701 -6.36 -43.66 -43.09
N LEU A 702 -7.68 -43.64 -42.95
CA LEU A 702 -8.56 -43.55 -44.12
C LEU A 702 -8.45 -42.14 -44.75
N ASN A 703 -7.42 -41.98 -45.60
CA ASN A 703 -7.30 -40.88 -46.57
C ASN A 703 -6.66 -41.32 -47.92
N ILE A 704 -6.51 -42.63 -48.10
CA ILE A 704 -6.35 -43.27 -49.38
C ILE A 704 -7.70 -43.95 -49.74
N CYS A 705 -8.03 -43.92 -51.04
CA CYS A 705 -9.23 -44.57 -51.62
C CYS A 705 -10.53 -43.86 -51.19
N PHE A 793 -28.73 -15.71 -12.47
CA PHE A 793 -30.17 -15.91 -12.50
C PHE A 793 -30.53 -17.35 -12.23
N GLU A 794 -31.44 -17.59 -11.28
CA GLU A 794 -31.84 -18.96 -10.95
C GLU A 794 -32.97 -19.58 -11.83
N GLU A 795 -32.62 -19.82 -13.08
CA GLU A 795 -33.27 -20.79 -13.98
C GLU A 795 -32.70 -22.20 -13.76
N ALA A 796 -31.57 -22.25 -13.06
CA ALA A 796 -30.93 -23.50 -12.62
C ALA A 796 -31.82 -24.29 -11.65
N LYS A 797 -32.81 -23.61 -11.05
CA LYS A 797 -33.84 -24.28 -10.25
C LYS A 797 -34.68 -25.22 -11.12
N GLY A 798 -34.81 -24.86 -12.40
CA GLY A 798 -35.42 -25.73 -13.38
C GLY A 798 -34.57 -26.94 -13.75
N LEU A 799 -33.25 -26.78 -13.76
CA LEU A 799 -32.38 -27.90 -14.18
C LEU A 799 -32.19 -28.88 -13.04
N ASP A 800 -32.42 -28.40 -11.83
CA ASP A 800 -32.05 -29.17 -10.66
C ASP A 800 -33.23 -29.91 -10.09
N ARG A 801 -34.43 -29.65 -10.61
CA ARG A 801 -35.67 -30.19 -10.02
C ARG A 801 -35.63 -31.65 -9.75
N ILE A 802 -35.01 -32.40 -10.66
CA ILE A 802 -34.86 -33.87 -10.54
C ILE A 802 -34.27 -34.25 -9.17
N ASN A 803 -33.32 -33.45 -8.71
CA ASN A 803 -32.62 -33.72 -7.46
C ASN A 803 -33.31 -33.16 -6.20
N GLU A 804 -34.37 -32.38 -6.39
CA GLU A 804 -35.20 -31.89 -5.30
C GLU A 804 -36.13 -33.01 -4.76
N ARG A 805 -36.21 -34.07 -5.57
CA ARG A 805 -37.03 -35.24 -5.30
C ARG A 805 -36.36 -36.22 -4.33
N MET A 806 -37.16 -36.84 -3.46
CA MET A 806 -36.70 -38.01 -2.71
C MET A 806 -36.29 -39.08 -3.68
N PRO A 807 -35.12 -39.68 -3.47
CA PRO A 807 -34.69 -40.75 -4.39
C PRO A 807 -35.62 -42.00 -4.41
N PRO A 808 -35.46 -42.87 -5.42
CA PRO A 808 -36.26 -44.08 -5.57
C PRO A 808 -35.90 -45.20 -4.59
N ARG A 809 -36.80 -45.50 -3.66
CA ARG A 809 -36.57 -46.51 -2.62
C ARG A 809 -36.54 -47.95 -3.16
N SER B 163 51.05 -41.82 -21.86
CA SER B 163 51.45 -43.25 -22.06
C SER B 163 52.04 -43.97 -20.82
N TYR B 164 52.21 -43.29 -19.66
CA TYR B 164 52.39 -43.94 -18.33
C TYR B 164 51.08 -44.12 -17.54
N PRO B 165 50.82 -45.33 -16.97
CA PRO B 165 49.59 -45.57 -16.21
C PRO B 165 49.51 -44.81 -14.87
N LEU B 166 48.27 -44.60 -14.43
CA LEU B 166 48.01 -43.77 -13.29
C LEU B 166 47.40 -44.61 -12.18
N GLU B 167 47.99 -44.53 -11.00
CA GLU B 167 47.52 -45.29 -9.84
C GLU B 167 46.54 -44.47 -9.02
N MET B 168 45.51 -45.16 -8.52
CA MET B 168 44.56 -44.59 -7.61
C MET B 168 43.83 -45.68 -6.82
N CYS B 169 43.24 -45.29 -5.70
CA CYS B 169 42.47 -46.18 -4.85
C CYS B 169 41.07 -45.63 -4.77
N SER B 170 40.13 -46.34 -5.36
CA SER B 170 38.72 -45.96 -5.40
C SER B 170 37.85 -47.20 -5.40
N HIS B 171 36.54 -47.01 -5.38
CA HIS B 171 35.61 -48.12 -5.40
C HIS B 171 34.85 -48.16 -6.73
N PHE B 172 35.34 -47.39 -7.72
CA PHE B 172 34.69 -47.29 -9.00
C PHE B 172 35.23 -48.38 -9.89
N ASP B 173 34.39 -48.90 -10.78
CA ASP B 173 34.84 -49.87 -11.78
C ASP B 173 35.40 -49.10 -12.98
N ALA B 174 36.06 -49.81 -13.89
CA ALA B 174 36.85 -49.16 -14.96
C ALA B 174 36.02 -48.26 -15.89
N ASP B 175 34.76 -48.66 -16.08
CA ASP B 175 33.81 -47.93 -16.89
C ASP B 175 33.45 -46.61 -16.17
N GLU B 176 33.05 -46.70 -14.90
CA GLU B 176 32.75 -45.50 -14.06
C GLU B 176 33.90 -44.50 -14.02
N ILE B 177 35.14 -45.01 -14.03
CA ILE B 177 36.31 -44.15 -14.08
C ILE B 177 36.43 -43.40 -15.43
N LYS B 178 36.11 -44.09 -16.53
CA LYS B 178 36.15 -43.48 -17.86
C LYS B 178 35.14 -42.34 -17.98
N ARG B 179 33.95 -42.56 -17.44
CA ARG B 179 32.91 -41.52 -17.41
C ARG B 179 33.32 -40.30 -16.55
N LEU B 180 33.74 -40.57 -15.32
CA LEU B 180 34.29 -39.49 -14.49
C LEU B 180 35.43 -38.75 -15.19
N GLY B 181 36.20 -39.46 -16.01
CA GLY B 181 37.24 -38.85 -16.86
C GLY B 181 36.71 -37.87 -17.88
N LYS B 182 35.55 -38.18 -18.46
CA LYS B 182 34.89 -37.25 -19.41
C LYS B 182 34.60 -35.92 -18.75
N ARG B 183 33.96 -35.98 -17.58
CA ARG B 183 33.62 -34.75 -16.86
C ARG B 183 34.85 -34.03 -16.39
N PHE B 184 35.91 -34.78 -16.09
CA PHE B 184 37.16 -34.15 -15.64
C PHE B 184 37.77 -33.32 -16.74
N LYS B 185 37.71 -33.85 -17.97
CA LYS B 185 38.32 -33.20 -19.12
C LYS B 185 37.62 -31.89 -19.45
N LYS B 186 36.29 -31.96 -19.55
CA LYS B 186 35.43 -30.82 -19.83
C LYS B 186 35.72 -29.68 -18.85
N LEU B 187 35.60 -29.99 -17.55
CA LEU B 187 36.00 -29.08 -16.47
C LEU B 187 37.37 -28.47 -16.68
N ASP B 188 38.32 -29.31 -17.10
CA ASP B 188 39.69 -28.87 -17.36
C ASP B 188 39.75 -28.07 -18.66
N LEU B 189 39.77 -26.74 -18.52
CA LEU B 189 39.75 -25.85 -19.69
C LEU B 189 41.13 -25.80 -20.35
N ASP B 190 42.14 -25.34 -19.60
CA ASP B 190 43.54 -25.27 -20.09
C ASP B 190 44.19 -26.64 -20.38
N ASN B 191 43.37 -27.71 -20.38
CA ASN B 191 43.83 -29.10 -20.61
C ASN B 191 45.24 -29.40 -20.11
N SER B 192 45.56 -28.88 -18.92
CA SER B 192 46.85 -29.14 -18.26
C SER B 192 46.83 -30.42 -17.43
N GLY B 193 45.65 -31.02 -17.28
CA GLY B 193 45.49 -32.25 -16.51
C GLY B 193 45.34 -32.04 -15.03
N SER B 194 45.09 -30.79 -14.62
CA SER B 194 44.87 -30.42 -13.21
C SER B 194 43.83 -29.34 -13.08
N LEU B 195 42.84 -29.59 -12.22
CA LEU B 195 41.77 -28.61 -11.95
C LEU B 195 42.21 -27.50 -10.97
N SER B 196 42.10 -26.25 -11.45
CA SER B 196 42.49 -25.05 -10.68
C SER B 196 41.28 -24.35 -10.08
N VAL B 197 41.53 -23.60 -9.00
CA VAL B 197 40.45 -22.98 -8.22
C VAL B 197 39.48 -22.25 -9.14
N GLU B 198 40.06 -21.49 -10.08
CA GLU B 198 39.27 -20.73 -11.05
C GLU B 198 38.53 -21.63 -12.05
N GLU B 199 39.18 -22.69 -12.52
CA GLU B 199 38.53 -23.71 -13.40
C GLU B 199 37.27 -24.33 -12.75
N PHE B 200 37.30 -24.54 -11.44
CA PHE B 200 36.12 -25.01 -10.69
C PHE B 200 35.04 -23.94 -10.71
N MET B 201 35.42 -22.74 -10.25
CA MET B 201 34.50 -21.57 -10.19
C MET B 201 33.88 -21.20 -11.53
N SER B 202 34.57 -21.55 -12.61
CA SER B 202 34.13 -21.16 -13.96
C SER B 202 32.79 -21.74 -14.35
N LEU B 203 32.27 -22.67 -13.58
CA LEU B 203 30.94 -23.20 -13.84
C LEU B 203 29.90 -22.50 -12.92
N PRO B 204 28.69 -22.22 -13.46
CA PRO B 204 27.81 -21.19 -12.84
C PRO B 204 27.38 -21.48 -11.41
N GLU B 205 26.84 -22.67 -11.18
CA GLU B 205 26.10 -22.96 -9.95
C GLU B 205 27.02 -23.33 -8.79
N LEU B 206 28.31 -23.12 -8.99
CA LEU B 206 29.32 -23.52 -8.03
C LEU B 206 29.98 -22.35 -7.29
N GLN B 207 29.67 -21.13 -7.69
CA GLN B 207 30.27 -19.92 -7.09
C GLN B 207 29.55 -19.46 -5.84
N GLN B 208 28.27 -19.79 -5.77
CA GLN B 208 27.41 -19.44 -4.63
C GLN B 208 27.36 -20.55 -3.58
N ASN B 209 28.37 -21.42 -3.58
CA ASN B 209 28.47 -22.53 -2.64
C ASN B 209 29.67 -22.37 -1.69
N PRO B 210 29.39 -22.08 -0.40
CA PRO B 210 30.43 -21.78 0.60
C PRO B 210 31.50 -22.87 0.81
N LEU B 211 31.15 -24.10 0.43
CA LEU B 211 31.96 -25.28 0.73
C LEU B 211 32.90 -25.75 -0.36
N VAL B 212 32.75 -25.18 -1.54
CA VAL B 212 33.61 -25.58 -2.65
C VAL B 212 35.04 -25.43 -2.21
N GLN B 213 35.36 -24.23 -1.77
CA GLN B 213 36.73 -23.96 -1.40
C GLN B 213 37.26 -24.96 -0.31
N ARG B 214 36.40 -25.57 0.51
CA ARG B 214 36.82 -26.67 1.41
C ARG B 214 37.03 -27.96 0.66
N VAL B 215 36.04 -28.36 -0.13
CA VAL B 215 36.06 -29.65 -0.80
C VAL B 215 37.29 -29.71 -1.65
N ILE B 216 37.47 -28.71 -2.49
CA ILE B 216 38.66 -28.61 -3.34
C ILE B 216 39.93 -28.86 -2.55
N ASP B 217 40.02 -28.25 -1.38
CA ASP B 217 41.25 -28.32 -0.59
C ASP B 217 41.47 -29.68 0.06
N ILE B 218 40.37 -30.35 0.39
CA ILE B 218 40.46 -31.72 0.93
C ILE B 218 40.96 -32.70 -0.16
N PHE B 219 40.32 -32.63 -1.33
CA PHE B 219 40.71 -33.39 -2.52
C PHE B 219 42.21 -33.23 -2.82
N ASP B 220 42.73 -32.03 -2.68
CA ASP B 220 44.14 -31.77 -2.95
C ASP B 220 45.08 -32.44 -1.92
N THR B 221 45.30 -33.74 -2.14
CA THR B 221 46.10 -34.62 -1.28
C THR B 221 47.57 -34.28 -1.30
N ASP B 222 48.06 -33.86 -2.47
CA ASP B 222 49.49 -33.51 -2.68
C ASP B 222 49.83 -32.10 -2.21
N GLY B 223 48.79 -31.28 -1.96
CA GLY B 223 48.98 -29.91 -1.49
C GLY B 223 49.68 -28.99 -2.50
N ASN B 224 49.36 -29.17 -3.78
CA ASN B 224 49.88 -28.29 -4.85
C ASN B 224 48.93 -27.16 -5.30
N GLY B 225 47.77 -27.04 -4.68
CA GLY B 225 46.80 -26.02 -5.05
C GLY B 225 45.76 -26.48 -6.05
N GLU B 226 46.16 -27.41 -6.92
CA GLU B 226 45.26 -27.93 -7.98
C GLU B 226 44.85 -29.40 -7.73
N VAL B 227 43.87 -29.86 -8.49
CA VAL B 227 43.35 -31.22 -8.34
C VAL B 227 43.62 -32.07 -9.58
N ASP B 228 44.54 -33.03 -9.46
CA ASP B 228 44.81 -34.01 -10.53
C ASP B 228 43.71 -35.07 -10.62
N PHE B 229 43.76 -35.88 -11.67
CA PHE B 229 42.70 -36.84 -11.92
C PHE B 229 42.58 -37.90 -10.80
N LYS B 230 43.71 -38.42 -10.36
CA LYS B 230 43.73 -39.31 -9.21
C LYS B 230 42.88 -38.70 -8.10
N GLU B 231 43.30 -37.51 -7.68
CA GLU B 231 42.67 -36.82 -6.54
C GLU B 231 41.18 -36.69 -6.75
N PHE B 232 40.83 -36.18 -7.93
CA PHE B 232 39.41 -36.04 -8.32
C PHE B 232 38.64 -37.34 -8.13
N ILE B 233 39.18 -38.42 -8.67
CA ILE B 233 38.53 -39.75 -8.60
C ILE B 233 38.49 -40.25 -7.15
N GLU B 234 39.61 -40.15 -6.46
CA GLU B 234 39.68 -40.54 -5.05
C GLU B 234 38.72 -39.74 -4.18
N GLY B 235 38.70 -38.42 -4.40
CA GLY B 235 37.78 -37.56 -3.70
C GLY B 235 36.33 -38.00 -3.89
N VAL B 236 35.87 -38.00 -5.12
CA VAL B 236 34.47 -38.36 -5.43
C VAL B 236 34.12 -39.77 -4.93
N SER B 237 35.15 -40.62 -4.92
CA SER B 237 35.00 -42.00 -4.49
C SER B 237 34.63 -42.09 -3.03
N GLN B 238 35.17 -41.19 -2.24
CA GLN B 238 34.82 -41.16 -0.82
C GLN B 238 33.35 -40.77 -0.51
N PHE B 239 32.54 -40.52 -1.54
CA PHE B 239 31.08 -40.48 -1.38
C PHE B 239 30.41 -41.78 -1.77
N SER B 240 30.79 -42.28 -2.94
CA SER B 240 29.95 -43.27 -3.65
C SER B 240 29.72 -44.59 -2.91
N VAL B 241 30.71 -45.06 -2.16
CA VAL B 241 30.55 -46.37 -1.51
C VAL B 241 29.51 -46.30 -0.43
N LYS B 242 28.81 -47.41 -0.20
CA LYS B 242 28.15 -47.68 1.07
C LYS B 242 29.19 -47.43 2.16
N GLY B 243 30.31 -48.11 2.02
CA GLY B 243 31.47 -47.87 2.87
C GLY B 243 31.23 -48.25 4.30
N ASP B 244 32.25 -48.00 5.11
CA ASP B 244 32.04 -47.83 6.53
C ASP B 244 31.28 -46.49 6.72
N LYS B 245 30.60 -46.37 7.84
CA LYS B 245 30.25 -45.02 8.31
C LYS B 245 31.54 -44.24 8.62
N GLU B 246 32.64 -44.95 8.84
CA GLU B 246 33.90 -44.31 9.23
C GLU B 246 34.43 -43.40 8.11
N GLN B 247 34.25 -43.81 6.86
CA GLN B 247 34.63 -42.94 5.74
C GLN B 247 33.81 -41.64 5.80
N LYS B 248 32.48 -41.79 5.91
CA LYS B 248 31.55 -40.65 6.08
C LYS B 248 32.04 -39.71 7.16
N LEU B 249 32.23 -40.25 8.36
CA LEU B 249 32.81 -39.49 9.45
C LEU B 249 34.16 -38.91 9.12
N ARG B 250 35.02 -39.69 8.46
CA ARG B 250 36.38 -39.23 8.15
C ARG B 250 36.31 -38.02 7.27
N PHE B 251 35.37 -38.04 6.34
CA PHE B 251 35.23 -36.97 5.38
C PHE B 251 34.74 -35.72 6.06
N ALA B 252 33.70 -35.90 6.84
CA ALA B 252 33.11 -34.83 7.64
C ALA B 252 34.16 -34.14 8.47
N PHE B 253 34.95 -34.92 9.21
CA PHE B 253 36.03 -34.37 10.02
C PHE B 253 36.95 -33.45 9.23
N ARG B 254 37.29 -33.82 7.98
CA ARG B 254 38.26 -33.05 7.17
C ARG B 254 37.73 -31.66 6.73
N ILE B 255 36.41 -31.56 6.60
CA ILE B 255 35.75 -30.27 6.34
C ILE B 255 36.23 -29.21 7.34
N TYR B 256 36.11 -29.52 8.64
CA TYR B 256 36.57 -28.63 9.71
C TYR B 256 38.13 -28.51 9.85
N ASP B 257 38.87 -29.60 9.71
CA ASP B 257 40.32 -29.58 9.97
C ASP B 257 41.10 -28.97 8.81
N MET B 258 41.17 -27.65 8.80
CA MET B 258 41.77 -26.94 7.65
C MET B 258 43.25 -27.28 7.41
N ASP B 259 44.06 -27.29 8.47
CA ASP B 259 45.52 -27.51 8.38
C ASP B 259 45.95 -29.01 8.22
N LYS B 260 44.94 -29.89 8.13
CA LYS B 260 45.14 -31.32 7.86
C LYS B 260 46.00 -32.05 8.91
N ASP B 261 46.17 -31.48 10.11
CA ASP B 261 46.97 -32.11 11.15
C ASP B 261 46.25 -33.20 11.94
N GLY B 262 44.97 -33.46 11.63
CA GLY B 262 44.17 -34.46 12.35
C GLY B 262 43.50 -33.97 13.65
N TYR B 263 43.57 -32.68 13.89
CA TYR B 263 42.92 -32.11 15.04
C TYR B 263 42.13 -30.87 14.63
N ILE B 264 40.95 -30.68 15.20
CA ILE B 264 40.16 -29.47 14.94
C ILE B 264 40.42 -28.43 16.03
N SER B 265 41.04 -27.33 15.62
CA SER B 265 41.34 -26.24 16.54
C SER B 265 40.17 -25.30 16.65
N ASN B 266 40.21 -24.47 17.69
CA ASN B 266 39.20 -23.46 17.87
C ASN B 266 39.08 -22.59 16.63
N GLY B 267 40.19 -21.97 16.26
CA GLY B 267 40.18 -21.09 15.09
C GLY B 267 39.66 -21.78 13.85
N GLU B 268 40.13 -22.99 13.67
CA GLU B 268 39.68 -23.84 12.55
C GLU B 268 38.14 -23.95 12.54
N LEU B 269 37.62 -24.46 13.63
CA LEU B 269 36.19 -24.61 13.79
C LEU B 269 35.45 -23.28 13.57
N PHE B 270 36.04 -22.19 14.06
CA PHE B 270 35.44 -20.87 13.89
C PHE B 270 35.38 -20.42 12.44
N GLN B 271 36.51 -20.56 11.75
CA GLN B 271 36.62 -20.10 10.39
C GLN B 271 35.71 -20.89 9.43
N VAL B 272 35.66 -22.20 9.65
CA VAL B 272 34.92 -23.09 8.77
C VAL B 272 33.43 -22.87 8.92
N LEU B 273 32.99 -22.81 10.17
CA LEU B 273 31.63 -22.42 10.44
C LEU B 273 31.36 -21.03 9.85
N LYS B 274 32.28 -20.10 10.09
CA LYS B 274 32.12 -18.72 9.63
C LYS B 274 31.86 -18.64 8.13
N MET B 275 32.45 -19.57 7.39
CA MET B 275 32.26 -19.65 5.94
C MET B 275 30.81 -19.89 5.57
N MET B 276 30.20 -20.86 6.22
CA MET B 276 28.84 -21.27 5.86
C MET B 276 27.74 -20.47 6.53
N VAL B 277 28.02 -19.94 7.72
CA VAL B 277 27.05 -19.12 8.48
C VAL B 277 26.96 -17.65 8.00
N GLY B 278 28.06 -17.15 7.44
CA GLY B 278 28.13 -15.78 6.93
C GLY B 278 27.87 -14.75 8.01
N ASN B 279 26.82 -13.94 7.79
CA ASN B 279 26.46 -12.84 8.71
C ASN B 279 25.23 -13.09 9.55
N ASN B 280 24.74 -14.33 9.53
CA ASN B 280 23.54 -14.68 10.26
C ASN B 280 23.81 -14.70 11.76
N LEU B 281 25.11 -14.71 12.12
CA LEU B 281 25.53 -14.68 13.52
C LEU B 281 26.63 -13.66 13.70
N LYS B 282 26.58 -12.94 14.81
CA LYS B 282 27.66 -12.05 15.18
C LYS B 282 28.91 -12.88 15.55
N ASP B 283 30.09 -12.30 15.37
CA ASP B 283 31.31 -13.02 15.59
C ASP B 283 31.48 -13.38 17.07
N THR B 284 31.03 -12.52 17.97
CA THR B 284 31.12 -12.85 19.41
C THR B 284 30.26 -14.12 19.64
N GLN B 285 29.06 -14.14 19.05
CA GLN B 285 28.13 -15.27 19.22
C GLN B 285 28.68 -16.59 18.71
N LEU B 286 29.29 -16.52 17.53
CA LEU B 286 29.80 -17.71 16.86
C LEU B 286 30.95 -18.26 17.66
N GLN B 287 31.83 -17.36 18.10
CA GLN B 287 32.95 -17.75 18.94
C GLN B 287 32.46 -18.46 20.19
N GLN B 288 31.40 -17.95 20.79
CA GLN B 288 30.84 -18.54 22.01
C GLN B 288 30.37 -20.01 21.86
N ILE B 289 29.61 -20.28 20.80
CA ILE B 289 29.11 -21.66 20.54
C ILE B 289 30.22 -22.65 20.11
N VAL B 290 31.23 -22.13 19.41
CA VAL B 290 32.46 -22.88 19.14
C VAL B 290 33.11 -23.29 20.46
N ASP B 291 33.32 -22.30 21.32
CA ASP B 291 33.90 -22.52 22.64
C ASP B 291 33.16 -23.62 23.43
N LYS B 292 31.86 -23.46 23.61
CA LYS B 292 31.09 -24.38 24.43
C LYS B 292 31.11 -25.77 23.83
N THR B 293 31.09 -25.85 22.50
CA THR B 293 31.03 -27.14 21.83
C THR B 293 32.29 -27.91 22.16
N ILE B 294 33.42 -27.23 21.99
CA ILE B 294 34.72 -27.78 22.33
C ILE B 294 34.83 -28.19 23.80
N ILE B 295 34.49 -27.29 24.71
CA ILE B 295 34.58 -27.58 26.16
C ILE B 295 33.92 -28.91 26.47
N ASN B 296 32.71 -29.10 25.93
CA ASN B 296 31.90 -30.32 26.10
C ASN B 296 32.41 -31.51 25.31
N ALA B 297 33.17 -31.28 24.23
CA ALA B 297 33.66 -32.36 23.36
C ALA B 297 35.08 -32.85 23.69
N ASP B 298 35.92 -31.92 24.13
CA ASP B 298 37.33 -32.18 24.43
C ASP B 298 37.56 -32.91 25.73
N LYS B 299 38.04 -34.14 25.63
CA LYS B 299 38.32 -34.98 26.79
C LYS B 299 39.79 -34.97 27.24
N ASP B 300 40.71 -34.63 26.34
CA ASP B 300 42.17 -34.64 26.66
C ASP B 300 42.55 -33.41 27.47
N GLY B 301 41.85 -32.30 27.27
CA GLY B 301 42.26 -31.00 27.85
C GLY B 301 43.17 -30.17 26.97
N ASP B 302 43.63 -30.75 25.86
CA ASP B 302 44.51 -30.09 24.86
C ASP B 302 43.92 -28.81 24.22
N GLY B 303 42.59 -28.68 24.24
CA GLY B 303 41.88 -27.54 23.60
C GLY B 303 41.55 -27.74 22.12
N ARG B 304 41.65 -28.98 21.65
CA ARG B 304 41.40 -29.32 20.26
C ARG B 304 40.59 -30.61 20.19
N ILE B 305 39.98 -30.83 19.05
CA ILE B 305 39.11 -31.97 18.84
C ILE B 305 39.83 -33.03 17.98
N SER B 306 40.04 -34.20 18.56
CA SER B 306 40.60 -35.35 17.85
C SER B 306 39.54 -36.01 16.98
N PHE B 307 39.95 -36.93 16.09
CA PHE B 307 38.96 -37.70 15.33
C PHE B 307 38.04 -38.47 16.28
N GLU B 308 38.62 -39.02 17.33
CA GLU B 308 37.86 -39.79 18.30
C GLU B 308 36.79 -38.97 19.06
N GLU B 309 37.23 -37.86 19.65
CA GLU B 309 36.35 -36.94 20.39
C GLU B 309 35.19 -36.52 19.46
N PHE B 310 35.56 -36.11 18.25
CA PHE B 310 34.61 -35.82 17.15
C PHE B 310 33.52 -36.88 16.96
N CYS B 311 33.96 -38.14 16.82
CA CYS B 311 33.05 -39.26 16.57
C CYS B 311 32.16 -39.54 17.75
N ALA B 312 32.67 -39.24 18.96
CA ALA B 312 31.87 -39.29 20.19
C ALA B 312 30.72 -38.26 20.20
N VAL B 313 30.95 -37.09 19.61
CA VAL B 313 29.98 -36.01 19.68
C VAL B 313 28.94 -36.09 18.58
N VAL B 314 29.38 -36.35 17.37
CA VAL B 314 28.44 -36.40 16.25
C VAL B 314 27.48 -37.59 16.38
N GLY B 315 27.95 -38.69 16.97
CA GLY B 315 27.04 -39.84 17.11
C GLY B 315 27.68 -41.18 17.40
N GLY B 316 26.84 -42.17 17.73
CA GLY B 316 27.31 -43.54 17.98
C GLY B 316 26.44 -44.45 18.84
N ARG B 349 45.58 -18.87 17.31
CA ARG B 349 44.72 -19.36 16.23
C ARG B 349 43.28 -18.87 16.40
N VAL B 350 42.87 -18.75 17.67
CA VAL B 350 41.51 -18.39 18.05
C VAL B 350 41.22 -16.90 17.81
N VAL B 351 40.00 -16.55 17.41
CA VAL B 351 39.63 -15.13 17.17
C VAL B 351 38.77 -14.44 18.32
N LYS B 352 39.45 -14.03 19.42
CA LYS B 352 38.81 -13.66 20.72
C LYS B 352 39.22 -12.40 21.44
N ALA B 353 38.26 -11.49 21.55
CA ALA B 353 38.18 -10.55 22.66
C ALA B 353 37.10 -11.07 23.65
N VAL B 354 36.53 -12.25 23.35
CA VAL B 354 35.44 -12.86 24.11
C VAL B 354 35.99 -13.79 25.19
N PRO B 355 35.56 -13.61 26.43
CA PRO B 355 36.03 -14.52 27.51
C PRO B 355 35.77 -15.99 27.24
N PHE B 356 36.74 -16.83 27.57
CA PHE B 356 36.57 -18.28 27.46
C PHE B 356 35.91 -18.71 28.78
N PRO B 357 34.92 -19.63 28.75
CA PRO B 357 34.30 -20.11 29.99
C PRO B 357 35.18 -20.99 30.85
N PRO B 358 35.21 -20.73 32.14
CA PRO B 358 36.11 -21.53 32.97
C PRO B 358 35.74 -23.00 32.99
N SER B 359 36.74 -23.83 32.80
CA SER B 359 36.57 -25.27 32.87
C SER B 359 36.49 -25.83 34.32
N HIS B 360 37.10 -25.12 35.28
CA HIS B 360 37.19 -25.62 36.67
C HIS B 360 35.82 -25.67 37.34
N ARG B 361 35.43 -26.85 37.80
CA ARG B 361 34.15 -27.03 38.47
C ARG B 361 34.33 -26.78 39.97
N LEU B 362 33.63 -25.79 40.52
CA LEU B 362 33.80 -25.44 41.95
C LEU B 362 33.50 -26.60 42.88
N THR B 363 34.37 -26.73 43.90
CA THR B 363 34.27 -27.81 44.88
C THR B 363 33.55 -27.37 46.14
N ALA B 364 33.25 -28.32 47.03
CA ALA B 364 32.46 -28.05 48.25
C ALA B 364 33.15 -27.07 49.17
N LYS B 365 34.48 -27.04 49.11
CA LYS B 365 35.28 -26.12 49.93
C LYS B 365 35.28 -24.67 49.42
N GLU B 366 35.24 -24.53 48.10
CA GLU B 366 35.21 -23.23 47.43
C GLU B 366 33.84 -22.53 47.52
N VAL B 367 32.78 -23.32 47.68
CA VAL B 367 31.41 -22.80 47.67
C VAL B 367 30.82 -22.70 49.07
N PHE B 368 31.20 -23.61 49.96
CA PHE B 368 30.67 -23.62 51.32
C PHE B 368 31.74 -23.24 52.33
N ASP B 369 31.32 -22.46 53.33
CA ASP B 369 32.15 -22.05 54.48
C ASP B 369 31.87 -22.98 55.64
N ASN B 370 32.65 -22.89 56.71
CA ASN B 370 32.62 -23.87 57.80
C ASN B 370 31.26 -24.12 58.39
N ASP B 371 30.45 -23.06 58.50
CA ASP B 371 29.15 -23.17 59.15
C ASP B 371 28.10 -23.81 58.25
N GLY B 372 28.49 -24.21 57.04
CA GLY B 372 27.55 -24.83 56.10
C GLY B 372 27.01 -23.91 55.00
N LYS B 373 27.06 -22.60 55.24
CA LYS B 373 26.43 -21.61 54.36
C LYS B 373 27.26 -21.36 53.08
N PRO B 374 26.59 -21.04 51.96
CA PRO B 374 27.27 -20.85 50.70
C PRO B 374 27.78 -19.43 50.42
N ARG B 375 28.81 -19.35 49.58
CA ARG B 375 29.53 -18.12 49.28
C ARG B 375 28.98 -17.48 48.02
N VAL B 376 27.87 -16.80 48.17
CA VAL B 376 27.21 -16.09 47.09
C VAL B 376 28.18 -15.18 46.31
N ASP B 377 29.06 -14.50 47.02
CA ASP B 377 30.28 -13.86 46.45
C ASP B 377 30.79 -14.63 45.25
N ILE B 378 31.28 -15.83 45.58
CA ILE B 378 32.07 -16.62 44.66
C ILE B 378 31.19 -17.36 43.65
N LEU B 379 30.07 -17.89 44.12
CA LEU B 379 29.04 -18.49 43.23
C LEU B 379 28.76 -17.62 41.99
N LYS B 380 28.31 -16.39 42.26
CA LYS B 380 27.93 -15.43 41.25
C LYS B 380 29.07 -15.21 40.28
N ALA B 381 30.28 -15.00 40.81
CA ALA B 381 31.47 -14.77 39.97
C ALA B 381 31.63 -15.85 38.92
N HIS B 382 31.50 -17.09 39.37
CA HIS B 382 31.69 -18.29 38.54
C HIS B 382 30.59 -18.43 37.50
N LEU B 383 29.36 -18.39 37.98
CA LEU B 383 28.20 -18.63 37.13
C LEU B 383 28.10 -17.60 36.02
N MET B 384 28.50 -16.37 36.33
CA MET B 384 28.46 -15.27 35.35
C MET B 384 29.51 -15.50 34.29
N LYS B 385 30.59 -16.17 34.66
CA LYS B 385 31.65 -16.53 33.73
C LYS B 385 31.27 -17.81 32.91
N GLU B 386 30.03 -18.26 33.08
CA GLU B 386 29.51 -19.52 32.48
C GLU B 386 30.07 -20.78 33.11
N GLY B 387 30.70 -20.62 34.26
CA GLY B 387 31.29 -21.74 35.00
C GLY B 387 30.23 -22.67 35.54
N ARG B 388 30.63 -23.89 35.89
CA ARG B 388 29.72 -24.85 36.49
C ARG B 388 30.25 -25.30 37.81
N LEU B 389 29.36 -25.82 38.64
CA LEU B 389 29.73 -26.40 39.93
C LEU B 389 29.99 -27.88 39.73
N GLU B 390 30.20 -28.62 40.80
CA GLU B 390 30.30 -30.06 40.70
C GLU B 390 28.96 -30.70 40.93
N GLU B 391 28.75 -31.86 40.30
CA GLU B 391 27.48 -32.60 40.45
C GLU B 391 27.11 -32.75 41.94
N SER B 392 28.11 -32.93 42.79
CA SER B 392 27.88 -33.04 44.22
C SER B 392 27.50 -31.71 44.88
N VAL B 393 28.23 -30.64 44.52
CA VAL B 393 27.99 -29.31 45.08
C VAL B 393 26.60 -28.76 44.73
N ALA B 394 26.27 -28.84 43.44
CA ALA B 394 24.90 -28.53 42.93
C ALA B 394 23.79 -29.32 43.66
N LEU B 395 23.97 -30.64 43.77
CA LEU B 395 22.95 -31.46 44.48
C LEU B 395 22.74 -31.01 45.90
N ARG B 396 23.84 -30.65 46.54
CA ARG B 396 23.79 -30.21 47.91
C ARG B 396 23.01 -28.94 48.03
N ILE B 397 23.32 -27.98 47.17
CA ILE B 397 22.59 -26.72 47.15
C ILE B 397 21.10 -26.98 46.93
N ILE B 398 20.77 -27.83 45.97
CA ILE B 398 19.36 -28.02 45.63
C ILE B 398 18.57 -28.59 46.81
N THR B 399 19.15 -29.64 47.41
CA THR B 399 18.48 -30.39 48.46
C THR B 399 18.49 -29.64 49.76
N GLU B 400 19.58 -28.94 50.02
CA GLU B 400 19.74 -28.17 51.28
C GLU B 400 18.71 -27.03 51.29
N GLY B 401 18.42 -26.48 50.13
CA GLY B 401 17.36 -25.46 49.98
C GLY B 401 15.94 -26.01 50.03
N ALA B 402 15.69 -27.08 49.29
CA ALA B 402 14.39 -27.76 49.30
C ALA B 402 13.95 -28.12 50.74
N SER B 403 14.90 -28.55 51.56
CA SER B 403 14.61 -28.94 52.95
C SER B 403 14.18 -27.75 53.79
N ILE B 404 14.65 -26.57 53.42
CA ILE B 404 14.13 -25.35 54.03
C ILE B 404 12.69 -25.06 53.52
N LEU B 405 12.45 -25.29 52.22
CA LEU B 405 11.15 -25.00 51.63
C LEU B 405 10.10 -25.91 52.23
N ARG B 406 10.46 -27.19 52.33
CA ARG B 406 9.57 -28.22 52.84
C ARG B 406 8.95 -27.81 54.17
N GLN B 407 9.68 -27.02 54.94
CA GLN B 407 9.26 -26.60 56.29
C GLN B 407 8.34 -25.35 56.26
N GLU B 408 8.36 -24.56 55.19
CA GLU B 408 7.53 -23.37 55.16
C GLU B 408 6.08 -23.77 54.86
N LYS B 409 5.13 -23.01 55.38
CA LYS B 409 3.71 -23.25 55.11
C LYS B 409 3.27 -22.97 53.64
N ASN B 410 2.08 -23.49 53.28
CA ASN B 410 1.47 -23.29 51.95
C ASN B 410 1.27 -21.83 51.59
N LEU B 411 0.79 -21.09 52.56
CA LEU B 411 0.64 -19.68 52.39
C LEU B 411 1.64 -19.01 53.35
N LEU B 412 2.61 -18.30 52.81
CA LEU B 412 3.57 -17.62 53.66
C LEU B 412 2.93 -16.38 54.29
N ASP B 413 3.53 -15.90 55.37
CA ASP B 413 3.21 -14.61 55.98
C ASP B 413 4.45 -13.75 55.80
N ILE B 414 4.38 -12.66 55.07
CA ILE B 414 5.57 -11.85 54.81
C ILE B 414 5.27 -10.41 55.13
N ASP B 415 6.26 -9.71 55.69
CA ASP B 415 6.05 -8.33 56.11
C ASP B 415 6.75 -7.30 55.21
N ALA B 416 6.20 -6.07 55.20
CA ALA B 416 6.81 -4.94 54.46
C ALA B 416 7.93 -4.31 55.31
N PRO B 417 9.00 -3.76 54.69
CA PRO B 417 9.20 -3.58 53.26
C PRO B 417 9.64 -4.86 52.58
N VAL B 418 9.30 -4.96 51.31
CA VAL B 418 9.62 -6.13 50.50
C VAL B 418 9.72 -5.73 49.03
N THR B 419 10.63 -6.39 48.31
CA THR B 419 10.70 -6.31 46.84
C THR B 419 10.03 -7.54 46.24
N VAL B 420 8.97 -7.35 45.46
CA VAL B 420 8.23 -8.48 44.84
C VAL B 420 8.61 -8.65 43.38
N CYS B 421 8.87 -9.88 42.94
CA CYS B 421 9.35 -10.11 41.59
C CYS B 421 8.47 -11.08 40.86
N GLY B 422 8.42 -10.91 39.55
CA GLY B 422 7.67 -11.80 38.67
C GLY B 422 8.54 -12.86 38.04
N ASP B 423 8.15 -13.24 36.84
CA ASP B 423 8.81 -14.35 36.17
C ASP B 423 10.23 -13.96 35.81
N ILE B 424 11.11 -14.95 35.80
CA ILE B 424 12.54 -14.80 35.51
C ILE B 424 12.92 -15.58 34.23
N HIS B 425 12.48 -16.81 34.15
CA HIS B 425 12.59 -17.59 32.93
C HIS B 425 14.02 -17.66 32.45
N GLY B 426 14.89 -18.07 33.36
CA GLY B 426 16.24 -18.53 32.99
C GLY B 426 17.12 -17.44 32.47
N GLN B 427 16.71 -16.20 32.62
CA GLN B 427 17.49 -15.05 32.17
C GLN B 427 18.46 -14.60 33.28
N PHE B 428 19.44 -15.44 33.58
CA PHE B 428 20.29 -15.26 34.78
C PHE B 428 20.94 -13.91 34.81
N PHE B 429 21.36 -13.45 33.65
CA PHE B 429 22.10 -12.19 33.55
C PHE B 429 21.21 -10.95 33.89
N ASP B 430 19.92 -11.09 33.70
CA ASP B 430 18.97 -10.06 34.03
C ASP B 430 18.58 -10.17 35.51
N LEU B 431 18.70 -11.36 36.08
CA LEU B 431 18.58 -11.53 37.53
C LEU B 431 19.61 -10.74 38.30
N MET B 432 20.82 -10.65 37.75
CA MET B 432 21.91 -9.91 38.42
C MET B 432 21.54 -8.44 38.48
N LYS B 433 21.07 -7.91 37.36
CA LYS B 433 20.51 -6.55 37.32
C LYS B 433 19.35 -6.40 38.30
N LEU B 434 18.42 -7.36 38.25
CA LEU B 434 17.25 -7.35 39.12
C LEU B 434 17.65 -7.01 40.55
N PHE B 435 18.65 -7.72 41.08
CA PHE B 435 19.08 -7.56 42.48
C PHE B 435 19.71 -6.22 42.72
N GLU B 436 20.42 -5.72 41.72
CA GLU B 436 21.01 -4.38 41.80
C GLU B 436 19.92 -3.31 41.93
N VAL B 437 18.87 -3.50 41.17
CA VAL B 437 17.73 -2.58 41.10
C VAL B 437 16.80 -2.69 42.30
N GLY B 438 16.56 -3.92 42.76
CA GLY B 438 15.60 -4.18 43.83
C GLY B 438 16.18 -4.12 45.23
N GLY B 439 17.50 -3.97 45.32
CA GLY B 439 18.21 -3.87 46.61
C GLY B 439 18.90 -5.15 46.96
N SER B 440 20.02 -5.04 47.68
CA SER B 440 20.80 -6.23 48.09
C SER B 440 20.01 -7.20 48.97
N PRO B 441 20.14 -8.50 48.71
CA PRO B 441 19.40 -9.52 49.50
C PRO B 441 19.78 -9.51 50.97
N ALA B 442 20.99 -9.00 51.23
CA ALA B 442 21.59 -8.94 52.56
C ALA B 442 21.03 -7.87 53.47
N ASN B 443 20.21 -6.99 52.92
CA ASN B 443 19.42 -6.07 53.77
C ASN B 443 18.07 -5.69 53.21
N THR B 444 17.58 -6.53 52.30
CA THR B 444 16.28 -6.34 51.67
C THR B 444 15.51 -7.65 51.69
N ARG B 445 14.19 -7.52 51.84
CA ARG B 445 13.25 -8.65 51.78
C ARG B 445 12.87 -8.99 50.34
N TYR B 446 12.99 -10.25 49.95
CA TYR B 446 12.58 -10.69 48.62
C TYR B 446 11.43 -11.68 48.64
N LEU B 447 10.53 -11.51 47.67
CA LEU B 447 9.48 -12.50 47.36
C LEU B 447 9.46 -12.65 45.84
N PHE B 448 9.77 -13.85 45.38
CA PHE B 448 9.68 -14.18 43.98
C PHE B 448 8.41 -14.97 43.77
N LEU B 449 7.64 -14.64 42.72
CA LEU B 449 6.33 -15.27 42.49
C LEU B 449 6.38 -16.45 41.54
N GLY B 450 7.56 -16.98 41.25
CA GLY B 450 7.68 -18.16 40.40
C GLY B 450 8.26 -17.99 39.01
N ASP B 451 8.17 -19.08 38.25
CA ASP B 451 8.74 -19.28 36.93
C ASP B 451 10.21 -18.89 36.84
N TYR B 452 11.03 -19.70 37.47
CA TYR B 452 12.49 -19.46 37.48
C TYR B 452 13.16 -20.08 36.28
N VAL B 453 12.46 -20.98 35.64
CA VAL B 453 13.14 -21.82 34.70
C VAL B 453 12.34 -21.88 33.45
N ASP B 454 13.00 -22.42 32.44
CA ASP B 454 12.41 -22.72 31.17
C ASP B 454 12.53 -21.45 30.31
N ARG B 455 12.59 -21.74 29.03
CA ARG B 455 12.51 -20.78 28.00
C ARG B 455 13.73 -19.93 27.87
N GLY B 456 14.60 -19.91 28.85
CA GLY B 456 15.81 -19.12 28.78
C GLY B 456 16.88 -20.14 29.03
N TYR B 457 18.08 -19.87 28.54
CA TYR B 457 19.10 -20.89 28.51
C TYR B 457 19.96 -20.94 29.78
N PHE B 458 19.58 -20.22 30.82
CA PHE B 458 20.36 -20.21 32.05
C PHE B 458 19.57 -20.56 33.29
N SER B 459 18.59 -21.41 33.12
CA SER B 459 17.69 -21.75 34.20
C SER B 459 18.40 -22.35 35.39
N ILE B 460 19.32 -23.28 35.12
CA ILE B 460 20.00 -24.04 36.20
C ILE B 460 20.86 -23.08 37.07
N GLU B 461 21.46 -22.08 36.43
CA GLU B 461 22.18 -21.04 37.16
C GLU B 461 21.22 -20.22 38.04
N CYS B 462 20.07 -19.79 37.50
CA CYS B 462 19.06 -19.05 38.28
C CYS B 462 18.63 -19.83 39.51
N VAL B 463 18.52 -21.14 39.32
CA VAL B 463 18.06 -22.05 40.36
C VAL B 463 19.11 -22.22 41.44
N LEU B 464 20.29 -22.61 41.01
CA LEU B 464 21.42 -22.74 41.95
C LEU B 464 21.61 -21.50 42.80
N TYR B 465 21.61 -20.33 42.14
CA TYR B 465 21.83 -19.06 42.80
C TYR B 465 20.74 -18.70 43.78
N LEU B 466 19.49 -18.76 43.34
CA LEU B 466 18.36 -18.43 44.22
C LEU B 466 18.24 -19.44 45.35
N TRP B 467 18.49 -20.69 45.04
CA TRP B 467 18.48 -21.72 46.08
C TRP B 467 19.60 -21.48 47.08
N ALA B 468 20.74 -21.03 46.58
CA ALA B 468 21.87 -20.72 47.45
C ALA B 468 21.51 -19.53 48.34
N LEU B 469 20.98 -18.47 47.72
CA LEU B 469 20.48 -17.34 48.48
C LEU B 469 19.40 -17.72 49.50
N LYS B 470 18.61 -18.76 49.25
CA LYS B 470 17.53 -19.14 50.14
C LYS B 470 18.09 -19.74 51.42
N ILE B 471 19.16 -20.50 51.27
CA ILE B 471 19.84 -21.14 52.43
C ILE B 471 20.47 -20.05 53.36
N LEU B 472 21.05 -19.04 52.68
CA LEU B 472 21.75 -17.95 53.30
C LEU B 472 20.87 -16.95 54.00
N TYR B 473 19.68 -16.69 53.45
CA TYR B 473 18.71 -15.71 54.01
C TYR B 473 17.31 -16.31 54.21
N PRO B 474 17.23 -17.46 54.91
CA PRO B 474 16.01 -18.24 55.03
C PRO B 474 14.80 -17.41 55.41
N LYS B 475 14.99 -16.41 56.25
CA LYS B 475 13.85 -15.64 56.78
C LYS B 475 13.58 -14.34 56.03
N THR B 476 14.47 -13.95 55.10
CA THR B 476 14.28 -12.71 54.33
C THR B 476 14.09 -12.89 52.83
N LEU B 477 14.42 -14.08 52.31
CA LEU B 477 14.20 -14.38 50.89
C LEU B 477 13.23 -15.56 50.64
N PHE B 478 12.19 -15.28 49.85
CA PHE B 478 11.07 -16.18 49.66
C PHE B 478 10.78 -16.49 48.21
N LEU B 479 10.53 -17.77 47.95
CA LEU B 479 10.26 -18.27 46.63
C LEU B 479 8.92 -18.92 46.61
N LEU B 480 8.07 -18.54 45.66
CA LEU B 480 6.84 -19.28 45.36
C LEU B 480 7.04 -20.21 44.21
N ARG B 481 5.99 -20.99 43.96
CA ARG B 481 5.97 -21.92 42.84
C ARG B 481 5.19 -21.27 41.73
N GLY B 482 5.74 -21.42 40.53
CA GLY B 482 5.08 -20.98 39.31
C GLY B 482 4.73 -22.17 38.47
N ASN B 483 3.89 -21.99 37.46
CA ASN B 483 3.42 -23.12 36.67
C ASN B 483 4.55 -23.94 36.05
N HIS B 484 5.66 -23.26 35.78
CA HIS B 484 6.78 -23.86 35.05
C HIS B 484 7.62 -24.78 35.93
N GLU B 485 7.37 -24.74 37.23
CA GLU B 485 8.17 -25.48 38.19
C GLU B 485 7.59 -26.86 38.41
N CYS B 486 7.54 -27.63 37.34
CA CYS B 486 6.95 -28.96 37.38
C CYS B 486 7.65 -29.84 36.38
N ARG B 487 7.34 -31.13 36.44
CA ARG B 487 8.01 -32.14 35.60
C ARG B 487 7.49 -32.04 34.18
N HIS B 488 6.24 -31.61 34.07
CA HIS B 488 5.53 -31.69 32.80
C HIS B 488 6.01 -30.64 31.79
N LEU B 489 6.13 -29.41 32.25
CA LEU B 489 6.59 -28.33 31.38
C LEU B 489 8.10 -28.37 31.11
N THR B 490 8.87 -28.77 32.11
CA THR B 490 10.35 -28.82 31.98
C THR B 490 10.81 -29.94 31.03
N GLU B 491 9.96 -30.98 30.91
CA GLU B 491 10.13 -32.03 29.89
C GLU B 491 9.82 -31.45 28.52
N TYR B 492 8.77 -30.67 28.44
CA TYR B 492 8.33 -30.15 27.15
C TYR B 492 9.29 -29.11 26.62
N PHE B 493 9.66 -28.16 27.47
CA PHE B 493 10.66 -27.16 27.10
C PHE B 493 12.06 -27.65 27.48
N THR B 494 13.01 -26.73 27.48
CA THR B 494 14.42 -27.10 27.44
C THR B 494 15.14 -27.27 28.79
N PHE B 495 14.43 -27.18 29.91
CA PHE B 495 15.11 -27.26 31.23
C PHE B 495 15.75 -28.62 31.49
N LYS B 496 14.97 -29.70 31.34
CA LYS B 496 15.49 -31.05 31.47
C LYS B 496 16.70 -31.12 30.61
N GLN B 497 16.59 -30.58 29.41
CA GLN B 497 17.68 -30.67 28.47
C GLN B 497 18.93 -29.93 28.99
N GLU B 498 18.72 -28.78 29.61
CA GLU B 498 19.81 -27.98 30.19
C GLU B 498 20.55 -28.80 31.26
N CYS B 499 19.78 -29.44 32.14
CA CYS B 499 20.33 -30.22 33.22
C CYS B 499 21.20 -31.38 32.75
N LYS B 500 20.85 -31.95 31.59
CA LYS B 500 21.64 -33.09 31.04
C LYS B 500 22.94 -32.58 30.46
N ILE B 501 22.85 -31.50 29.69
CA ILE B 501 24.03 -30.91 29.05
C ILE B 501 25.04 -30.44 30.09
N LYS B 502 24.55 -29.74 31.09
CA LYS B 502 25.39 -29.28 32.17
C LYS B 502 25.06 -30.23 33.27
N TYR B 503 26.04 -30.65 34.04
CA TYR B 503 25.70 -31.56 35.14
C TYR B 503 25.14 -32.93 34.59
N SER B 504 24.09 -33.44 35.23
CA SER B 504 23.56 -34.79 34.97
C SER B 504 22.05 -34.75 35.08
N GLU B 505 21.40 -35.88 34.80
CA GLU B 505 19.97 -35.96 34.97
C GLU B 505 19.58 -36.06 36.46
N ARG B 506 20.55 -36.32 37.34
CA ARG B 506 20.26 -36.36 38.80
C ARG B 506 19.95 -34.99 39.34
N VAL B 507 20.62 -34.00 38.78
CA VAL B 507 20.38 -32.64 39.14
C VAL B 507 18.96 -32.21 38.77
N TYR B 508 18.55 -32.57 37.54
CA TYR B 508 17.17 -32.38 37.09
C TYR B 508 16.21 -33.00 38.09
N ASP B 509 16.36 -34.31 38.34
CA ASP B 509 15.49 -35.03 39.28
C ASP B 509 15.45 -34.37 40.64
N ALA B 510 16.61 -33.92 41.10
CA ALA B 510 16.73 -33.17 42.35
C ALA B 510 15.92 -31.87 42.34
N CYS B 511 16.08 -31.05 41.29
CA CYS B 511 15.27 -29.82 41.11
C CYS B 511 13.77 -30.08 41.10
N MET B 512 13.37 -31.19 40.47
CA MET B 512 11.96 -31.54 40.41
C MET B 512 11.38 -31.76 41.80
N ASP B 513 12.12 -32.49 42.65
CA ASP B 513 11.68 -32.75 44.03
C ASP B 513 11.73 -31.45 44.89
N ALA B 514 12.71 -30.61 44.59
CA ALA B 514 12.83 -29.32 45.25
C ALA B 514 11.62 -28.48 44.94
N PHE B 515 11.29 -28.46 43.67
CA PHE B 515 10.20 -27.64 43.21
C PHE B 515 8.92 -28.03 43.88
N ASP B 516 8.75 -29.32 44.10
CA ASP B 516 7.56 -29.82 44.78
C ASP B 516 7.35 -29.13 46.14
N CYS B 517 8.46 -28.77 46.80
CA CYS B 517 8.43 -28.09 48.13
C CYS B 517 8.12 -26.62 48.07
N LEU B 518 8.28 -26.00 46.91
CA LEU B 518 7.90 -24.61 46.77
C LEU B 518 6.48 -24.35 47.33
N PRO B 519 6.32 -23.32 48.21
CA PRO B 519 5.02 -22.80 48.60
C PRO B 519 4.22 -22.21 47.44
N LEU B 520 2.92 -22.17 47.60
CA LEU B 520 2.00 -21.79 46.54
C LEU B 520 1.66 -20.33 46.56
N ALA B 521 1.81 -19.68 47.71
CA ALA B 521 1.28 -18.33 47.85
C ALA B 521 1.82 -17.56 49.04
N ALA B 522 1.46 -16.28 49.07
CA ALA B 522 1.95 -15.39 50.09
C ALA B 522 0.94 -14.32 50.47
N LEU B 523 0.74 -14.17 51.76
CA LEU B 523 0.00 -13.06 52.28
C LEU B 523 1.05 -12.06 52.72
N MET B 524 1.05 -10.93 52.03
CA MET B 524 2.08 -9.93 52.24
C MET B 524 1.53 -8.73 52.96
N ASN B 525 2.17 -8.39 54.08
CA ASN B 525 1.77 -7.28 54.95
C ASN B 525 0.30 -7.24 55.26
N GLN B 526 -0.33 -8.41 55.27
CA GLN B 526 -1.75 -8.56 55.61
C GLN B 526 -2.68 -7.76 54.72
N GLN B 527 -2.23 -7.51 53.51
CA GLN B 527 -2.98 -6.67 52.58
C GLN B 527 -3.11 -7.34 51.26
N PHE B 528 -2.03 -7.96 50.83
CA PHE B 528 -1.92 -8.50 49.49
C PHE B 528 -1.76 -10.03 49.50
N LEU B 529 -2.60 -10.65 48.68
CA LEU B 529 -2.43 -12.04 48.37
C LEU B 529 -1.49 -12.09 47.20
N CYS B 530 -0.44 -12.87 47.35
CA CYS B 530 0.57 -12.94 46.32
C CYS B 530 0.57 -14.35 45.78
N VAL B 531 0.25 -14.45 44.50
CA VAL B 531 0.11 -15.73 43.83
C VAL B 531 0.79 -15.64 42.47
N HIS B 532 1.29 -16.77 41.97
CA HIS B 532 1.88 -16.76 40.64
C HIS B 532 0.83 -16.44 39.59
N GLY B 533 -0.24 -17.25 39.55
CA GLY B 533 -1.32 -17.13 38.55
C GLY B 533 -2.54 -16.32 39.00
N GLY B 534 -3.32 -16.89 39.92
CA GLY B 534 -4.44 -16.19 40.50
C GLY B 534 -5.41 -17.11 41.20
N LEU B 535 -6.69 -16.80 41.02
CA LEU B 535 -7.77 -17.39 41.81
C LEU B 535 -8.18 -18.79 41.32
N SER B 536 -9.05 -19.41 42.09
CA SER B 536 -9.68 -20.67 41.78
C SER B 536 -11.11 -20.54 42.24
N PRO B 537 -12.06 -21.16 41.50
CA PRO B 537 -13.45 -21.15 41.98
C PRO B 537 -13.59 -21.92 43.30
N GLU B 538 -12.65 -22.83 43.54
CA GLU B 538 -12.59 -23.65 44.74
C GLU B 538 -11.82 -23.02 45.91
N ILE B 539 -11.21 -21.87 45.69
CA ILE B 539 -10.52 -21.16 46.75
C ILE B 539 -11.21 -19.83 47.08
N ASN B 540 -12.03 -19.89 48.12
CA ASN B 540 -12.86 -18.76 48.51
C ASN B 540 -12.24 -17.96 49.64
N THR B 541 -11.53 -18.68 50.51
CA THR B 541 -10.84 -18.06 51.63
C THR B 541 -9.37 -18.41 51.62
N LEU B 542 -8.59 -17.62 52.34
CA LEU B 542 -7.18 -17.91 52.52
C LEU B 542 -6.95 -19.27 53.17
N ASP B 543 -7.88 -19.69 54.02
CA ASP B 543 -7.76 -20.98 54.70
C ASP B 543 -7.81 -22.13 53.70
N ASP B 544 -8.48 -21.93 52.57
CA ASP B 544 -8.53 -22.96 51.53
C ASP B 544 -7.16 -23.30 50.94
N ILE B 545 -6.30 -22.29 50.86
CA ILE B 545 -4.93 -22.46 50.35
C ILE B 545 -4.11 -23.37 51.29
N ARG B 546 -4.43 -23.30 52.58
CA ARG B 546 -3.73 -24.01 53.65
C ARG B 546 -4.07 -25.48 53.70
N LYS B 547 -5.30 -25.81 53.35
CA LYS B 547 -5.75 -27.19 53.38
C LYS B 547 -5.18 -28.06 52.24
N LEU B 548 -4.46 -27.46 51.31
CA LEU B 548 -4.03 -28.17 50.10
C LEU B 548 -2.80 -28.97 50.42
N ASP B 549 -2.71 -30.18 49.89
CA ASP B 549 -1.46 -30.94 49.90
C ASP B 549 -0.66 -30.45 48.69
N ARG B 550 0.45 -29.73 48.94
CA ARG B 550 1.28 -29.14 47.86
C ARG B 550 2.48 -29.97 47.33
N PHE B 551 2.77 -31.10 48.00
CA PHE B 551 4.02 -31.87 47.74
C PHE B 551 3.86 -32.95 46.66
N LYS B 552 3.59 -32.50 45.45
CA LYS B 552 3.35 -33.39 44.31
C LYS B 552 3.54 -32.59 43.03
N GLU B 553 3.54 -33.30 41.91
CA GLU B 553 3.42 -32.67 40.59
C GLU B 553 2.04 -32.01 40.53
N PRO B 554 1.94 -30.76 40.03
CA PRO B 554 0.66 -30.05 39.95
C PRO B 554 -0.38 -30.76 39.11
N PRO B 555 -1.57 -31.01 39.69
CA PRO B 555 -2.59 -31.72 38.92
C PRO B 555 -3.08 -30.87 37.75
N ALA B 556 -3.82 -31.51 36.84
CA ALA B 556 -4.31 -30.89 35.58
C ALA B 556 -5.52 -29.98 35.80
N TYR B 557 -6.08 -30.05 37.00
CA TYR B 557 -7.18 -29.22 37.41
C TYR B 557 -7.21 -29.26 38.93
N GLY B 558 -8.03 -28.40 39.53
CA GLY B 558 -8.12 -28.30 40.98
C GLY B 558 -7.45 -27.04 41.48
N PRO B 559 -7.64 -26.72 42.77
CA PRO B 559 -7.15 -25.45 43.32
C PRO B 559 -5.66 -25.23 43.15
N MET B 560 -4.88 -26.30 43.15
CA MET B 560 -3.46 -26.11 42.94
C MET B 560 -3.23 -25.53 41.54
N CYS B 561 -3.75 -26.21 40.51
CA CYS B 561 -3.61 -25.79 39.11
C CYS B 561 -4.01 -24.36 38.87
N ASP B 562 -5.20 -24.04 39.35
CA ASP B 562 -5.75 -22.70 39.18
C ASP B 562 -4.85 -21.63 39.81
N ILE B 563 -4.33 -21.87 41.02
CA ILE B 563 -3.41 -20.92 41.71
C ILE B 563 -2.22 -20.59 40.80
N LEU B 564 -1.76 -21.59 40.08
CA LEU B 564 -0.63 -21.43 39.20
C LEU B 564 -0.93 -20.94 37.75
N TRP B 565 -2.15 -21.18 37.22
CA TRP B 565 -2.43 -20.95 35.80
C TRP B 565 -3.53 -19.93 35.51
N SER B 566 -4.49 -19.77 36.41
CA SER B 566 -5.54 -18.79 36.18
C SER B 566 -4.90 -17.50 35.67
N ASP B 567 -5.56 -16.90 34.67
CA ASP B 567 -5.22 -15.57 34.12
C ASP B 567 -6.41 -14.67 34.28
N PRO B 568 -6.21 -13.35 34.25
CA PRO B 568 -7.41 -12.49 34.26
C PRO B 568 -8.03 -12.38 32.87
N LEU B 569 -9.29 -11.96 32.82
CA LEU B 569 -10.00 -11.74 31.56
C LEU B 569 -9.22 -10.77 30.69
N GLU B 570 -9.31 -10.96 29.39
CA GLU B 570 -8.63 -10.06 28.45
C GLU B 570 -9.20 -8.64 28.58
N ASP B 571 -10.49 -8.54 28.83
CA ASP B 571 -11.13 -7.26 29.09
C ASP B 571 -11.55 -7.16 30.56
N PHE B 572 -10.66 -7.56 31.45
CA PHE B 572 -10.86 -7.48 32.89
C PHE B 572 -11.17 -6.04 33.33
N GLY B 573 -12.32 -5.85 33.95
CA GLY B 573 -12.78 -4.50 34.35
C GLY B 573 -13.80 -3.84 33.44
N ASN B 574 -14.01 -4.37 32.24
CA ASN B 574 -15.01 -3.85 31.28
C ASN B 574 -16.01 -4.95 30.95
N GLU B 575 -16.40 -5.76 31.95
CA GLU B 575 -17.07 -7.07 31.72
C GLU B 575 -18.45 -6.92 31.11
N LYS B 576 -18.75 -7.78 30.13
CA LYS B 576 -20.06 -7.86 29.52
C LYS B 576 -20.30 -9.33 29.09
N THR B 577 -21.33 -10.00 29.63
CA THR B 577 -21.58 -11.45 29.36
C THR B 577 -20.48 -12.41 29.89
N GLN B 578 -19.72 -12.03 30.93
CA GLN B 578 -18.71 -12.95 31.54
C GLN B 578 -18.99 -13.24 33.02
N GLU B 579 -18.93 -14.53 33.37
CA GLU B 579 -19.15 -14.98 34.74
C GLU B 579 -17.81 -14.85 35.48
N HIS B 580 -17.85 -14.97 36.80
CA HIS B 580 -16.65 -14.91 37.67
C HIS B 580 -15.50 -15.72 37.04
N PHE B 581 -15.73 -16.99 36.76
CA PHE B 581 -14.71 -17.88 36.22
C PHE B 581 -15.22 -18.44 34.90
N THR B 582 -14.36 -18.45 33.90
CA THR B 582 -14.67 -18.97 32.56
C THR B 582 -13.49 -19.77 31.99
N HIS B 583 -13.76 -20.81 31.21
CA HIS B 583 -12.69 -21.69 30.71
C HIS B 583 -11.64 -20.85 29.98
N ASN B 584 -10.39 -20.94 30.45
CA ASN B 584 -9.27 -20.18 29.90
C ASN B 584 -8.78 -20.81 28.61
N THR B 585 -9.00 -20.13 27.48
CA THR B 585 -8.70 -20.74 26.17
C THR B 585 -7.28 -20.49 25.71
N VAL B 586 -6.56 -19.59 26.38
CA VAL B 586 -5.15 -19.30 26.06
C VAL B 586 -4.24 -20.39 26.62
N ARG B 587 -4.49 -20.78 27.86
CA ARG B 587 -3.73 -21.82 28.54
C ARG B 587 -4.21 -23.20 28.15
N GLY B 588 -5.52 -23.35 28.01
CA GLY B 588 -6.15 -24.67 27.84
C GLY B 588 -6.28 -25.53 29.11
N CYS B 589 -6.36 -24.86 30.25
CA CYS B 589 -6.69 -25.47 31.52
C CYS B 589 -7.06 -24.30 32.38
N SER B 590 -7.57 -24.56 33.56
CA SER B 590 -7.75 -23.44 34.50
C SER B 590 -8.73 -22.41 33.90
N TYR B 591 -9.01 -21.37 34.69
CA TYR B 591 -10.05 -20.39 34.38
C TYR B 591 -9.50 -18.99 34.08
N PHE B 592 -10.34 -18.16 33.44
CA PHE B 592 -10.17 -16.70 33.41
C PHE B 592 -10.99 -16.13 34.55
N TYR B 593 -10.40 -15.25 35.35
CA TYR B 593 -11.15 -14.60 36.42
C TYR B 593 -11.50 -13.17 36.06
N SER B 594 -12.63 -12.73 36.57
CA SER B 594 -13.14 -11.41 36.25
C SER B 594 -12.95 -10.46 37.43
N TYR B 595 -13.07 -9.16 37.13
CA TYR B 595 -13.01 -8.09 38.13
C TYR B 595 -14.00 -8.29 39.31
N PRO B 596 -15.28 -8.60 39.04
CA PRO B 596 -16.17 -8.99 40.14
C PRO B 596 -15.65 -10.19 40.98
N ALA B 597 -15.08 -11.20 40.32
CA ALA B 597 -14.53 -12.37 40.99
C ALA B 597 -13.42 -11.98 41.94
N VAL B 598 -12.52 -11.16 41.47
CA VAL B 598 -11.42 -10.69 42.28
C VAL B 598 -11.91 -9.77 43.43
N CYS B 599 -12.80 -8.82 43.09
CA CYS B 599 -13.38 -7.89 44.06
C CYS B 599 -14.14 -8.65 45.14
N ASP B 600 -14.84 -9.70 44.71
CA ASP B 600 -15.60 -10.52 45.61
C ASP B 600 -14.64 -11.13 46.61
N PHE B 601 -13.58 -11.75 46.10
CA PHE B 601 -12.57 -12.38 46.96
C PHE B 601 -11.80 -11.38 47.84
N LEU B 602 -11.53 -10.21 47.31
CA LEU B 602 -10.86 -9.17 48.11
C LEU B 602 -11.69 -8.75 49.31
N GLN B 603 -13.01 -8.78 49.18
CA GLN B 603 -13.92 -8.41 50.29
C GLN B 603 -14.09 -9.53 51.29
N HIS B 604 -14.38 -10.73 50.79
CA HIS B 604 -14.62 -11.89 51.66
C HIS B 604 -13.41 -12.17 52.55
N ASN B 605 -12.20 -11.84 52.10
CA ASN B 605 -10.99 -12.13 52.88
C ASN B 605 -10.26 -10.91 53.40
N ASN B 606 -10.94 -9.78 53.28
CA ASN B 606 -10.47 -8.52 53.85
C ASN B 606 -9.08 -8.05 53.34
N LEU B 607 -8.89 -8.17 52.03
CA LEU B 607 -7.62 -7.87 51.39
C LEU B 607 -7.71 -6.63 50.51
N LEU B 608 -6.56 -6.05 50.22
CA LEU B 608 -6.50 -4.84 49.43
C LEU B 608 -6.31 -5.09 47.93
N SER B 609 -5.47 -6.06 47.58
CA SER B 609 -5.13 -6.36 46.18
C SER B 609 -4.43 -7.70 45.99
N ILE B 610 -4.34 -8.09 44.72
CA ILE B 610 -3.67 -9.32 44.32
C ILE B 610 -2.45 -9.01 43.46
N LEU B 611 -1.31 -9.50 43.90
CA LEU B 611 -0.08 -9.45 43.13
C LEU B 611 0.18 -10.79 42.52
N ARG B 612 0.43 -10.79 41.23
CA ARG B 612 0.66 -12.01 40.50
C ARG B 612 1.66 -11.72 39.38
N ALA B 613 2.03 -12.75 38.65
CA ALA B 613 2.96 -12.62 37.56
C ALA B 613 2.82 -13.86 36.76
N HIS B 614 2.50 -13.75 35.47
CA HIS B 614 2.40 -14.96 34.65
C HIS B 614 2.43 -14.64 33.16
N GLU B 615 1.78 -13.52 32.88
CA GLU B 615 1.70 -12.96 31.55
C GLU B 615 2.77 -11.92 31.30
N ALA B 616 3.49 -12.06 30.17
CA ALA B 616 4.47 -11.04 29.78
C ALA B 616 3.82 -9.64 29.65
N GLN B 617 4.58 -8.60 29.91
CA GLN B 617 4.07 -7.21 29.87
C GLN B 617 5.06 -6.25 29.24
N ASP B 618 4.58 -5.47 28.26
CA ASP B 618 5.46 -4.58 27.52
C ASP B 618 6.25 -3.64 28.45
N ALA B 619 5.55 -3.07 29.42
CA ALA B 619 6.16 -2.16 30.38
C ALA B 619 6.75 -2.86 31.63
N GLY B 620 6.76 -4.20 31.66
CA GLY B 620 7.28 -4.95 32.82
C GLY B 620 6.25 -5.19 33.93
N TYR B 621 5.12 -4.50 33.84
CA TYR B 621 4.04 -4.66 34.80
C TYR B 621 2.72 -4.27 34.16
N ARG B 622 1.67 -4.25 34.97
CA ARG B 622 0.36 -3.84 34.53
C ARG B 622 -0.56 -3.75 35.72
N MET B 623 -1.22 -2.61 35.87
CA MET B 623 -2.19 -2.43 36.93
C MET B 623 -3.55 -2.49 36.32
N TYR B 624 -4.50 -2.90 37.10
CA TYR B 624 -5.82 -3.13 36.58
C TYR B 624 -6.79 -2.28 37.39
N ARG B 625 -8.06 -2.43 37.07
CA ARG B 625 -9.05 -1.50 37.54
C ARG B 625 -9.04 -1.38 39.05
N LYS B 626 -9.13 -0.13 39.49
CA LYS B 626 -9.14 0.18 40.90
C LYS B 626 -10.40 -0.30 41.58
N SER B 627 -10.28 -0.72 42.83
CA SER B 627 -11.46 -1.13 43.59
C SER B 627 -12.36 0.08 43.80
N GLN B 628 -13.67 -0.15 43.69
CA GLN B 628 -14.68 0.92 43.80
C GLN B 628 -14.61 1.64 45.15
N THR B 629 -14.21 0.91 46.19
CA THR B 629 -14.11 1.43 47.56
C THR B 629 -12.69 1.87 48.01
N THR B 630 -11.67 1.05 47.71
CA THR B 630 -10.30 1.29 48.22
C THR B 630 -9.59 2.39 47.42
N GLY B 631 -9.93 2.49 46.14
CA GLY B 631 -9.23 3.40 45.22
C GLY B 631 -7.85 2.90 44.80
N PHE B 632 -7.55 1.64 45.14
CA PHE B 632 -6.27 1.01 44.81
C PHE B 632 -6.47 -0.19 43.86
N PRO B 633 -5.58 -0.37 42.88
CA PRO B 633 -5.68 -1.42 41.87
C PRO B 633 -6.01 -2.77 42.45
N SER B 634 -7.09 -3.35 41.96
CA SER B 634 -7.57 -4.62 42.44
C SER B 634 -6.58 -5.75 42.11
N LEU B 635 -5.79 -5.52 41.08
CA LEU B 635 -4.92 -6.55 40.54
C LEU B 635 -3.67 -5.91 39.94
N ILE B 636 -2.52 -6.55 40.14
CA ILE B 636 -1.30 -6.10 39.53
C ILE B 636 -0.55 -7.28 38.99
N THR B 637 -0.11 -7.20 37.73
CA THR B 637 0.78 -8.20 37.15
C THR B 637 2.18 -7.65 37.26
N ILE B 638 3.14 -8.50 37.63
CA ILE B 638 4.54 -8.11 37.68
C ILE B 638 5.31 -9.09 36.82
N PHE B 639 6.23 -8.57 35.99
CA PHE B 639 7.02 -9.37 35.00
C PHE B 639 8.48 -8.92 34.93
N SER B 640 9.40 -9.81 35.31
CA SER B 640 10.77 -9.45 35.66
C SER B 640 11.80 -10.02 34.71
N ALA B 641 11.34 -10.47 33.55
CA ALA B 641 12.23 -10.90 32.48
C ALA B 641 12.26 -9.89 31.32
N PRO B 642 13.31 -9.06 31.27
CA PRO B 642 13.39 -8.01 30.25
C PRO B 642 13.79 -8.60 28.88
N ASN B 643 13.17 -8.08 27.83
CA ASN B 643 13.43 -8.54 26.46
C ASN B 643 13.25 -10.06 26.35
N TYR B 644 12.05 -10.48 26.72
CA TYR B 644 11.67 -11.88 26.80
C TYR B 644 11.83 -12.67 25.48
N LEU B 645 12.45 -13.83 25.63
CA LEU B 645 12.83 -14.72 24.50
C LEU B 645 13.81 -14.09 23.54
N ASP B 646 14.41 -12.98 23.99
CA ASP B 646 15.32 -12.13 23.18
C ASP B 646 14.61 -11.31 22.10
N VAL B 647 13.27 -11.38 22.03
CA VAL B 647 12.52 -10.76 20.94
C VAL B 647 11.42 -9.78 21.35
N TYR B 648 10.74 -10.00 22.47
CA TYR B 648 9.65 -9.10 22.86
C TYR B 648 10.09 -7.65 23.04
N ASN B 649 11.36 -7.46 23.37
CA ASN B 649 11.91 -6.13 23.49
C ASN B 649 11.16 -5.33 24.57
N ASN B 650 10.74 -6.06 25.62
CA ASN B 650 9.93 -5.50 26.70
C ASN B 650 10.76 -5.11 27.90
N LYS B 651 10.27 -4.14 28.66
CA LYS B 651 10.93 -3.79 29.88
C LYS B 651 10.49 -4.74 30.96
N ALA B 652 11.34 -4.86 31.97
CA ALA B 652 11.05 -5.69 33.14
C ALA B 652 10.70 -4.79 34.32
N ALA B 653 10.20 -5.41 35.38
CA ALA B 653 9.90 -4.68 36.56
C ALA B 653 9.85 -5.57 37.79
N VAL B 654 9.95 -4.87 38.93
CA VAL B 654 9.79 -5.44 40.25
C VAL B 654 9.02 -4.41 41.12
N LEU B 655 8.26 -4.90 42.12
CA LEU B 655 7.53 -4.03 43.06
C LEU B 655 8.30 -3.83 44.33
N LYS B 656 8.56 -2.57 44.65
CA LYS B 656 9.20 -2.24 45.90
C LYS B 656 8.19 -1.55 46.77
N TYR B 657 7.68 -2.30 47.74
CA TYR B 657 6.70 -1.79 48.69
C TYR B 657 7.35 -1.37 50.03
N GLU B 658 7.36 -0.06 50.28
CA GLU B 658 7.96 0.53 51.48
C GLU B 658 7.38 1.94 51.73
N ASN B 659 7.30 2.30 53.01
CA ASN B 659 6.71 3.58 53.43
C ASN B 659 5.34 3.82 52.82
N ASN B 660 4.58 2.74 52.74
CA ASN B 660 3.23 2.80 52.24
C ASN B 660 3.14 3.24 50.78
N VAL B 661 4.21 3.02 50.04
CA VAL B 661 4.27 3.32 48.62
C VAL B 661 4.66 2.07 47.85
N MET B 662 3.88 1.76 46.81
CA MET B 662 4.14 0.61 45.96
C MET B 662 4.84 1.15 44.72
N ASN B 663 6.17 1.24 44.79
CA ASN B 663 6.95 1.77 43.69
C ASN B 663 7.35 0.68 42.69
N ILE B 664 7.09 0.94 41.42
CA ILE B 664 7.36 -0.06 40.37
C ILE B 664 8.63 0.34 39.66
N ARG B 665 9.68 -0.42 39.87
CA ARG B 665 10.95 -0.04 39.33
C ARG B 665 11.24 -0.89 38.08
N GLN B 666 11.46 -0.22 36.95
CA GLN B 666 11.61 -0.93 35.68
C GLN B 666 13.06 -1.03 35.36
N PHE B 667 13.39 -1.92 34.43
CA PHE B 667 14.77 -2.04 33.94
C PHE B 667 14.83 -2.77 32.61
N ASN B 668 15.81 -2.39 31.80
CA ASN B 668 16.03 -3.00 30.50
C ASN B 668 16.88 -4.20 30.66
N CYS B 669 17.08 -4.93 29.58
CA CYS B 669 17.85 -6.17 29.68
C CYS B 669 19.36 -5.94 29.66
N SER B 670 20.11 -7.02 29.79
CA SER B 670 21.55 -6.97 29.79
C SER B 670 22.12 -8.10 28.88
N PRO B 671 23.40 -7.94 28.47
CA PRO B 671 23.94 -8.92 27.56
C PRO B 671 24.04 -10.28 28.19
N HIS B 672 23.98 -11.29 27.34
CA HIS B 672 24.19 -12.65 27.78
C HIS B 672 24.75 -13.50 26.67
N PRO B 673 25.47 -14.53 27.03
CA PRO B 673 26.09 -15.46 26.11
C PRO B 673 25.10 -16.15 25.19
N TYR B 674 25.63 -16.79 24.15
CA TYR B 674 24.82 -17.44 23.14
C TYR B 674 24.85 -18.96 23.23
N TRP B 675 23.71 -19.55 22.94
CA TRP B 675 23.60 -20.98 22.83
C TRP B 675 22.74 -21.23 21.60
N LEU B 676 23.03 -22.30 20.88
CA LEU B 676 22.19 -22.70 19.75
C LEU B 676 20.91 -23.29 20.28
N PRO B 677 19.82 -23.24 19.49
CA PRO B 677 18.55 -23.68 20.04
C PRO B 677 18.69 -25.07 20.59
N ASN B 678 18.13 -25.26 21.78
CA ASN B 678 18.13 -26.56 22.44
C ASN B 678 19.54 -27.16 22.67
N PHE B 679 20.52 -26.27 22.89
CA PHE B 679 21.89 -26.62 23.32
C PHE B 679 22.61 -27.58 22.37
N MET B 680 22.29 -27.48 21.11
CA MET B 680 22.94 -28.30 20.10
C MET B 680 24.41 -27.88 19.98
N ASP B 681 25.30 -28.86 19.83
CA ASP B 681 26.71 -28.57 19.57
C ASP B 681 26.85 -28.12 18.13
N VAL B 682 27.91 -27.41 17.81
CA VAL B 682 28.05 -26.83 16.46
C VAL B 682 28.15 -27.83 15.31
N PHE B 683 28.70 -29.02 15.56
CA PHE B 683 28.77 -30.04 14.52
C PHE B 683 27.39 -30.54 14.10
N THR B 684 26.62 -31.10 15.06
CA THR B 684 25.25 -31.59 14.75
C THR B 684 24.45 -30.54 14.02
N TRP B 685 24.67 -29.27 14.37
CA TRP B 685 24.03 -28.15 13.71
C TRP B 685 24.48 -27.99 12.27
N SER B 686 25.78 -27.97 12.07
CA SER B 686 26.36 -27.59 10.78
C SER B 686 26.41 -28.75 9.80
N LEU B 687 26.62 -29.96 10.32
CA LEU B 687 26.80 -31.13 9.47
C LEU B 687 25.76 -31.27 8.38
N PRO B 688 24.49 -31.21 8.73
CA PRO B 688 23.47 -31.30 7.70
C PRO B 688 23.67 -30.31 6.55
N PHE B 689 23.98 -29.07 6.88
CA PHE B 689 24.22 -28.06 5.86
C PHE B 689 25.45 -28.43 5.04
N VAL B 690 26.50 -28.91 5.71
CA VAL B 690 27.69 -29.44 5.03
C VAL B 690 27.32 -30.58 4.08
N GLY B 691 26.48 -31.50 4.57
CA GLY B 691 26.05 -32.63 3.78
C GLY B 691 25.36 -32.17 2.51
N GLU B 692 24.39 -31.29 2.68
CA GLU B 692 23.57 -30.86 1.57
C GLU B 692 24.37 -30.08 0.51
N LYS B 693 25.36 -29.30 0.94
CA LYS B 693 26.08 -28.41 0.02
C LYS B 693 27.20 -29.08 -0.77
N VAL B 694 27.86 -30.07 -0.17
CA VAL B 694 28.85 -30.87 -0.89
C VAL B 694 28.12 -31.78 -1.88
N THR B 695 26.93 -32.23 -1.49
CA THR B 695 26.11 -33.07 -2.35
C THR B 695 25.79 -32.27 -3.61
N GLU B 696 25.20 -31.10 -3.43
CA GLU B 696 24.96 -30.19 -4.57
C GLU B 696 26.22 -30.10 -5.42
N MET B 697 27.36 -29.79 -4.80
CA MET B 697 28.59 -29.62 -5.55
C MET B 697 28.81 -30.77 -6.51
N LEU B 698 28.79 -31.99 -5.98
CA LEU B 698 29.07 -33.17 -6.80
C LEU B 698 28.00 -33.39 -7.86
N VAL B 699 26.74 -33.16 -7.51
CA VAL B 699 25.62 -33.34 -8.46
C VAL B 699 25.78 -32.46 -9.71
N ASN B 700 26.50 -31.34 -9.59
CA ASN B 700 26.93 -30.51 -10.74
C ASN B 700 28.24 -31.02 -11.30
N VAL B 701 28.10 -32.25 -11.75
CA VAL B 701 29.12 -32.97 -12.41
C VAL B 701 28.26 -33.60 -13.50
N LEU B 702 28.01 -32.78 -14.52
CA LEU B 702 26.93 -32.98 -15.46
C LEU B 702 27.32 -32.56 -16.88
N ASN B 703 26.72 -33.29 -17.84
CA ASN B 703 27.03 -33.35 -19.27
C ASN B 703 25.98 -34.12 -20.09
N PHE B 793 8.68 -4.00 18.81
CA PHE B 793 7.25 -4.25 18.90
C PHE B 793 7.02 -5.64 19.51
N GLU B 794 6.24 -5.74 20.61
CA GLU B 794 5.82 -7.04 21.18
C GLU B 794 4.50 -7.61 20.59
N GLU B 795 4.56 -7.74 19.27
CA GLU B 795 3.63 -8.54 18.44
C GLU B 795 4.05 -10.02 18.45
N ALA B 796 5.22 -10.26 19.02
CA ALA B 796 5.74 -11.59 19.28
C ALA B 796 4.84 -12.38 20.26
N LYS B 797 3.96 -11.69 20.98
CA LYS B 797 2.85 -12.34 21.75
C LYS B 797 1.93 -13.16 20.84
N GLY B 798 1.74 -12.69 19.61
CA GLY B 798 1.03 -13.44 18.57
C GLY B 798 1.79 -14.65 18.06
N LEU B 799 3.11 -14.57 18.00
CA LEU B 799 3.88 -15.70 17.47
C LEU B 799 4.10 -16.79 18.54
N ASP B 800 3.96 -16.40 19.80
CA ASP B 800 4.33 -17.24 20.90
C ASP B 800 3.15 -17.91 21.57
N ARG B 801 1.94 -17.52 21.20
CA ARG B 801 0.76 -17.89 22.00
C ARG B 801 0.65 -19.41 22.20
N ILE B 802 1.14 -20.20 21.23
CA ILE B 802 1.17 -21.67 21.35
C ILE B 802 1.91 -22.15 22.60
N ASN B 803 3.01 -21.46 22.95
CA ASN B 803 3.83 -21.83 24.12
C ASN B 803 3.33 -21.30 25.47
N GLU B 804 2.31 -20.44 25.43
CA GLU B 804 1.61 -19.99 26.65
C GLU B 804 0.64 -21.09 27.16
N ARG B 805 0.44 -22.11 26.32
CA ARG B 805 -0.49 -23.23 26.61
C ARG B 805 0.15 -24.29 27.45
N MET B 806 -0.61 -24.89 28.36
CA MET B 806 -0.19 -26.11 29.04
C MET B 806 0.05 -27.19 28.02
N PRO B 807 1.17 -27.92 28.12
CA PRO B 807 1.44 -28.96 27.13
C PRO B 807 0.40 -30.09 27.16
N PRO B 808 0.37 -30.90 26.11
CA PRO B 808 -0.60 -32.00 26.01
C PRO B 808 -0.27 -33.13 26.98
N ARG B 809 -1.10 -33.28 28.01
CA ARG B 809 -0.80 -34.14 29.16
C ARG B 809 -0.87 -35.66 28.95
N ARG B 810 -0.88 -36.37 30.06
CA ARG B 810 -1.07 -37.81 30.09
C ARG B 810 -2.54 -38.12 30.36
N ASP B 811 -3.43 -37.35 29.70
CA ASP B 811 -4.86 -37.65 29.60
C ASP B 811 -5.64 -37.10 30.80
N SER C 163 -46.06 -4.70 20.57
CA SER C 163 -44.86 -5.48 21.04
C SER C 163 -44.57 -6.82 20.29
N TYR C 164 -45.37 -7.22 19.28
CA TYR C 164 -44.93 -8.33 18.42
C TYR C 164 -43.64 -7.85 17.80
N PRO C 165 -42.72 -8.77 17.50
CA PRO C 165 -41.41 -8.40 16.98
C PRO C 165 -41.49 -7.82 15.60
N LEU C 166 -40.45 -7.10 15.23
CA LEU C 166 -40.39 -6.40 13.99
C LEU C 166 -39.34 -7.03 13.07
N GLU C 167 -39.75 -7.38 11.86
CA GLU C 167 -38.85 -8.01 10.89
C GLU C 167 -38.24 -6.97 9.92
N MET C 168 -36.96 -7.17 9.61
CA MET C 168 -36.22 -6.30 8.67
C MET C 168 -35.03 -7.05 8.08
N CYS C 169 -34.55 -6.55 6.94
CA CYS C 169 -33.36 -7.12 6.29
C CYS C 169 -32.29 -6.03 6.16
N SER C 170 -31.18 -6.18 6.88
CA SER C 170 -30.08 -5.21 6.91
C SER C 170 -28.76 -5.91 7.14
N HIS C 171 -27.67 -5.15 7.06
CA HIS C 171 -26.34 -5.68 7.27
C HIS C 171 -25.79 -5.28 8.65
N PHE C 172 -26.66 -4.75 9.50
CA PHE C 172 -26.22 -4.25 10.80
C PHE C 172 -26.31 -5.34 11.82
N ASP C 173 -25.40 -5.33 12.80
CA ASP C 173 -25.46 -6.30 13.91
C ASP C 173 -26.37 -5.72 15.00
N ALA C 174 -26.70 -6.55 16.00
CA ALA C 174 -27.81 -6.24 16.94
C ALA C 174 -27.57 -4.97 17.73
N ASP C 175 -26.29 -4.74 18.03
CA ASP C 175 -25.85 -3.53 18.72
C ASP C 175 -26.04 -2.28 17.83
N GLU C 176 -25.52 -2.32 16.61
CA GLU C 176 -25.71 -1.24 15.63
C GLU C 176 -27.19 -0.88 15.45
N ILE C 177 -28.07 -1.88 15.51
CA ILE C 177 -29.52 -1.65 15.36
C ILE C 177 -30.07 -0.89 16.56
N LYS C 178 -29.59 -1.24 17.76
CA LYS C 178 -30.01 -0.58 19.00
C LYS C 178 -29.62 0.90 18.95
N ARG C 179 -28.40 1.17 18.48
CA ARG C 179 -27.92 2.55 18.36
C ARG C 179 -28.73 3.34 17.34
N LEU C 180 -28.89 2.79 16.14
CA LEU C 180 -29.74 3.41 15.16
C LEU C 180 -31.14 3.66 15.70
N GLY C 181 -31.60 2.77 16.58
CA GLY C 181 -32.87 2.96 17.29
C GLY C 181 -32.90 4.19 18.20
N LYS C 182 -31.78 4.45 18.87
CA LYS C 182 -31.65 5.66 19.74
C LYS C 182 -31.87 6.93 18.92
N ARG C 183 -31.18 7.01 17.80
CA ARG C 183 -31.23 8.17 16.96
C ARG C 183 -32.61 8.25 16.28
N PHE C 184 -33.26 7.11 16.07
CA PHE C 184 -34.61 7.10 15.50
C PHE C 184 -35.62 7.70 16.49
N LYS C 185 -35.45 7.39 17.77
CA LYS C 185 -36.37 7.85 18.82
C LYS C 185 -36.32 9.35 19.00
N LYS C 186 -35.09 9.86 19.15
CA LYS C 186 -34.83 11.30 19.31
C LYS C 186 -35.50 12.06 18.20
N LEU C 187 -35.17 11.67 16.97
CA LEU C 187 -35.83 12.21 15.77
C LEU C 187 -37.33 12.21 15.86
N ASP C 188 -37.88 11.10 16.34
CA ASP C 188 -39.32 10.95 16.51
C ASP C 188 -39.78 11.77 17.71
N LEU C 189 -40.33 12.94 17.42
CA LEU C 189 -40.78 13.87 18.48
C LEU C 189 -42.10 13.40 19.09
N ASP C 190 -43.14 13.29 18.27
CA ASP C 190 -44.48 12.79 18.69
C ASP C 190 -44.50 11.32 19.17
N ASN C 191 -43.30 10.72 19.33
CA ASN C 191 -43.13 9.31 19.74
C ASN C 191 -44.24 8.34 19.28
N SER C 192 -44.71 8.52 18.03
CA SER C 192 -45.71 7.65 17.40
C SER C 192 -45.10 6.44 16.69
N GLY C 193 -43.77 6.42 16.57
CA GLY C 193 -43.04 5.31 15.93
C GLY C 193 -42.86 5.41 14.41
N SER C 194 -43.18 6.58 13.86
CA SER C 194 -43.01 6.85 12.42
C SER C 194 -42.50 8.28 12.19
N LEU C 195 -41.43 8.39 11.40
CA LEU C 195 -40.85 9.69 11.04
C LEU C 195 -41.64 10.39 9.94
N SER C 196 -42.11 11.60 10.27
CA SER C 196 -42.91 12.44 9.34
C SER C 196 -42.06 13.52 8.68
N VAL C 197 -42.51 13.99 7.52
CA VAL C 197 -41.72 14.93 6.72
C VAL C 197 -41.26 16.10 7.61
N GLU C 198 -42.18 16.62 8.41
CA GLU C 198 -41.89 17.75 9.31
C GLU C 198 -40.91 17.34 10.41
N GLU C 199 -41.09 16.14 10.97
CA GLU C 199 -40.15 15.60 11.99
C GLU C 199 -38.70 15.52 11.47
N PHE C 200 -38.52 15.20 10.19
CA PHE C 200 -37.19 15.23 9.56
C PHE C 200 -36.66 16.66 9.51
N MET C 201 -37.47 17.54 8.91
CA MET C 201 -37.13 18.97 8.75
C MET C 201 -36.88 19.72 10.06
N SER C 202 -37.40 19.18 11.15
CA SER C 202 -37.21 19.75 12.49
C SER C 202 -35.77 19.66 13.01
N LEU C 203 -34.90 19.03 12.25
CA LEU C 203 -33.49 19.11 12.54
C LEU C 203 -32.92 20.28 11.74
N PRO C 204 -32.22 21.20 12.43
CA PRO C 204 -31.73 22.43 11.80
C PRO C 204 -30.92 22.20 10.51
N GLU C 205 -29.89 21.37 10.58
CA GLU C 205 -28.91 21.30 9.48
C GLU C 205 -29.36 20.40 8.28
N LEU C 206 -30.64 20.02 8.26
CA LEU C 206 -31.22 19.16 7.22
C LEU C 206 -32.22 19.85 6.27
N GLN C 207 -32.50 21.12 6.53
CA GLN C 207 -33.50 21.87 5.75
C GLN C 207 -32.91 22.46 4.49
N GLN C 208 -31.61 22.69 4.52
CA GLN C 208 -30.87 23.26 3.40
C GLN C 208 -30.28 22.20 2.47
N ASN C 209 -30.86 20.99 2.50
CA ASN C 209 -30.41 19.86 1.68
C ASN C 209 -31.49 19.41 0.65
N PRO C 210 -31.25 19.66 -0.65
CA PRO C 210 -32.23 19.42 -1.71
C PRO C 210 -32.73 17.97 -1.86
N LEU C 211 -31.95 17.04 -1.32
CA LEU C 211 -32.18 15.61 -1.52
C LEU C 211 -32.94 14.89 -0.41
N VAL C 212 -33.14 15.57 0.70
CA VAL C 212 -33.86 14.96 1.80
C VAL C 212 -35.19 14.48 1.26
N GLN C 213 -35.91 15.40 0.62
CA GLN C 213 -37.21 15.15 -0.02
C GLN C 213 -37.22 13.83 -0.78
N ARG C 214 -36.12 13.55 -1.47
CA ARG C 214 -35.98 12.29 -2.24
C ARG C 214 -35.71 11.08 -1.34
N VAL C 215 -34.71 11.22 -0.48
CA VAL C 215 -34.29 10.11 0.35
C VAL C 215 -35.46 9.62 1.17
N ILE C 216 -36.09 10.54 1.88
CA ILE C 216 -37.27 10.22 2.65
C ILE C 216 -38.26 9.39 1.85
N ASP C 217 -38.50 9.81 0.61
CA ASP C 217 -39.54 9.18 -0.20
C ASP C 217 -39.13 7.79 -0.70
N ILE C 218 -37.83 7.58 -0.92
CA ILE C 218 -37.33 6.25 -1.31
C ILE C 218 -37.46 5.28 -0.14
N PHE C 219 -36.99 5.70 1.05
CA PHE C 219 -37.12 4.96 2.31
C PHE C 219 -38.57 4.52 2.53
N ASP C 220 -39.52 5.39 2.21
CA ASP C 220 -40.94 5.08 2.40
C ASP C 220 -41.41 4.00 1.41
N THR C 221 -41.09 2.76 1.76
CA THR C 221 -41.38 1.58 0.95
C THR C 221 -42.86 1.28 0.83
N ASP C 222 -43.58 1.52 1.93
CA ASP C 222 -45.05 1.30 2.00
C ASP C 222 -45.89 2.44 1.35
N GLY C 223 -45.26 3.59 1.09
CA GLY C 223 -45.90 4.76 0.47
C GLY C 223 -46.87 5.55 1.33
N ASN C 224 -46.73 5.43 2.64
CA ASN C 224 -47.72 6.03 3.57
C ASN C 224 -47.39 7.47 3.94
N GLY C 225 -46.30 8.01 3.38
CA GLY C 225 -45.85 9.37 3.71
C GLY C 225 -44.82 9.40 4.81
N GLU C 226 -44.88 8.45 5.75
CA GLU C 226 -43.97 8.42 6.90
C GLU C 226 -42.97 7.26 6.84
N VAL C 227 -41.94 7.33 7.69
CA VAL C 227 -40.88 6.32 7.70
C VAL C 227 -40.84 5.58 9.01
N ASP C 228 -41.27 4.32 8.96
CA ASP C 228 -41.18 3.44 10.13
C ASP C 228 -39.75 2.96 10.39
N PHE C 229 -39.53 2.30 11.53
CA PHE C 229 -38.20 1.90 11.94
C PHE C 229 -37.54 0.90 10.98
N LYS C 230 -38.31 -0.12 10.58
CA LYS C 230 -37.83 -1.05 9.55
C LYS C 230 -37.24 -0.24 8.40
N GLU C 231 -38.09 0.61 7.80
CA GLU C 231 -37.76 1.41 6.60
C GLU C 231 -36.50 2.22 6.85
N PHE C 232 -36.48 2.94 7.97
CA PHE C 232 -35.30 3.68 8.40
C PHE C 232 -34.04 2.80 8.40
N ILE C 233 -34.10 1.65 9.07
CA ILE C 233 -32.94 0.75 9.21
C ILE C 233 -32.55 0.14 7.88
N GLU C 234 -33.54 -0.33 7.14
CA GLU C 234 -33.32 -0.85 5.80
C GLU C 234 -32.75 0.22 4.87
N GLY C 235 -33.33 1.42 4.89
CA GLY C 235 -32.82 2.55 4.10
C GLY C 235 -31.35 2.82 4.36
N VAL C 236 -31.01 3.15 5.61
CA VAL C 236 -29.63 3.43 5.99
C VAL C 236 -28.70 2.26 5.69
N SER C 237 -29.24 1.05 5.78
CA SER C 237 -28.48 -0.16 5.52
C SER C 237 -28.07 -0.24 4.06
N GLN C 238 -28.96 0.20 3.17
CA GLN C 238 -28.70 0.21 1.71
C GLN C 238 -27.70 1.31 1.34
N PHE C 239 -27.33 2.16 2.29
CA PHE C 239 -26.52 3.30 1.98
C PHE C 239 -25.05 3.13 2.29
N SER C 240 -24.73 2.42 3.35
CA SER C 240 -23.37 2.04 3.59
C SER C 240 -23.31 0.53 3.36
N VAL C 241 -23.08 0.21 2.09
CA VAL C 241 -22.92 -1.16 1.57
C VAL C 241 -21.45 -1.53 1.50
N LYS C 242 -21.16 -2.81 1.40
CA LYS C 242 -19.76 -3.22 1.30
C LYS C 242 -19.01 -2.35 0.29
N GLY C 243 -19.73 -1.78 -0.67
CA GLY C 243 -19.10 -1.07 -1.77
C GLY C 243 -19.16 -1.94 -3.00
N ASP C 244 -20.10 -2.89 -3.04
CA ASP C 244 -20.37 -3.62 -4.28
C ASP C 244 -21.06 -2.73 -5.31
N LYS C 245 -20.85 -3.04 -6.59
CA LYS C 245 -21.52 -2.38 -7.70
C LYS C 245 -22.77 -3.15 -8.08
N GLU C 246 -23.83 -2.94 -7.31
CA GLU C 246 -25.15 -3.47 -7.66
C GLU C 246 -26.25 -2.76 -6.91
N GLN C 247 -26.21 -2.81 -5.58
CA GLN C 247 -27.16 -2.03 -4.79
C GLN C 247 -26.92 -0.52 -4.88
N LYS C 248 -25.65 -0.14 -4.88
CA LYS C 248 -25.24 1.23 -5.14
C LYS C 248 -25.96 1.83 -6.32
N LEU C 249 -25.81 1.20 -7.46
CA LEU C 249 -26.57 1.57 -8.66
C LEU C 249 -28.08 1.60 -8.43
N ARG C 250 -28.60 0.58 -7.76
CA ARG C 250 -30.04 0.43 -7.54
C ARG C 250 -30.56 1.62 -6.73
N PHE C 251 -29.76 2.07 -5.79
CA PHE C 251 -30.12 3.21 -4.94
C PHE C 251 -30.12 4.49 -5.73
N ALA C 252 -29.02 4.68 -6.45
CA ALA C 252 -28.86 5.82 -7.33
C ALA C 252 -30.05 5.96 -8.29
N PHE C 253 -30.41 4.87 -8.96
CA PHE C 253 -31.55 4.88 -9.86
C PHE C 253 -32.81 5.43 -9.21
N ARG C 254 -33.07 5.05 -7.96
CA ARG C 254 -34.33 5.44 -7.28
C ARG C 254 -34.43 6.93 -6.97
N ILE C 255 -33.29 7.57 -6.80
CA ILE C 255 -33.22 9.00 -6.65
C ILE C 255 -34.01 9.68 -7.77
N TYR C 256 -33.68 9.34 -9.00
CA TYR C 256 -34.37 9.88 -10.18
C TYR C 256 -35.83 9.36 -10.39
N ASP C 257 -36.07 8.08 -10.18
CA ASP C 257 -37.37 7.49 -10.53
C ASP C 257 -38.45 7.83 -9.48
N MET C 258 -39.06 8.98 -9.62
CA MET C 258 -39.95 9.49 -8.58
C MET C 258 -41.17 8.59 -8.35
N ASP C 259 -41.82 8.14 -9.42
CA ASP C 259 -43.08 7.34 -9.31
C ASP C 259 -42.85 5.82 -9.02
N LYS C 260 -41.59 5.46 -8.80
CA LYS C 260 -41.18 4.10 -8.39
C LYS C 260 -41.58 2.97 -9.36
N ASP C 261 -41.91 3.29 -10.61
CA ASP C 261 -42.32 2.27 -11.58
C ASP C 261 -41.16 1.55 -12.25
N GLY C 262 -39.92 1.87 -11.87
CA GLY C 262 -38.72 1.28 -12.47
C GLY C 262 -38.23 1.92 -13.78
N TYR C 263 -38.81 3.04 -14.17
CA TYR C 263 -38.38 3.76 -15.39
C TYR C 263 -38.20 5.24 -15.10
N ILE C 264 -37.14 5.85 -15.62
CA ILE C 264 -36.92 7.29 -15.47
C ILE C 264 -37.47 8.06 -16.65
N SER C 265 -38.50 8.85 -16.41
CA SER C 265 -39.14 9.65 -17.46
C SER C 265 -38.43 10.97 -17.61
N ASN C 266 -38.72 11.63 -18.72
CA ASN C 266 -38.18 12.94 -18.96
C ASN C 266 -38.51 13.87 -17.80
N GLY C 267 -39.80 14.05 -17.55
CA GLY C 267 -40.25 14.96 -16.50
C GLY C 267 -39.58 14.63 -15.19
N GLU C 268 -39.55 13.33 -14.88
CA GLU C 268 -38.90 12.82 -13.68
C GLU C 268 -37.44 13.36 -13.60
N LEU C 269 -36.68 13.02 -14.62
CA LEU C 269 -35.28 13.41 -14.70
C LEU C 269 -35.14 14.92 -14.60
N PHE C 270 -36.07 15.64 -15.22
CA PHE C 270 -36.05 17.10 -15.17
C PHE C 270 -36.30 17.64 -13.76
N GLN C 271 -37.32 17.11 -13.10
CA GLN C 271 -37.73 17.61 -11.79
C GLN C 271 -36.68 17.33 -10.72
N VAL C 272 -36.11 16.14 -10.79
CA VAL C 272 -35.12 15.69 -9.81
C VAL C 272 -33.83 16.49 -9.93
N LEU C 273 -33.37 16.63 -11.15
CA LEU C 273 -32.25 17.52 -11.41
C LEU C 273 -32.59 18.95 -10.99
N LYS C 274 -33.78 19.41 -11.37
CA LYS C 274 -34.22 20.78 -11.07
C LYS C 274 -34.16 21.06 -9.56
N MET C 275 -34.38 20.03 -8.74
CA MET C 275 -34.30 20.16 -7.29
C MET C 275 -32.93 20.57 -6.84
N MET C 276 -31.94 19.87 -7.37
CA MET C 276 -30.57 20.07 -6.91
C MET C 276 -29.84 21.22 -7.62
N VAL C 277 -30.20 21.48 -8.86
CA VAL C 277 -29.55 22.56 -9.66
C VAL C 277 -30.10 23.97 -9.35
N GLY C 278 -31.34 24.00 -8.89
CA GLY C 278 -31.99 25.26 -8.50
C GLY C 278 -32.12 26.25 -9.64
N ASN C 279 -31.57 27.44 -9.43
CA ASN C 279 -31.72 28.57 -10.33
C ASN C 279 -30.44 28.95 -11.09
N ASN C 280 -29.47 28.02 -11.10
CA ASN C 280 -28.17 28.22 -11.79
C ASN C 280 -28.14 27.70 -13.24
N LEU C 281 -29.23 27.07 -13.65
CA LEU C 281 -29.47 26.79 -15.06
C LEU C 281 -30.86 27.26 -15.37
N LYS C 282 -31.00 27.85 -16.54
CA LYS C 282 -32.32 28.20 -17.04
C LYS C 282 -33.08 26.94 -17.37
N ASP C 283 -34.39 27.00 -17.30
CA ASP C 283 -35.22 25.81 -17.50
C ASP C 283 -35.11 25.29 -18.93
N THR C 284 -34.95 26.19 -19.90
CA THR C 284 -34.79 25.76 -21.28
C THR C 284 -33.49 24.92 -21.34
N GLN C 285 -32.43 25.41 -20.72
CA GLN C 285 -31.12 24.75 -20.74
C GLN C 285 -31.15 23.36 -20.11
N LEU C 286 -31.82 23.27 -18.98
CA LEU C 286 -31.88 22.03 -18.23
C LEU C 286 -32.67 21.00 -19.02
N GLN C 287 -33.79 21.43 -19.56
CA GLN C 287 -34.61 20.56 -20.41
C GLN C 287 -33.77 20.00 -21.56
N GLN C 288 -32.97 20.85 -22.19
CA GLN C 288 -32.12 20.44 -23.32
C GLN C 288 -31.17 19.29 -22.99
N ILE C 289 -30.46 19.41 -21.85
CA ILE C 289 -29.47 18.39 -21.43
C ILE C 289 -30.11 17.09 -20.93
N VAL C 290 -31.28 17.22 -20.33
CA VAL C 290 -32.12 16.06 -20.03
C VAL C 290 -32.44 15.31 -21.34
N ASP C 291 -32.95 16.07 -22.33
CA ASP C 291 -33.32 15.53 -23.64
C ASP C 291 -32.17 14.75 -24.29
N LYS C 292 -31.03 15.39 -24.40
CA LYS C 292 -29.88 14.81 -25.07
C LYS C 292 -29.39 13.57 -24.33
N THR C 293 -29.45 13.62 -23.00
CA THR C 293 -28.97 12.51 -22.20
C THR C 293 -29.81 11.29 -22.51
N ILE C 294 -31.11 11.47 -22.45
CA ILE C 294 -32.05 10.42 -22.80
C ILE C 294 -31.86 9.89 -24.21
N ILE C 295 -31.82 10.79 -25.20
CA ILE C 295 -31.71 10.37 -26.61
C ILE C 295 -30.57 9.39 -26.74
N ASN C 296 -29.44 9.74 -26.13
CA ASN C 296 -28.24 8.91 -26.16
C ASN C 296 -28.28 7.70 -25.25
N ALA C 297 -29.10 7.70 -24.21
CA ALA C 297 -29.18 6.59 -23.23
C ALA C 297 -30.26 5.56 -23.54
N ASP C 298 -31.34 6.02 -24.15
CA ASP C 298 -32.50 5.18 -24.47
C ASP C 298 -32.23 4.33 -25.69
N LYS C 299 -32.11 3.03 -25.47
CA LYS C 299 -31.72 2.08 -26.54
C LYS C 299 -32.88 1.28 -27.16
N ASP C 300 -34.05 1.35 -26.55
CA ASP C 300 -35.23 0.65 -27.12
C ASP C 300 -36.14 1.55 -27.98
N GLY C 301 -36.38 2.80 -27.52
CA GLY C 301 -37.29 3.79 -28.14
C GLY C 301 -38.49 4.35 -27.36
N ASP C 302 -38.80 3.76 -26.21
CA ASP C 302 -39.96 4.17 -25.38
C ASP C 302 -39.93 5.62 -24.88
N GLY C 303 -38.74 6.22 -24.87
CA GLY C 303 -38.57 7.59 -24.33
C GLY C 303 -38.35 7.67 -22.82
N ARG C 304 -37.99 6.53 -22.21
CA ARG C 304 -37.72 6.47 -20.77
C ARG C 304 -36.47 5.63 -20.52
N ILE C 305 -35.90 5.77 -19.32
CA ILE C 305 -34.65 5.12 -18.98
C ILE C 305 -34.91 3.95 -18.05
N SER C 306 -34.59 2.74 -18.52
CA SER C 306 -34.72 1.52 -17.71
C SER C 306 -33.56 1.43 -16.72
N PHE C 307 -33.64 0.51 -15.77
CA PHE C 307 -32.49 0.28 -14.90
C PHE C 307 -31.28 -0.15 -15.73
N GLU C 308 -31.52 -0.96 -16.75
CA GLU C 308 -30.43 -1.46 -17.58
C GLU C 308 -29.72 -0.38 -18.40
N GLU C 309 -30.52 0.43 -19.12
CA GLU C 309 -30.03 1.59 -19.89
C GLU C 309 -29.21 2.52 -18.98
N PHE C 310 -29.80 2.85 -17.83
CA PHE C 310 -29.13 3.58 -16.76
C PHE C 310 -27.73 3.05 -16.44
N CYS C 311 -27.65 1.74 -16.17
CA CYS C 311 -26.37 1.10 -15.75
C CYS C 311 -25.35 1.14 -16.87
N ALA C 312 -25.85 1.11 -18.11
CA ALA C 312 -24.99 1.29 -19.31
C ALA C 312 -24.35 2.69 -19.38
N VAL C 313 -25.08 3.70 -18.92
CA VAL C 313 -24.62 5.08 -19.06
C VAL C 313 -23.72 5.48 -17.91
N VAL C 314 -24.11 5.15 -16.70
CA VAL C 314 -23.32 5.56 -15.54
C VAL C 314 -22.00 4.80 -15.48
N GLY C 315 -22.04 3.55 -15.93
CA GLY C 315 -20.99 2.56 -15.69
C GLY C 315 -19.63 3.13 -15.97
N GLY C 316 -18.85 3.36 -14.90
CA GLY C 316 -17.50 3.93 -14.96
C GLY C 316 -17.45 5.28 -14.25
N LEU C 317 -17.41 5.27 -12.91
CA LEU C 317 -17.30 6.51 -12.13
C LEU C 317 -16.70 6.24 -10.75
N ASP C 348 -46.65 14.80 -23.14
CA ASP C 348 -46.90 14.16 -21.85
C ASP C 348 -45.62 13.92 -21.05
N ARG C 349 -45.71 14.11 -19.73
CA ARG C 349 -44.58 13.96 -18.76
C ARG C 349 -43.55 15.07 -18.88
N VAL C 350 -43.13 15.34 -20.10
CA VAL C 350 -42.07 16.32 -20.42
C VAL C 350 -42.55 17.73 -20.06
N VAL C 351 -41.64 18.54 -19.54
CA VAL C 351 -41.94 19.90 -19.11
C VAL C 351 -41.35 20.82 -20.22
N LYS C 352 -42.21 21.54 -20.93
CA LYS C 352 -41.88 22.04 -22.28
C LYS C 352 -41.01 23.28 -22.12
N ALA C 353 -40.95 24.19 -23.11
CA ALA C 353 -41.50 24.12 -24.50
C ALA C 353 -40.40 24.15 -25.58
N VAL C 354 -39.28 23.55 -25.19
CA VAL C 354 -38.06 23.63 -25.95
C VAL C 354 -38.11 22.59 -27.08
N PRO C 355 -37.75 22.98 -28.32
CA PRO C 355 -37.74 21.99 -29.39
C PRO C 355 -36.89 20.77 -29.09
N PHE C 356 -37.46 19.61 -29.36
CA PHE C 356 -36.85 18.32 -29.08
C PHE C 356 -36.01 17.98 -30.32
N PRO C 357 -34.77 17.48 -30.13
CA PRO C 357 -33.95 17.10 -31.32
C PRO C 357 -34.50 15.91 -32.11
N PRO C 358 -34.66 16.06 -33.46
CA PRO C 358 -35.19 15.03 -34.37
C PRO C 358 -34.50 13.66 -34.32
N SER C 359 -35.28 12.59 -34.30
CA SER C 359 -34.73 11.22 -34.36
C SER C 359 -34.28 10.78 -35.76
N HIS C 360 -34.91 11.35 -36.80
CA HIS C 360 -34.62 10.94 -38.18
C HIS C 360 -33.24 11.40 -38.67
N ARG C 361 -32.44 10.44 -39.10
CA ARG C 361 -31.11 10.73 -39.63
C ARG C 361 -31.26 10.91 -41.13
N LEU C 362 -30.87 12.07 -41.66
CA LEU C 362 -30.99 12.31 -43.13
C LEU C 362 -30.23 11.32 -43.98
N THR C 363 -30.88 10.89 -45.07
CA THR C 363 -30.34 9.86 -45.96
C THR C 363 -29.67 10.50 -47.14
N ALA C 364 -28.97 9.68 -47.93
CA ALA C 364 -28.25 10.19 -49.11
C ALA C 364 -29.17 10.87 -50.13
N LYS C 365 -30.44 10.45 -50.21
CA LYS C 365 -31.39 11.02 -51.17
C LYS C 365 -31.93 12.38 -50.75
N GLU C 366 -32.06 12.55 -49.45
CA GLU C 366 -32.53 13.79 -48.86
C GLU C 366 -31.47 14.91 -48.90
N VAL C 367 -30.20 14.52 -48.92
CA VAL C 367 -29.10 15.46 -48.79
C VAL C 367 -28.49 15.73 -50.17
N PHE C 368 -28.44 14.72 -51.02
CA PHE C 368 -27.78 14.85 -52.31
C PHE C 368 -28.81 14.79 -53.42
N ASP C 369 -28.62 15.59 -54.45
CA ASP C 369 -29.45 15.49 -55.66
C ASP C 369 -28.72 14.60 -56.66
N ASN C 370 -29.40 14.19 -57.72
CA ASN C 370 -28.86 13.16 -58.66
C ASN C 370 -27.50 13.45 -59.27
N ASP C 371 -27.22 14.73 -59.48
CA ASP C 371 -25.95 15.17 -60.06
C ASP C 371 -24.77 15.09 -59.07
N GLY C 372 -25.05 14.67 -57.85
CA GLY C 372 -24.01 14.51 -56.83
C GLY C 372 -23.92 15.61 -55.77
N LYS C 373 -24.44 16.79 -56.08
CA LYS C 373 -24.31 17.98 -55.23
C LYS C 373 -25.27 18.00 -54.02
N PRO C 374 -24.84 18.57 -52.86
CA PRO C 374 -25.62 18.52 -51.63
C PRO C 374 -26.58 19.69 -51.46
N ARG C 375 -27.62 19.46 -50.69
CA ARG C 375 -28.72 20.39 -50.53
C ARG C 375 -28.54 21.20 -49.27
N VAL C 376 -27.71 22.22 -49.40
CA VAL C 376 -27.42 23.13 -48.30
C VAL C 376 -28.70 23.68 -47.61
N ASP C 377 -29.71 24.04 -48.41
CA ASP C 377 -31.06 24.31 -47.91
C ASP C 377 -31.39 23.38 -46.77
N ILE C 378 -31.39 22.09 -47.09
CA ILE C 378 -31.93 21.03 -46.24
C ILE C 378 -31.02 20.71 -45.08
N LEU C 379 -29.75 20.58 -45.42
CA LEU C 379 -28.67 20.37 -44.44
C LEU C 379 -28.80 21.33 -43.26
N LYS C 380 -28.80 22.63 -43.58
CA LYS C 380 -28.88 23.70 -42.60
C LYS C 380 -30.13 23.56 -41.73
N ALA C 381 -31.28 23.35 -42.35
CA ALA C 381 -32.53 23.17 -41.62
C ALA C 381 -32.41 22.11 -40.52
N HIS C 382 -31.83 20.97 -40.87
CA HIS C 382 -31.70 19.81 -39.97
C HIS C 382 -30.69 20.07 -38.85
N LEU C 383 -29.51 20.52 -39.26
CA LEU C 383 -28.39 20.73 -38.32
C LEU C 383 -28.75 21.77 -37.28
N MET C 384 -29.52 22.78 -37.69
CA MET C 384 -29.93 23.83 -36.77
C MET C 384 -30.93 23.32 -35.76
N LYS C 385 -31.70 22.31 -36.15
CA LYS C 385 -32.64 21.62 -35.25
C LYS C 385 -31.94 20.57 -34.36
N GLU C 386 -30.61 20.57 -34.42
CA GLU C 386 -29.75 19.59 -33.75
C GLU C 386 -29.82 18.19 -34.33
N GLY C 387 -30.41 18.08 -35.53
CA GLY C 387 -30.51 16.79 -36.22
C GLY C 387 -29.15 16.27 -36.61
N ARG C 388 -29.07 14.98 -36.89
CA ARG C 388 -27.84 14.37 -37.36
C ARG C 388 -28.08 13.69 -38.70
N LEU C 389 -27.00 13.49 -39.44
CA LEU C 389 -27.04 12.81 -40.72
C LEU C 389 -26.80 11.35 -40.44
N GLU C 390 -26.67 10.57 -41.48
CA GLU C 390 -26.30 9.18 -41.30
C GLU C 390 -24.80 9.02 -41.39
N GLU C 391 -24.28 8.03 -40.66
CA GLU C 391 -22.85 7.74 -40.65
C GLU C 391 -22.33 7.67 -42.10
N SER C 392 -23.13 7.14 -43.00
CA SER C 392 -22.74 7.05 -44.43
C SER C 392 -22.76 8.42 -45.13
N VAL C 393 -23.82 9.19 -44.90
CA VAL C 393 -23.98 10.52 -45.52
C VAL C 393 -22.89 11.51 -45.09
N ALA C 394 -22.65 11.58 -43.78
CA ALA C 394 -21.52 12.33 -43.21
C ALA C 394 -20.17 11.92 -43.81
N LEU C 395 -19.92 10.62 -43.88
CA LEU C 395 -18.63 10.13 -44.40
C LEU C 395 -18.42 10.51 -45.84
N ARG C 396 -19.51 10.49 -46.59
CA ARG C 396 -19.45 10.87 -47.97
C ARG C 396 -19.09 12.35 -48.08
N ILE C 397 -19.79 13.19 -47.31
CA ILE C 397 -19.55 14.62 -47.33
C ILE C 397 -18.09 14.90 -46.98
N ILE C 398 -17.59 14.24 -45.94
CA ILE C 398 -16.23 14.52 -45.48
C ILE C 398 -15.21 14.17 -46.57
N THR C 399 -15.35 12.98 -47.13
CA THR C 399 -14.39 12.44 -48.09
C THR C 399 -14.53 13.07 -49.45
N GLU C 400 -15.75 13.39 -49.83
CA GLU C 400 -16.00 14.00 -51.13
C GLU C 400 -15.36 15.39 -51.14
N GLY C 401 -15.38 16.06 -50.00
CA GLY C 401 -14.78 17.41 -49.87
C GLY C 401 -13.28 17.36 -49.78
N ALA C 402 -12.79 16.47 -48.94
CA ALA C 402 -11.35 16.24 -48.81
C ALA C 402 -10.70 15.99 -50.17
N SER C 403 -11.36 15.20 -51.01
CA SER C 403 -10.84 14.89 -52.35
C SER C 403 -10.72 16.15 -53.20
N ILE C 404 -11.57 17.13 -52.95
CA ILE C 404 -11.45 18.41 -53.61
C ILE C 404 -10.25 19.18 -53.05
N LEU C 405 -10.07 19.12 -51.73
CA LEU C 405 -8.99 19.83 -51.07
C LEU C 405 -7.66 19.30 -51.54
N ARG C 406 -7.59 17.96 -51.57
CA ARG C 406 -6.38 17.22 -51.95
C ARG C 406 -5.80 17.73 -53.27
N GLN C 407 -6.67 18.25 -54.13
CA GLN C 407 -6.29 18.74 -55.46
C GLN C 407 -5.84 20.20 -55.45
N GLU C 408 -6.22 20.98 -54.44
CA GLU C 408 -5.84 22.39 -54.40
C GLU C 408 -4.38 22.55 -53.93
N LYS C 409 -3.69 23.57 -54.44
CA LYS C 409 -2.30 23.78 -54.07
C LYS C 409 -2.12 24.24 -52.62
N ASN C 410 -0.88 24.15 -52.13
CA ASN C 410 -0.48 24.61 -50.80
C ASN C 410 -0.80 26.06 -50.56
N LEU C 411 -0.51 26.88 -51.56
CA LEU C 411 -0.86 28.29 -51.51
C LEU C 411 -1.92 28.55 -52.59
N LEU C 412 -3.11 28.94 -52.18
CA LEU C 412 -4.16 29.21 -53.13
C LEU C 412 -3.92 30.57 -53.80
N ASP C 413 -4.60 30.76 -54.93
CA ASP C 413 -4.70 32.04 -55.61
C ASP C 413 -6.14 32.42 -55.57
N ILE C 414 -6.48 33.51 -54.91
CA ILE C 414 -7.88 33.90 -54.79
C ILE C 414 -8.01 35.35 -55.23
N ASP C 415 -9.10 35.65 -55.92
CA ASP C 415 -9.31 37.01 -56.40
C ASP C 415 -10.34 37.79 -55.63
N ALA C 416 -10.24 39.12 -55.68
CA ALA C 416 -11.25 40.00 -55.07
C ALA C 416 -12.44 40.15 -56.03
N PRO C 417 -13.68 40.32 -55.51
CA PRO C 417 -14.03 40.47 -54.12
C PRO C 417 -14.02 39.14 -53.36
N VAL C 418 -13.76 39.24 -52.05
CA VAL C 418 -13.80 38.12 -51.12
C VAL C 418 -14.29 38.56 -49.76
N THR C 419 -14.95 37.65 -49.05
CA THR C 419 -15.16 37.75 -47.62
C THR C 419 -14.14 36.85 -46.91
N VAL C 420 -13.27 37.44 -46.08
CA VAL C 420 -12.28 36.65 -45.31
C VAL C 420 -12.73 36.44 -43.86
N CYS C 421 -12.61 35.22 -43.35
CA CYS C 421 -13.10 34.91 -42.01
C CYS C 421 -11.98 34.34 -41.14
N GLY C 422 -12.09 34.60 -39.85
CA GLY C 422 -11.20 34.04 -38.87
C GLY C 422 -11.73 32.77 -38.22
N ASP C 423 -11.37 32.59 -36.96
CA ASP C 423 -11.66 31.35 -36.25
C ASP C 423 -13.15 31.26 -36.02
N ILE C 424 -13.66 30.04 -36.01
CA ILE C 424 -15.08 29.72 -35.85
C ILE C 424 -15.28 28.93 -34.55
N HIS C 425 -14.46 27.89 -34.34
CA HIS C 425 -14.42 27.14 -33.08
C HIS C 425 -15.77 26.56 -32.68
N GLY C 426 -16.37 25.85 -33.62
CA GLY C 426 -17.57 25.04 -33.36
C GLY C 426 -18.83 25.81 -32.98
N GLN C 427 -18.81 27.12 -33.18
CA GLN C 427 -19.96 27.94 -32.88
C GLN C 427 -20.88 27.97 -34.12
N PHE C 428 -21.47 26.82 -34.42
CA PHE C 428 -22.26 26.65 -35.66
C PHE C 428 -23.36 27.71 -35.85
N PHE C 429 -24.01 28.08 -34.76
CA PHE C 429 -25.13 29.00 -34.83
C PHE C 429 -24.67 30.44 -35.16
N ASP C 430 -23.41 30.74 -34.87
CA ASP C 430 -22.82 32.04 -35.22
C ASP C 430 -22.31 32.00 -36.65
N LEU C 431 -21.98 30.81 -37.14
CA LEU C 431 -21.65 30.60 -38.56
C LEU C 431 -22.82 30.95 -39.48
N MET C 432 -24.04 30.66 -39.01
CA MET C 432 -25.22 30.97 -39.81
C MET C 432 -25.33 32.48 -39.94
N LYS C 433 -25.16 33.17 -38.82
CA LYS C 433 -25.14 34.62 -38.86
C LYS C 433 -24.02 35.09 -39.77
N LEU C 434 -22.83 34.52 -39.57
CA LEU C 434 -21.64 34.92 -40.34
C LEU C 434 -21.98 35.02 -41.81
N PHE C 435 -22.64 33.98 -42.35
CA PHE C 435 -23.03 33.93 -43.77
C PHE C 435 -24.05 34.97 -44.17
N GLU C 436 -24.97 35.28 -43.28
CA GLU C 436 -25.94 36.37 -43.54
C GLU C 436 -25.26 37.72 -43.64
N VAL C 437 -24.28 37.91 -42.79
CA VAL C 437 -23.52 39.14 -42.72
C VAL C 437 -22.48 39.29 -43.85
N GLY C 438 -21.81 38.19 -44.17
CA GLY C 438 -20.74 38.22 -45.14
C GLY C 438 -21.17 38.03 -46.60
N GLY C 439 -22.45 37.75 -46.80
CA GLY C 439 -23.00 37.50 -48.15
C GLY C 439 -23.20 36.04 -48.44
N SER C 440 -24.23 35.73 -49.21
CA SER C 440 -24.57 34.34 -49.55
C SER C 440 -23.41 33.68 -50.31
N PRO C 441 -23.08 32.42 -49.95
CA PRO C 441 -21.99 31.68 -50.61
C PRO C 441 -22.23 31.49 -52.11
N ALA C 442 -23.52 31.52 -52.48
CA ALA C 442 -23.97 31.33 -53.85
C ALA C 442 -23.68 32.52 -54.71
N ASN C 443 -23.41 33.66 -54.09
CA ASN C 443 -23.25 34.93 -54.75
C ASN C 443 -21.92 35.61 -54.37
N THR C 444 -21.18 35.02 -53.42
CA THR C 444 -19.99 35.66 -52.84
C THR C 444 -18.83 34.66 -52.60
N ARG C 445 -17.62 35.18 -52.69
CA ARG C 445 -16.42 34.37 -52.49
C ARG C 445 -16.04 34.32 -51.01
N TYR C 446 -15.72 33.13 -50.54
CA TYR C 446 -15.32 32.93 -49.15
C TYR C 446 -13.89 32.39 -49.03
N LEU C 447 -13.19 32.88 -48.00
CA LEU C 447 -11.89 32.35 -47.57
C LEU C 447 -11.92 32.29 -46.06
N PHE C 448 -11.85 31.08 -45.54
CA PHE C 448 -11.81 30.87 -44.11
C PHE C 448 -10.37 30.58 -43.78
N LEU C 449 -9.87 31.18 -42.70
CA LEU C 449 -8.45 31.04 -42.31
C LEU C 449 -8.21 29.98 -41.27
N GLY C 450 -9.17 29.09 -41.01
CA GLY C 450 -8.96 27.96 -40.11
C GLY C 450 -9.68 27.98 -38.79
N ASP C 451 -9.29 27.01 -37.96
CA ASP C 451 -9.90 26.68 -36.66
C ASP C 451 -11.42 26.57 -36.74
N TYR C 452 -11.87 25.51 -37.36
CA TYR C 452 -13.31 25.22 -37.47
C TYR C 452 -13.83 24.39 -36.28
N VAL C 453 -12.89 23.75 -35.61
CA VAL C 453 -13.06 22.45 -35.02
C VAL C 453 -13.41 22.52 -33.57
N ASP C 454 -12.57 23.13 -32.76
CA ASP C 454 -12.54 22.70 -31.32
C ASP C 454 -13.27 23.73 -30.44
N ARG C 455 -13.32 23.51 -29.13
CA ARG C 455 -13.71 24.51 -28.13
C ARG C 455 -15.18 24.83 -28.04
N GLY C 456 -15.94 24.52 -29.07
CA GLY C 456 -17.35 24.86 -29.11
C GLY C 456 -18.00 23.54 -29.41
N TYR C 457 -19.25 23.41 -29.02
CA TYR C 457 -19.85 22.09 -28.98
C TYR C 457 -20.50 21.66 -30.27
N PHE C 458 -20.30 22.41 -31.34
CA PHE C 458 -20.97 22.11 -32.60
C PHE C 458 -20.01 21.96 -33.77
N SER C 459 -18.81 21.52 -33.45
CA SER C 459 -17.76 21.45 -34.45
C SER C 459 -18.12 20.58 -35.65
N ILE C 460 -18.69 19.41 -35.40
CA ILE C 460 -18.98 18.46 -36.46
C ILE C 460 -19.98 19.09 -37.44
N GLU C 461 -20.91 19.88 -36.92
CA GLU C 461 -21.90 20.53 -37.76
C GLU C 461 -21.19 21.55 -38.64
N CYS C 462 -20.31 22.36 -38.04
CA CYS C 462 -19.54 23.37 -38.80
C CYS C 462 -18.76 22.72 -39.92
N VAL C 463 -18.24 21.54 -39.63
CA VAL C 463 -17.41 20.79 -40.57
C VAL C 463 -18.24 20.23 -41.71
N LEU C 464 -19.28 19.51 -41.34
CA LEU C 464 -20.20 18.96 -42.33
C LEU C 464 -20.68 20.04 -43.27
N TYR C 465 -21.14 21.15 -42.70
CA TYR C 465 -21.73 22.24 -43.47
C TYR C 465 -20.71 22.86 -44.41
N LEU C 466 -19.55 23.21 -43.88
CA LEU C 466 -18.54 23.90 -44.68
C LEU C 466 -18.01 22.94 -45.73
N TRP C 467 -17.84 21.70 -45.35
CA TRP C 467 -17.41 20.69 -46.31
C TRP C 467 -18.46 20.47 -47.39
N ALA C 468 -19.71 20.52 -47.00
CA ALA C 468 -20.78 20.46 -47.99
C ALA C 468 -20.72 21.66 -48.93
N LEU C 469 -20.66 22.85 -48.36
CA LEU C 469 -20.51 24.05 -49.16
C LEU C 469 -19.29 24.03 -50.05
N LYS C 470 -18.24 23.32 -49.66
CA LYS C 470 -17.01 23.27 -50.45
C LYS C 470 -17.23 22.44 -51.74
N ILE C 471 -18.01 21.39 -51.64
CA ILE C 471 -18.33 20.53 -52.77
C ILE C 471 -19.19 21.30 -53.78
N LEU C 472 -20.12 22.08 -53.23
CA LEU C 472 -21.09 22.84 -53.99
C LEU C 472 -20.52 24.03 -54.73
N TYR C 473 -19.54 24.70 -54.12
CA TYR C 473 -18.91 25.92 -54.69
C TYR C 473 -17.39 25.82 -54.74
N PRO C 474 -16.90 24.75 -55.36
CA PRO C 474 -15.48 24.43 -55.32
C PRO C 474 -14.59 25.60 -55.67
N LYS C 475 -15.02 26.44 -56.61
CA LYS C 475 -14.19 27.53 -57.12
C LYS C 475 -14.40 28.87 -56.39
N THR C 476 -15.43 28.97 -55.55
CA THR C 476 -15.72 30.24 -54.87
C THR C 476 -15.60 30.17 -53.33
N LEU C 477 -15.54 28.98 -52.75
CA LEU C 477 -15.38 28.84 -51.29
C LEU C 477 -14.12 28.08 -50.88
N PHE C 478 -13.32 28.73 -50.05
CA PHE C 478 -11.99 28.25 -49.72
C PHE C 478 -11.72 28.12 -48.23
N LEU C 479 -11.10 27.01 -47.86
CA LEU C 479 -10.80 26.69 -46.49
C LEU C 479 -9.31 26.53 -46.35
N LEU C 480 -8.73 27.23 -45.37
CA LEU C 480 -7.38 26.94 -44.92
C LEU C 480 -7.38 26.06 -43.72
N ARG C 481 -6.16 25.68 -43.35
CA ARG C 481 -5.93 24.85 -42.19
C ARG C 481 -5.52 25.76 -41.08
N GLY C 482 -6.10 25.49 -39.92
CA GLY C 482 -5.73 26.18 -38.67
C GLY C 482 -5.06 25.21 -37.74
N ASN C 483 -4.41 25.70 -36.69
CA ASN C 483 -3.64 24.84 -35.80
C ASN C 483 -4.48 23.72 -35.20
N HIS C 484 -5.78 23.99 -35.06
CA HIS C 484 -6.70 23.06 -34.40
C HIS C 484 -7.10 21.85 -35.25
N GLU C 485 -6.77 21.91 -36.52
CA GLU C 485 -7.22 20.93 -37.49
C GLU C 485 -6.20 19.83 -37.57
N CYS C 486 -5.98 19.17 -36.44
CA CYS C 486 -4.99 18.10 -36.36
C CYS C 486 -5.45 17.06 -35.35
N ARG C 487 -4.72 15.95 -35.31
CA ARG C 487 -5.07 14.83 -34.44
C ARG C 487 -4.70 15.14 -33.01
N HIS C 488 -3.67 15.96 -32.83
CA HIS C 488 -3.07 16.20 -31.52
C HIS C 488 -3.98 17.06 -30.64
N LEU C 489 -4.47 18.16 -31.19
CA LEU C 489 -5.36 19.06 -30.43
C LEU C 489 -6.81 18.56 -30.26
N THR C 490 -7.32 17.85 -31.26
CA THR C 490 -8.71 17.30 -31.24
C THR C 490 -8.86 16.12 -30.26
N GLU C 491 -7.73 15.43 -30.01
CA GLU C 491 -7.62 14.42 -28.92
C GLU C 491 -7.60 15.14 -27.57
N TYR C 492 -6.88 16.25 -27.48
CA TYR C 492 -6.74 16.93 -26.21
C TYR C 492 -8.02 17.59 -25.81
N PHE C 493 -8.60 18.33 -26.74
CA PHE C 493 -9.90 18.95 -26.51
C PHE C 493 -11.05 18.03 -26.92
N THR C 494 -12.23 18.60 -27.06
CA THR C 494 -13.47 17.83 -27.11
C THR C 494 -13.99 17.39 -28.51
N PHE C 495 -13.25 17.64 -29.58
CA PHE C 495 -13.75 17.26 -30.93
C PHE C 495 -13.90 15.74 -31.13
N LYS C 496 -12.82 15.00 -30.86
CA LYS C 496 -12.86 13.55 -30.90
C LYS C 496 -14.08 13.10 -30.11
N GLN C 497 -14.25 13.69 -28.94
CA GLN C 497 -15.34 13.32 -28.07
C GLN C 497 -16.71 13.58 -28.73
N GLU C 498 -16.84 14.72 -29.40
CA GLU C 498 -18.06 15.07 -30.13
C GLU C 498 -18.39 14.02 -31.20
N CYS C 499 -17.38 13.65 -31.99
CA CYS C 499 -17.57 12.66 -33.04
C CYS C 499 -18.04 11.31 -32.54
N LYS C 500 -17.63 10.92 -31.34
CA LYS C 500 -18.05 9.64 -30.76
C LYS C 500 -19.48 9.71 -30.29
N ILE C 501 -19.80 10.77 -29.56
CA ILE C 501 -21.15 11.00 -29.03
C ILE C 501 -22.14 11.04 -30.21
N LYS C 502 -21.84 11.83 -31.23
CA LYS C 502 -22.71 11.92 -32.39
C LYS C 502 -22.00 11.10 -33.41
N TYR C 503 -22.71 10.34 -34.22
CA TYR C 503 -21.99 9.54 -35.22
C TYR C 503 -21.04 8.49 -34.54
N SER C 504 -19.83 8.32 -35.07
CA SER C 504 -18.94 7.23 -34.69
C SER C 504 -17.52 7.76 -34.69
N GLU C 505 -16.58 6.91 -34.29
CA GLU C 505 -15.17 7.29 -34.37
C GLU C 505 -14.64 7.26 -35.81
N ARG C 506 -15.39 6.67 -36.74
CA ARG C 506 -14.98 6.66 -38.15
C ARG C 506 -15.10 8.02 -38.79
N VAL C 507 -16.09 8.75 -38.34
CA VAL C 507 -16.29 10.10 -38.76
C VAL C 507 -15.11 10.99 -38.32
N TYR C 508 -14.71 10.83 -37.06
CA TYR C 508 -13.50 11.48 -36.53
C TYR C 508 -12.31 11.18 -37.41
N ASP C 509 -12.01 9.89 -37.57
CA ASP C 509 -10.87 9.45 -38.40
C ASP C 509 -10.93 10.02 -39.79
N ALA C 510 -12.14 10.07 -40.35
CA ALA C 510 -12.36 10.65 -41.67
C ALA C 510 -12.00 12.14 -41.70
N CYS C 511 -12.50 12.90 -40.70
CA CYS C 511 -12.18 14.36 -40.56
C CYS C 511 -10.67 14.62 -40.42
N MET C 512 -9.99 13.73 -39.71
CA MET C 512 -8.54 13.84 -39.53
C MET C 512 -7.81 13.75 -40.86
N ASP C 513 -8.18 12.78 -41.69
CA ASP C 513 -7.58 12.62 -43.04
C ASP C 513 -8.02 13.76 -44.00
N ALA C 514 -9.25 14.25 -43.83
CA ALA C 514 -9.72 15.43 -44.57
C ALA C 514 -8.91 16.66 -44.21
N PHE C 515 -8.72 16.86 -42.91
CA PHE C 515 -7.99 18.01 -42.44
C PHE C 515 -6.59 18.03 -42.98
N ASP C 516 -5.98 16.85 -43.13
CA ASP C 516 -4.64 16.74 -43.72
C ASP C 516 -4.55 17.42 -45.11
N CYS C 517 -5.64 17.35 -45.87
CA CYS C 517 -5.74 17.96 -47.20
C CYS C 517 -5.96 19.46 -47.22
N LEU C 518 -6.41 20.04 -46.12
CA LEU C 518 -6.52 21.49 -46.05
C LEU C 518 -5.24 22.19 -46.50
N PRO C 519 -5.36 23.17 -47.40
CA PRO C 519 -4.23 24.07 -47.76
C PRO C 519 -3.78 24.95 -46.62
N LEU C 520 -2.56 25.44 -46.70
CA LEU C 520 -1.91 26.13 -45.62
C LEU C 520 -2.05 27.62 -45.72
N ALA C 521 -2.31 28.13 -46.91
CA ALA C 521 -2.26 29.57 -47.11
C ALA C 521 -2.92 30.05 -48.39
N ALA C 522 -3.00 31.37 -48.50
CA ALA C 522 -3.68 32.02 -49.63
C ALA C 522 -3.07 33.33 -50.01
N LEU C 523 -2.81 33.47 -51.30
CA LEU C 523 -2.45 34.74 -51.85
C LEU C 523 -3.74 35.31 -52.44
N MET C 524 -4.18 36.40 -51.83
CA MET C 524 -5.45 37.00 -52.17
C MET C 524 -5.26 38.30 -52.92
N ASN C 525 -5.86 38.36 -54.10
CA ASN C 525 -5.77 39.51 -55.06
C ASN C 525 -4.35 40.04 -55.27
N GLN C 526 -3.36 39.14 -55.14
CA GLN C 526 -1.96 39.46 -55.35
C GLN C 526 -1.43 40.57 -54.45
N GLN C 527 -2.06 40.70 -53.31
CA GLN C 527 -1.73 41.77 -52.41
C GLN C 527 -1.52 41.24 -51.03
N PHE C 528 -2.37 40.30 -50.63
CA PHE C 528 -2.41 39.81 -49.29
C PHE C 528 -2.01 38.32 -49.22
N LEU C 529 -1.07 38.05 -48.32
CA LEU C 529 -0.81 36.72 -47.89
C LEU C 529 -1.79 36.40 -46.77
N CYS C 530 -2.51 35.30 -46.90
CA CYS C 530 -3.51 34.95 -45.93
C CYS C 530 -3.12 33.65 -45.27
N VAL C 531 -2.88 33.69 -43.98
CA VAL C 531 -2.41 32.57 -43.23
C VAL C 531 -3.17 32.51 -41.93
N HIS C 532 -3.29 31.32 -41.37
CA HIS C 532 -3.98 31.18 -40.06
C HIS C 532 -3.19 31.89 -38.95
N GLY C 533 -1.93 31.50 -38.80
CA GLY C 533 -1.01 32.04 -37.77
C GLY C 533 -0.07 33.17 -38.22
N GLY C 534 0.90 32.85 -39.05
CA GLY C 534 1.76 33.87 -39.62
C GLY C 534 3.04 33.29 -40.21
N LEU C 535 4.14 34.01 -39.97
CA LEU C 535 5.39 33.75 -40.65
C LEU C 535 6.19 32.61 -40.05
N SER C 536 7.29 32.30 -40.75
CA SER C 536 8.30 31.35 -40.33
C SER C 536 9.65 31.93 -40.74
N PRO C 537 10.71 31.71 -39.93
CA PRO C 537 12.03 32.21 -40.30
C PRO C 537 12.49 31.49 -41.56
N GLU C 538 11.93 30.29 -41.76
CA GLU C 538 12.26 29.42 -42.89
C GLU C 538 11.46 29.69 -44.17
N ILE C 539 10.48 30.59 -44.09
CA ILE C 539 9.69 30.94 -45.25
C ILE C 539 9.93 32.39 -45.64
N ASN C 540 10.80 32.58 -46.63
CA ASN C 540 11.25 33.91 -47.08
C ASN C 540 10.47 34.40 -48.28
N THR C 541 10.10 33.45 -49.13
CA THR C 541 9.29 33.74 -50.31
C THR C 541 8.04 32.91 -50.31
N LEU C 542 7.08 33.35 -51.11
CA LEU C 542 5.86 32.58 -51.33
C LEU C 542 6.12 31.18 -51.91
N ASP C 543 7.19 31.06 -52.70
CA ASP C 543 7.55 29.79 -53.25
C ASP C 543 7.91 28.75 -52.18
N ASP C 544 8.44 29.21 -51.05
CA ASP C 544 8.78 28.32 -49.95
C ASP C 544 7.54 27.55 -49.41
N ILE C 545 6.39 28.21 -49.46
CA ILE C 545 5.14 27.61 -48.97
C ILE C 545 4.80 26.41 -49.85
N ARG C 546 5.16 26.51 -51.12
CA ARG C 546 4.79 25.53 -52.15
C ARG C 546 5.58 24.26 -52.05
N LYS C 547 6.82 24.40 -51.61
CA LYS C 547 7.73 23.27 -51.53
C LYS C 547 7.41 22.35 -50.35
N LEU C 548 6.46 22.73 -49.51
CA LEU C 548 6.19 22.00 -48.27
C LEU C 548 5.31 20.81 -48.54
N ASP C 549 5.61 19.69 -47.88
CA ASP C 549 4.71 18.55 -47.93
C ASP C 549 3.66 18.79 -46.85
N ARG C 550 2.42 19.04 -47.25
CA ARG C 550 1.34 19.36 -46.30
C ARG C 550 0.47 18.20 -45.81
N PHE C 551 0.65 17.01 -46.39
CA PHE C 551 -0.28 15.89 -46.18
C PHE C 551 0.11 15.00 -45.05
N LYS C 552 0.07 15.56 -43.86
CA LYS C 552 0.49 14.87 -42.67
C LYS C 552 -0.07 15.60 -41.48
N GLU C 553 0.05 14.99 -40.31
CA GLU C 553 -0.17 15.68 -39.03
C GLU C 553 0.91 16.77 -38.92
N PRO C 554 0.54 18.02 -38.52
CA PRO C 554 1.51 19.14 -38.41
C PRO C 554 2.65 18.85 -37.46
N PRO C 555 3.91 18.98 -37.94
CA PRO C 555 5.02 18.66 -37.07
C PRO C 555 5.11 19.70 -35.95
N ALA C 556 5.91 19.39 -34.94
CA ALA C 556 6.01 20.19 -33.70
C ALA C 556 6.88 21.44 -33.88
N TYR C 557 7.52 21.52 -35.04
CA TYR C 557 8.33 22.66 -35.43
C TYR C 557 8.52 22.56 -36.94
N GLY C 558 9.06 23.62 -37.53
CA GLY C 558 9.27 23.67 -38.98
C GLY C 558 8.27 24.61 -39.63
N PRO C 559 8.47 24.90 -40.93
CA PRO C 559 7.64 25.91 -41.58
C PRO C 559 6.14 25.64 -41.48
N MET C 560 5.77 24.37 -41.46
CA MET C 560 4.39 23.98 -41.39
C MET C 560 3.84 24.54 -40.09
N CYS C 561 4.48 24.14 -39.00
CA CYS C 561 4.06 24.54 -37.66
C CYS C 561 3.96 26.07 -37.51
N ASP C 562 5.00 26.75 -37.92
CA ASP C 562 5.05 28.20 -37.80
C ASP C 562 3.88 28.86 -38.51
N ILE C 563 3.57 28.42 -39.74
CA ILE C 563 2.45 28.99 -40.54
C ILE C 563 1.16 28.96 -39.71
N LEU C 564 0.99 27.88 -38.97
CA LEU C 564 -0.22 27.68 -38.19
C LEU C 564 -0.23 28.25 -36.71
N TRP C 565 0.94 28.50 -36.13
CA TRP C 565 1.02 28.91 -34.71
C TRP C 565 1.71 30.27 -34.47
N SER C 566 2.64 30.66 -35.32
CA SER C 566 3.28 31.93 -35.09
C SER C 566 2.21 32.95 -34.67
N ASP C 567 2.55 33.78 -33.69
CA ASP C 567 1.77 34.95 -33.26
C ASP C 567 2.63 36.21 -33.44
N PRO C 568 2.02 37.41 -33.52
CA PRO C 568 2.86 38.60 -33.52
C PRO C 568 3.32 38.97 -32.10
N LEU C 569 4.38 39.78 -32.01
CA LEU C 569 4.89 40.24 -30.70
C LEU C 569 3.79 40.90 -29.92
N GLU C 570 3.85 40.78 -28.59
CA GLU C 570 2.87 41.42 -27.73
C GLU C 570 2.89 42.95 -27.90
N ASP C 571 4.08 43.52 -28.07
CA ASP C 571 4.22 44.96 -28.38
C ASP C 571 4.75 45.12 -29.81
N PHE C 572 4.15 44.39 -30.74
CA PHE C 572 4.43 44.46 -32.18
C PHE C 572 4.31 45.90 -32.65
N GLY C 573 5.38 46.44 -33.21
CA GLY C 573 5.40 47.84 -33.67
C GLY C 573 6.09 48.83 -32.74
N ASN C 574 6.40 48.42 -31.50
CA ASN C 574 7.17 49.24 -30.52
C ASN C 574 8.38 48.49 -30.05
N GLU C 575 9.10 47.91 -31.01
CA GLU C 575 10.20 46.92 -30.74
C GLU C 575 11.45 47.55 -30.19
N LYS C 576 12.12 46.84 -29.27
CA LYS C 576 13.45 47.22 -28.75
C LYS C 576 14.58 46.22 -28.91
N THR C 577 14.59 45.13 -28.16
CA THR C 577 15.67 44.11 -28.26
C THR C 577 15.23 42.86 -28.97
N GLN C 578 14.08 42.92 -29.61
CA GLN C 578 13.48 41.71 -30.11
C GLN C 578 14.05 41.50 -31.50
N GLU C 579 14.42 40.27 -31.79
CA GLU C 579 14.84 39.89 -33.13
C GLU C 579 13.60 39.66 -33.93
N HIS C 580 13.76 39.51 -35.24
CA HIS C 580 12.65 39.17 -36.14
C HIS C 580 11.79 38.07 -35.54
N PHE C 581 12.41 36.95 -35.19
CA PHE C 581 11.67 35.78 -34.67
C PHE C 581 12.22 35.38 -33.30
N THR C 582 11.30 35.13 -32.35
CA THR C 582 11.66 34.84 -30.95
C THR C 582 10.78 33.76 -30.36
N HIS C 583 11.31 32.96 -29.45
CA HIS C 583 10.52 31.85 -28.93
C HIS C 583 9.20 32.33 -28.36
N ASN C 584 8.11 31.79 -28.87
CA ASN C 584 6.73 32.16 -28.45
C ASN C 584 6.38 31.47 -27.14
N THR C 585 6.25 32.25 -26.08
CA THR C 585 6.04 31.68 -24.76
C THR C 585 4.58 31.45 -24.41
N VAL C 586 3.67 32.01 -25.20
CA VAL C 586 2.22 31.84 -24.99
C VAL C 586 1.78 30.47 -25.48
N ARG C 587 2.24 30.14 -26.67
CA ARG C 587 1.91 28.86 -27.32
C ARG C 587 2.77 27.74 -26.84
N GLY C 588 4.06 28.05 -26.64
CA GLY C 588 5.14 27.08 -26.64
C GLY C 588 5.46 27.03 -28.15
N CYS C 589 6.37 26.19 -28.62
CA CYS C 589 6.48 26.02 -30.09
C CYS C 589 6.71 27.34 -30.90
N SER C 590 5.94 27.61 -31.94
CA SER C 590 6.35 28.55 -33.00
C SER C 590 6.80 29.88 -32.46
N TYR C 591 7.38 30.71 -33.33
CA TYR C 591 7.99 31.97 -32.93
C TYR C 591 6.97 33.15 -32.76
N PHE C 592 7.40 34.22 -32.09
CA PHE C 592 6.75 35.51 -32.18
C PHE C 592 7.42 36.26 -33.32
N TYR C 593 6.65 36.89 -34.21
CA TYR C 593 7.24 37.72 -35.27
C TYR C 593 7.09 39.21 -34.98
N SER C 594 8.06 39.96 -35.45
CA SER C 594 8.09 41.38 -35.19
C SER C 594 7.71 42.18 -36.45
N TYR C 595 7.39 43.46 -36.24
CA TYR C 595 7.04 44.39 -37.29
C TYR C 595 8.09 44.48 -38.38
N PRO C 596 9.38 44.62 -38.00
CA PRO C 596 10.44 44.51 -39.05
C PRO C 596 10.40 43.18 -39.83
N ALA C 597 10.14 42.07 -39.12
CA ALA C 597 10.05 40.73 -39.74
C ALA C 597 8.95 40.60 -40.72
N VAL C 598 7.84 41.25 -40.44
CA VAL C 598 6.71 41.31 -41.36
C VAL C 598 6.96 42.26 -42.53
N CYS C 599 7.46 43.46 -42.21
CA CYS C 599 7.78 44.49 -43.21
C CYS C 599 8.84 43.97 -44.18
N ASP C 600 9.77 43.20 -43.64
CA ASP C 600 10.84 42.65 -44.42
C ASP C 600 10.23 41.72 -45.43
N PHE C 601 9.39 40.80 -44.96
CA PHE C 601 8.72 39.84 -45.84
C PHE C 601 7.74 40.50 -46.85
N LEU C 602 7.05 41.53 -46.41
CA LEU C 602 6.13 42.25 -47.30
C LEU C 602 6.87 42.89 -48.46
N GLN C 603 8.12 43.32 -48.25
CA GLN C 603 8.93 43.90 -49.32
C GLN C 603 9.48 42.83 -50.24
N HIS C 604 10.13 41.82 -49.67
CA HIS C 604 10.77 40.79 -50.45
C HIS C 604 9.78 40.06 -51.40
N ASN C 605 8.51 40.00 -51.03
CA ASN C 605 7.51 39.29 -51.86
C ASN C 605 6.48 40.22 -52.53
N ASN C 606 6.74 41.52 -52.43
CA ASN C 606 5.93 42.58 -53.08
C ASN C 606 4.44 42.55 -52.66
N LEU C 607 4.23 42.39 -51.35
CA LEU C 607 2.89 42.26 -50.78
C LEU C 607 2.52 43.44 -49.92
N LEU C 608 1.22 43.64 -49.76
CA LEU C 608 0.72 44.83 -49.10
C LEU C 608 0.50 44.61 -47.62
N SER C 609 0.00 43.41 -47.27
CA SER C 609 -0.33 43.08 -45.89
C SER C 609 -0.52 41.57 -45.66
N ILE C 610 -0.57 41.21 -44.37
CA ILE C 610 -0.84 39.86 -43.93
C ILE C 610 -2.16 39.77 -43.16
N LEU C 611 -3.04 38.89 -43.64
CA LEU C 611 -4.27 38.60 -42.96
C LEU C 611 -4.11 37.29 -42.26
N ARG C 612 -4.48 37.28 -41.00
CA ARG C 612 -4.37 36.10 -40.18
C ARG C 612 -5.48 36.12 -39.14
N ALA C 613 -5.56 35.05 -38.34
CA ALA C 613 -6.60 34.91 -37.34
C ALA C 613 -6.20 33.82 -36.38
N HIS C 614 -5.79 34.17 -35.18
CA HIS C 614 -5.38 33.08 -34.33
C HIS C 614 -5.55 33.45 -32.85
N GLU C 615 -5.66 34.75 -32.62
CA GLU C 615 -5.83 35.31 -31.32
C GLU C 615 -7.21 35.93 -31.22
N ALA C 616 -7.95 35.60 -30.15
CA ALA C 616 -9.24 36.21 -29.90
C ALA C 616 -9.09 37.74 -29.86
N GLN C 617 -10.14 38.46 -30.25
CA GLN C 617 -10.16 39.95 -30.25
C GLN C 617 -11.50 40.56 -29.77
N ASP C 618 -11.41 41.49 -28.83
CA ASP C 618 -12.61 42.07 -28.22
C ASP C 618 -13.55 42.63 -29.28
N ALA C 619 -12.97 43.36 -30.22
CA ALA C 619 -13.76 43.97 -31.27
C ALA C 619 -13.99 43.06 -32.48
N GLY C 620 -13.51 41.83 -32.44
CA GLY C 620 -13.66 40.90 -33.57
C GLY C 620 -12.53 41.00 -34.61
N TYR C 621 -11.73 42.03 -34.50
CA TYR C 621 -10.55 42.18 -35.34
C TYR C 621 -9.46 43.01 -34.63
N ARG C 622 -8.41 43.34 -35.36
CA ARG C 622 -7.37 44.18 -34.87
C ARG C 622 -6.45 44.51 -36.01
N MET C 623 -6.20 45.80 -36.19
CA MET C 623 -5.22 46.29 -37.18
C MET C 623 -3.92 46.61 -36.45
N TYR C 624 -2.82 46.48 -37.14
CA TYR C 624 -1.53 46.72 -36.53
C TYR C 624 -0.81 47.81 -37.31
N ARG C 625 0.42 48.10 -36.88
CA ARG C 625 1.10 49.30 -37.30
C ARG C 625 1.18 49.35 -38.82
N LYS C 626 0.87 50.55 -39.33
CA LYS C 626 0.88 50.80 -40.76
C LYS C 626 2.29 50.75 -41.30
N SER C 627 2.42 50.27 -42.52
CA SER C 627 3.71 50.25 -43.17
C SER C 627 4.15 51.69 -43.42
N GLN C 628 5.44 51.94 -43.23
CA GLN C 628 6.02 53.30 -43.38
C GLN C 628 5.83 53.85 -44.78
N THR C 629 5.80 52.97 -45.77
CA THR C 629 5.69 53.35 -47.18
C THR C 629 4.24 53.27 -47.72
N THR C 630 3.53 52.20 -47.41
CA THR C 630 2.20 51.98 -47.99
C THR C 630 1.13 52.83 -47.32
N GLY C 631 1.33 53.08 -46.02
CA GLY C 631 0.30 53.70 -45.17
C GLY C 631 -0.86 52.77 -44.79
N PHE C 632 -0.71 51.48 -45.09
CA PHE C 632 -1.77 50.48 -44.87
C PHE C 632 -1.26 49.46 -43.85
N PRO C 633 -2.14 48.99 -42.97
CA PRO C 633 -1.77 48.09 -41.89
C PRO C 633 -0.97 46.90 -42.36
N SER C 634 0.21 46.74 -41.76
CA SER C 634 1.13 45.67 -42.11
C SER C 634 0.56 44.30 -41.75
N LEU C 635 -0.36 44.29 -40.81
CA LEU C 635 -0.90 43.06 -40.26
C LEU C 635 -2.35 43.29 -39.79
N ILE C 636 -3.22 42.32 -40.03
CA ILE C 636 -4.58 42.37 -39.54
C ILE C 636 -4.96 41.02 -38.98
N THR C 637 -5.51 41.02 -37.77
CA THR C 637 -6.07 39.82 -37.19
C THR C 637 -7.55 39.86 -37.42
N ILE C 638 -8.12 38.71 -37.78
CA ILE C 638 -9.56 38.61 -37.95
C ILE C 638 -10.05 37.45 -37.06
N PHE C 639 -11.15 37.66 -36.34
CA PHE C 639 -11.72 36.70 -35.39
C PHE C 639 -13.24 36.66 -35.50
N SER C 640 -13.76 35.49 -35.86
CA SER C 640 -15.16 35.36 -36.31
C SER C 640 -16.07 34.56 -35.36
N ALA C 641 -15.61 34.34 -34.12
CA ALA C 641 -16.41 33.64 -33.11
C ALA C 641 -16.86 34.63 -32.05
N PRO C 642 -18.11 35.06 -32.16
CA PRO C 642 -18.64 36.06 -31.24
C PRO C 642 -18.95 35.44 -29.87
N ASN C 643 -18.69 36.21 -28.81
CA ASN C 643 -18.91 35.76 -27.43
C ASN C 643 -18.24 34.40 -27.19
N TYR C 644 -16.94 34.41 -27.41
CA TYR C 644 -16.10 33.21 -27.36
C TYR C 644 -16.16 32.46 -25.99
N LEU C 645 -16.34 31.13 -26.10
CA LEU C 645 -16.52 30.21 -24.96
C LEU C 645 -17.76 30.52 -24.13
N ASP C 646 -18.65 31.34 -24.72
CA ASP C 646 -19.84 31.84 -24.06
C ASP C 646 -19.55 32.94 -23.02
N VAL C 647 -18.29 33.33 -22.83
CA VAL C 647 -17.90 34.23 -21.72
C VAL C 647 -17.14 35.50 -22.10
N TYR C 648 -16.30 35.47 -23.13
CA TYR C 648 -15.54 36.68 -23.50
C TYR C 648 -16.43 37.87 -23.85
N ASN C 649 -17.66 37.60 -24.30
CA ASN C 649 -18.62 38.66 -24.59
C ASN C 649 -18.06 39.64 -25.67
N ASN C 650 -17.31 39.05 -26.60
CA ASN C 650 -16.60 39.81 -27.64
C ASN C 650 -17.40 39.83 -28.94
N LYS C 651 -17.18 40.87 -29.73
CA LYS C 651 -17.80 40.94 -31.02
C LYS C 651 -16.95 40.13 -31.98
N ALA C 652 -17.60 39.64 -33.03
CA ALA C 652 -16.92 38.89 -34.10
C ALA C 652 -16.74 39.80 -35.28
N ALA C 653 -15.95 39.35 -36.23
CA ALA C 653 -15.79 40.11 -37.48
C ALA C 653 -15.29 39.26 -38.64
N VAL C 654 -15.53 39.80 -39.82
CA VAL C 654 -15.11 39.25 -41.06
C VAL C 654 -14.65 40.39 -41.93
N LEU C 655 -13.70 40.14 -42.82
CA LEU C 655 -13.26 41.16 -43.79
C LEU C 655 -13.97 41.01 -45.12
N LYS C 656 -14.61 42.08 -45.57
CA LYS C 656 -15.21 42.10 -46.89
C LYS C 656 -14.41 43.06 -47.75
N TYR C 657 -13.59 42.49 -48.63
CA TYR C 657 -12.78 43.25 -49.55
C TYR C 657 -13.41 43.33 -50.94
N GLU C 658 -13.85 44.53 -51.28
CA GLU C 658 -14.53 44.80 -52.53
C GLU C 658 -14.46 46.28 -52.91
N ASN C 659 -14.38 46.55 -54.21
CA ASN C 659 -14.28 47.91 -54.73
C ASN C 659 -13.14 48.66 -54.07
N ASN C 660 -12.05 47.93 -53.87
CA ASN C 660 -10.84 48.50 -53.32
C ASN C 660 -11.06 49.08 -51.93
N VAL C 661 -12.04 48.52 -51.22
CA VAL C 661 -12.32 48.87 -49.83
C VAL C 661 -12.28 47.61 -48.96
N MET C 662 -11.54 47.68 -47.85
CA MET C 662 -11.43 46.59 -46.88
C MET C 662 -12.38 46.84 -45.73
N ASN C 663 -13.63 46.44 -45.89
CA ASN C 663 -14.67 46.73 -44.88
C ASN C 663 -14.75 45.66 -43.82
N ILE C 664 -14.69 46.06 -42.56
CA ILE C 664 -14.71 45.10 -41.45
C ILE C 664 -16.08 45.08 -40.86
N ARG C 665 -16.78 43.99 -41.09
CA ARG C 665 -18.14 43.94 -40.67
C ARG C 665 -18.21 43.13 -39.38
N GLN C 666 -18.74 43.73 -38.33
CA GLN C 666 -18.81 43.06 -37.02
C GLN C 666 -20.17 42.46 -36.81
N PHE C 667 -20.29 41.54 -35.87
CA PHE C 667 -21.59 41.01 -35.47
C PHE C 667 -21.56 40.36 -34.10
N ASN C 668 -22.70 40.42 -33.41
CA ASN C 668 -22.86 39.84 -32.08
C ASN C 668 -23.28 38.40 -32.21
N CYS C 669 -23.34 37.68 -31.10
CA CYS C 669 -23.55 36.24 -31.17
C CYS C 669 -25.02 35.95 -31.24
N SER C 670 -25.32 34.66 -31.34
CA SER C 670 -26.69 34.17 -31.45
C SER C 670 -26.99 33.01 -30.49
N PRO C 671 -28.27 32.74 -30.28
CA PRO C 671 -28.58 31.71 -29.33
C PRO C 671 -28.10 30.37 -29.81
N HIS C 672 -27.83 29.47 -28.86
CA HIS C 672 -27.56 28.10 -29.20
C HIS C 672 -27.94 27.16 -28.07
N PRO C 673 -28.25 25.92 -28.41
CA PRO C 673 -28.57 24.88 -27.47
C PRO C 673 -27.46 24.63 -26.46
N TYR C 674 -27.81 23.91 -25.39
CA TYR C 674 -26.91 23.76 -24.27
C TYR C 674 -26.35 22.37 -24.21
N TRP C 675 -25.09 22.29 -23.85
CA TRP C 675 -24.46 21.00 -23.61
C TRP C 675 -23.66 21.20 -22.34
N LEU C 676 -23.59 20.15 -21.53
CA LEU C 676 -22.76 20.19 -20.34
C LEU C 676 -21.32 20.05 -20.81
N PRO C 677 -20.36 20.56 -20.02
CA PRO C 677 -18.97 20.45 -20.44
C PRO C 677 -18.64 19.03 -20.84
N ASN C 678 -17.95 18.88 -21.96
CA ASN C 678 -17.50 17.58 -22.44
C ASN C 678 -18.63 16.56 -22.71
N PHE C 679 -19.82 17.06 -23.07
CA PHE C 679 -20.97 16.21 -23.50
C PHE C 679 -21.35 15.14 -22.46
N MET C 680 -21.14 15.49 -21.19
CA MET C 680 -21.49 14.65 -20.06
C MET C 680 -22.96 14.44 -20.08
N ASP C 681 -23.31 13.21 -19.76
CA ASP C 681 -24.69 12.83 -19.49
C ASP C 681 -25.06 13.44 -18.20
N VAL C 682 -26.33 13.75 -18.04
CA VAL C 682 -26.78 14.40 -16.80
C VAL C 682 -26.55 13.54 -15.56
N PHE C 683 -26.55 12.21 -15.70
CA PHE C 683 -26.32 11.33 -14.54
C PHE C 683 -24.89 11.50 -14.04
N THR C 684 -23.92 11.24 -14.92
CA THR C 684 -22.50 11.39 -14.61
C THR C 684 -22.21 12.71 -13.91
N TRP C 685 -22.86 13.74 -14.40
CA TRP C 685 -22.75 15.07 -13.86
C TRP C 685 -23.33 15.16 -12.42
N SER C 686 -24.55 14.67 -12.27
CA SER C 686 -25.32 14.88 -11.05
C SER C 686 -24.94 13.89 -9.94
N LEU C 687 -24.62 12.65 -10.33
CA LEU C 687 -24.41 11.58 -9.38
C LEU C 687 -23.47 11.97 -8.24
N PRO C 688 -22.29 12.50 -8.56
CA PRO C 688 -21.40 12.97 -7.49
C PRO C 688 -22.09 13.92 -6.47
N PHE C 689 -22.86 14.88 -6.97
CA PHE C 689 -23.58 15.79 -6.08
C PHE C 689 -24.60 15.00 -5.24
N VAL C 690 -25.29 14.06 -5.87
CA VAL C 690 -26.23 13.16 -5.15
C VAL C 690 -25.49 12.40 -4.08
N GLY C 691 -24.30 11.90 -4.41
CA GLY C 691 -23.49 11.16 -3.46
C GLY C 691 -23.17 12.01 -2.23
N GLU C 692 -22.66 13.21 -2.49
CA GLU C 692 -22.20 14.11 -1.42
C GLU C 692 -23.35 14.55 -0.52
N LYS C 693 -24.52 14.75 -1.08
CA LYS C 693 -25.63 15.34 -0.31
C LYS C 693 -26.40 14.33 0.54
N VAL C 694 -26.51 13.10 0.06
CA VAL C 694 -27.14 12.04 0.85
C VAL C 694 -26.18 11.65 1.97
N THR C 695 -24.89 11.73 1.69
CA THR C 695 -23.87 11.49 2.71
C THR C 695 -24.06 12.49 3.83
N GLU C 696 -24.04 13.79 3.51
CA GLU C 696 -24.35 14.82 4.50
C GLU C 696 -25.59 14.42 5.27
N MET C 697 -26.67 14.11 4.56
CA MET C 697 -27.93 13.80 5.25
C MET C 697 -27.69 12.78 6.35
N LEU C 698 -27.08 11.66 6.01
CA LEU C 698 -26.88 10.62 6.99
C LEU C 698 -25.95 11.05 8.12
N VAL C 699 -24.91 11.81 7.78
CA VAL C 699 -23.92 12.28 8.78
C VAL C 699 -24.57 13.17 9.84
N ASN C 700 -25.66 13.84 9.49
CA ASN C 700 -26.30 14.78 10.42
C ASN C 700 -26.94 14.15 11.69
N VAL C 701 -27.06 12.82 11.75
CA VAL C 701 -27.77 12.10 12.84
C VAL C 701 -26.78 11.21 13.66
N LEU C 702 -26.58 11.46 14.97
CA LEU C 702 -27.07 12.70 15.64
C LEU C 702 -26.07 13.82 15.46
N ASN C 703 -24.94 13.53 14.77
CA ASN C 703 -23.92 14.50 14.27
C ASN C 703 -22.44 14.00 14.09
N ILE C 704 -22.10 12.78 14.53
CA ILE C 704 -20.68 12.34 14.80
C ILE C 704 -20.38 12.33 16.31
N PHE C 793 -16.00 42.60 -20.68
CA PHE C 793 -14.62 42.76 -20.28
C PHE C 793 -13.97 41.38 -20.42
N GLU C 794 -13.12 41.23 -21.44
CA GLU C 794 -12.35 40.01 -21.61
C GLU C 794 -11.13 39.93 -20.67
N GLU C 795 -11.44 39.77 -19.38
CA GLU C 795 -10.51 39.25 -18.37
C GLU C 795 -10.46 37.73 -18.44
N ALA C 796 -11.45 37.16 -19.12
CA ALA C 796 -11.52 35.74 -19.41
C ALA C 796 -10.36 35.26 -20.31
N LYS C 797 -9.69 36.20 -21.00
CA LYS C 797 -8.43 35.89 -21.68
C LYS C 797 -7.30 35.52 -20.72
N GLY C 798 -7.32 36.14 -19.54
CA GLY C 798 -6.32 35.85 -18.54
C GLY C 798 -6.42 34.39 -18.06
N LEU C 799 -7.62 33.92 -17.73
CA LEU C 799 -7.78 32.57 -17.16
C LEU C 799 -7.86 31.43 -18.21
N ASP C 800 -8.03 31.76 -19.46
CA ASP C 800 -8.07 30.75 -20.54
C ASP C 800 -6.68 30.48 -21.13
N ARG C 801 -5.72 31.33 -20.80
CA ARG C 801 -4.47 31.33 -21.58
C ARG C 801 -3.78 29.96 -21.63
N ILE C 802 -3.99 29.15 -20.59
CA ILE C 802 -3.46 27.77 -20.53
C ILE C 802 -3.88 26.93 -21.75
N ASN C 803 -5.09 27.14 -22.26
CA ASN C 803 -5.59 26.44 -23.45
C ASN C 803 -5.18 27.05 -24.81
N GLU C 804 -4.56 28.23 -24.77
CA GLU C 804 -3.94 28.86 -25.96
C GLU C 804 -2.62 28.13 -26.34
N ARG C 805 -2.16 27.30 -25.40
CA ARG C 805 -0.91 26.54 -25.52
C ARG C 805 -1.07 25.27 -26.34
N MET C 806 -0.06 24.94 -27.15
CA MET C 806 0.01 23.61 -27.74
C MET C 806 0.03 22.56 -26.63
N PRO C 807 -0.78 21.50 -26.74
CA PRO C 807 -0.77 20.47 -25.72
C PRO C 807 0.54 19.69 -25.58
N PRO C 808 0.64 18.85 -24.50
CA PRO C 808 1.74 17.90 -24.30
C PRO C 808 1.82 16.77 -25.31
N ARG C 809 3.01 16.57 -25.89
CA ARG C 809 3.18 15.46 -26.85
C ARG C 809 2.82 14.13 -26.16
N SER D 163 -4.11 5.56 55.28
CA SER D 163 -3.15 4.41 55.19
C SER D 163 -3.21 3.57 53.89
N TYR D 164 -4.22 3.73 53.03
CA TYR D 164 -4.21 2.94 51.80
C TYR D 164 -2.94 3.36 51.08
N PRO D 165 -2.12 2.39 50.61
CA PRO D 165 -0.85 2.70 50.02
C PRO D 165 -0.99 3.45 48.72
N LEU D 166 0.11 4.05 48.30
CA LEU D 166 0.13 4.81 47.09
C LEU D 166 0.96 4.08 46.05
N GLU D 167 0.37 3.93 44.86
CA GLU D 167 0.99 3.25 43.75
C GLU D 167 1.63 4.21 42.79
N MET D 168 2.86 3.91 42.38
CA MET D 168 3.56 4.74 41.40
C MET D 168 4.66 3.95 40.70
N CYS D 169 5.07 4.42 39.53
CA CYS D 169 6.13 3.80 38.75
C CYS D 169 7.23 4.82 38.58
N SER D 170 8.37 4.58 39.21
CA SER D 170 9.52 5.47 39.15
C SER D 170 10.78 4.67 39.25
N HIS D 171 11.91 5.34 39.13
CA HIS D 171 13.20 4.67 39.28
C HIS D 171 13.93 5.15 40.55
N PHE D 172 13.20 5.77 41.46
CA PHE D 172 13.79 6.25 42.70
C PHE D 172 13.75 5.13 43.71
N ASP D 173 14.74 5.10 44.62
CA ASP D 173 14.71 4.20 45.77
C ASP D 173 13.89 4.81 46.91
N ALA D 174 13.55 3.99 47.92
CA ALA D 174 12.56 4.36 48.95
C ALA D 174 12.94 5.61 49.73
N ASP D 175 14.24 5.76 49.93
CA ASP D 175 14.82 6.89 50.60
C ASP D 175 14.63 8.17 49.74
N GLU D 176 15.03 8.11 48.47
CA GLU D 176 14.82 9.22 47.51
C GLU D 176 13.36 9.68 47.43
N ILE D 177 12.43 8.73 47.55
CA ILE D 177 11.00 9.05 47.53
C ILE D 177 10.60 9.83 48.78
N LYS D 178 11.16 9.46 49.94
CA LYS D 178 10.86 10.20 51.18
C LYS D 178 11.35 11.64 51.11
N ARG D 179 12.54 11.84 50.56
CA ARG D 179 13.12 13.19 50.37
C ARG D 179 12.28 14.03 49.40
N LEU D 180 11.98 13.47 48.24
CA LEU D 180 11.04 14.13 47.32
C LEU D 180 9.72 14.46 48.00
N GLY D 181 9.28 13.58 48.91
CA GLY D 181 8.08 13.84 49.72
C GLY D 181 8.18 15.06 50.63
N LYS D 182 9.35 15.30 51.22
CA LYS D 182 9.59 16.49 52.07
C LYS D 182 9.34 17.75 51.27
N ARG D 183 9.95 17.81 50.10
CA ARG D 183 9.81 18.99 49.25
C ARG D 183 8.39 19.11 48.73
N PHE D 184 7.71 17.99 48.56
CA PHE D 184 6.31 18.01 48.07
C PHE D 184 5.43 18.66 49.10
N LYS D 185 5.70 18.34 50.36
CA LYS D 185 4.87 18.83 51.47
C LYS D 185 4.98 20.34 51.63
N LYS D 186 6.23 20.80 51.71
CA LYS D 186 6.58 22.22 51.85
C LYS D 186 5.87 23.02 50.77
N LEU D 187 6.11 22.63 49.53
CA LEU D 187 5.42 23.19 48.37
C LEU D 187 3.89 23.19 48.53
N ASP D 188 3.34 22.10 49.07
CA ASP D 188 1.90 21.99 49.34
C ASP D 188 1.54 22.83 50.56
N LEU D 189 0.99 24.02 50.31
CA LEU D 189 0.64 24.96 51.38
C LEU D 189 -0.64 24.51 52.09
N ASP D 190 -1.76 24.43 51.36
CA ASP D 190 -3.06 23.99 51.91
C ASP D 190 -3.08 22.52 52.38
N ASN D 191 -1.90 21.89 52.44
CA ASN D 191 -1.72 20.46 52.83
C ASN D 191 -2.87 19.54 52.43
N SER D 192 -3.40 19.76 51.21
CA SER D 192 -4.46 18.93 50.65
C SER D 192 -3.92 17.69 49.96
N GLY D 193 -2.59 17.61 49.79
CA GLY D 193 -1.96 16.48 49.13
C GLY D 193 -1.94 16.60 47.61
N SER D 194 -2.20 17.80 47.09
CA SER D 194 -2.23 18.06 45.66
C SER D 194 -1.71 19.48 45.34
N LEU D 195 -0.70 19.55 44.47
CA LEU D 195 -0.11 20.83 44.03
C LEU D 195 -0.95 21.54 42.96
N SER D 196 -1.35 22.76 43.30
CA SER D 196 -2.19 23.60 42.42
C SER D 196 -1.36 24.64 41.71
N VAL D 197 -1.87 25.10 40.58
CA VAL D 197 -1.12 26.03 39.72
C VAL D 197 -0.59 27.19 40.57
N GLU D 198 -1.45 27.72 41.43
CA GLU D 198 -1.09 28.84 42.29
C GLU D 198 -0.05 28.45 43.33
N GLU D 199 -0.18 27.26 43.91
CA GLU D 199 0.82 26.72 44.86
C GLU D 199 2.24 26.63 44.23
N PHE D 200 2.30 26.28 42.95
CA PHE D 200 3.57 26.28 42.21
C PHE D 200 4.15 27.68 42.10
N MET D 201 3.31 28.58 41.58
CA MET D 201 3.69 30.00 41.42
C MET D 201 4.15 30.73 42.68
N SER D 202 3.76 30.25 43.84
CA SER D 202 4.20 30.88 45.09
C SER D 202 5.70 30.92 45.28
N LEU D 203 6.42 30.20 44.46
CA LEU D 203 7.87 30.25 44.51
C LEU D 203 8.33 31.42 43.68
N PRO D 204 9.18 32.28 44.25
CA PRO D 204 9.63 33.49 43.55
C PRO D 204 10.20 33.19 42.17
N GLU D 205 11.17 32.29 42.11
CA GLU D 205 11.97 32.12 40.89
C GLU D 205 11.28 31.23 39.83
N LEU D 206 10.00 30.90 40.06
CA LEU D 206 9.22 30.05 39.15
C LEU D 206 8.15 30.81 38.34
N GLN D 207 7.97 32.11 38.61
CA GLN D 207 6.92 32.90 37.93
C GLN D 207 7.37 33.48 36.60
N GLN D 208 8.67 33.68 36.47
CA GLN D 208 9.30 34.20 35.25
C GLN D 208 9.80 33.09 34.31
N ASN D 209 9.26 31.88 34.45
CA ASN D 209 9.69 30.71 33.65
C ASN D 209 8.56 30.23 32.72
N PRO D 210 8.71 30.46 31.41
CA PRO D 210 7.64 30.22 30.42
C PRO D 210 7.13 28.79 30.34
N LEU D 211 7.94 27.86 30.84
CA LEU D 211 7.68 26.42 30.69
C LEU D 211 6.99 25.74 31.86
N VAL D 212 6.86 26.44 32.98
CA VAL D 212 6.22 25.87 34.16
C VAL D 212 4.86 25.37 33.73
N GLN D 213 4.11 26.29 33.13
CA GLN D 213 2.79 26.02 32.52
C GLN D 213 2.71 24.68 31.80
N ARG D 214 3.74 24.37 31.02
CA ARG D 214 3.82 23.13 30.27
C ARG D 214 4.14 21.96 31.17
N VAL D 215 5.20 22.08 31.97
CA VAL D 215 5.66 20.98 32.80
C VAL D 215 4.55 20.52 33.72
N ILE D 216 3.99 21.46 34.45
CA ILE D 216 2.84 21.18 35.31
C ILE D 216 1.79 20.37 34.58
N ASP D 217 1.47 20.76 33.35
CA ASP D 217 0.37 20.12 32.61
C ASP D 217 0.72 18.73 32.12
N ILE D 218 2.00 18.50 31.82
CA ILE D 218 2.47 17.15 31.41
C ILE D 218 2.38 16.20 32.61
N PHE D 219 2.93 16.63 33.75
CA PHE D 219 2.83 15.91 35.03
C PHE D 219 1.40 15.51 35.35
N ASP D 220 0.46 16.39 35.07
CA ASP D 220 -0.94 16.12 35.37
C ASP D 220 -1.47 15.05 34.40
N THR D 221 -1.15 13.81 34.74
CA THR D 221 -1.48 12.62 33.96
C THR D 221 -3.01 12.34 33.96
N ASP D 222 -3.69 12.65 35.07
CA ASP D 222 -5.15 12.45 35.22
C ASP D 222 -5.98 13.59 34.58
N GLY D 223 -5.34 14.71 34.27
CA GLY D 223 -5.99 15.86 33.64
C GLY D 223 -6.98 16.60 34.51
N ASN D 224 -6.74 16.63 35.82
CA ASN D 224 -7.62 17.32 36.77
C ASN D 224 -7.22 18.75 37.17
N GLY D 225 -6.12 19.25 36.63
CA GLY D 225 -5.58 20.57 36.98
C GLY D 225 -4.49 20.57 38.04
N GLU D 226 -4.56 19.65 39.00
CA GLU D 226 -3.56 19.62 40.09
C GLU D 226 -2.62 18.43 39.98
N VAL D 227 -1.54 18.47 40.75
CA VAL D 227 -0.51 17.45 40.70
C VAL D 227 -0.40 16.70 42.00
N ASP D 228 -0.89 15.47 42.00
CA ASP D 228 -0.78 14.60 43.19
C ASP D 228 0.63 14.05 43.34
N PHE D 229 0.90 13.38 44.47
CA PHE D 229 2.27 12.96 44.80
C PHE D 229 2.81 11.92 43.82
N LYS D 230 1.95 10.97 43.47
CA LYS D 230 2.28 10.02 42.40
C LYS D 230 2.83 10.81 41.20
N GLU D 231 1.99 11.70 40.66
CA GLU D 231 2.27 12.46 39.44
C GLU D 231 3.59 13.21 39.59
N PHE D 232 3.73 13.92 40.70
CA PHE D 232 4.96 14.61 41.02
C PHE D 232 6.18 13.66 40.93
N ILE D 233 6.10 12.52 41.60
CA ILE D 233 7.23 11.57 41.66
C ILE D 233 7.51 10.96 40.30
N GLU D 234 6.43 10.56 39.63
CA GLU D 234 6.51 10.01 38.26
C GLU D 234 7.08 11.02 37.28
N GLY D 235 6.58 12.25 37.35
CA GLY D 235 7.10 13.34 36.53
C GLY D 235 8.60 13.50 36.70
N VAL D 236 9.03 13.82 37.92
CA VAL D 236 10.45 14.07 38.19
C VAL D 236 11.30 12.87 37.85
N SER D 237 10.71 11.69 37.98
CA SER D 237 11.37 10.42 37.66
C SER D 237 11.72 10.30 36.18
N GLN D 238 10.79 10.75 35.33
CA GLN D 238 10.95 10.71 33.87
C GLN D 238 11.49 12.07 33.50
N PHE D 239 12.80 12.17 33.56
CA PHE D 239 13.53 13.45 33.50
C PHE D 239 14.57 13.60 34.62
N SER D 240 14.67 12.65 35.56
CA SER D 240 15.90 12.55 36.33
C SER D 240 16.55 11.28 35.81
N VAL D 241 16.40 11.04 34.50
CA VAL D 241 16.56 9.66 33.98
C VAL D 241 18.04 9.27 33.89
N LYS D 242 18.29 7.96 33.87
CA LYS D 242 19.63 7.40 33.71
C LYS D 242 20.30 7.93 32.45
N GLY D 243 19.64 7.72 31.33
CA GLY D 243 20.10 8.31 30.08
C GLY D 243 19.73 7.56 28.82
N ASP D 244 18.66 6.78 28.89
CA ASP D 244 18.09 6.21 27.68
C ASP D 244 17.48 7.32 26.84
N LYS D 245 17.50 7.12 25.53
CA LYS D 245 17.06 8.16 24.63
C LYS D 245 15.53 8.30 24.51
N GLU D 246 14.76 7.22 24.66
CA GLU D 246 13.29 7.30 24.42
C GLU D 246 12.65 8.20 25.46
N GLN D 247 13.08 8.08 26.72
CA GLN D 247 12.48 8.88 27.80
C GLN D 247 12.73 10.35 27.49
N LYS D 248 14.01 10.71 27.31
CA LYS D 248 14.42 12.05 26.93
C LYS D 248 13.58 12.60 25.79
N LEU D 249 13.63 11.90 24.66
CA LEU D 249 12.80 12.25 23.51
C LEU D 249 11.31 12.30 23.82
N ARG D 250 10.84 11.31 24.57
CA ARG D 250 9.40 11.16 24.87
C ARG D 250 8.96 12.38 25.68
N PHE D 251 9.84 12.87 26.56
CA PHE D 251 9.52 14.03 27.39
C PHE D 251 9.46 15.29 26.55
N ALA D 252 10.51 15.46 25.77
CA ALA D 252 10.63 16.57 24.87
C ALA D 252 9.38 16.68 24.00
N PHE D 253 9.00 15.56 23.39
CA PHE D 253 7.81 15.55 22.53
C PHE D 253 6.59 16.12 23.25
N ARG D 254 6.38 15.78 24.52
CA ARG D 254 5.17 16.18 25.26
C ARG D 254 5.08 17.68 25.54
N ILE D 255 6.24 18.31 25.63
CA ILE D 255 6.31 19.75 25.74
C ILE D 255 5.45 20.40 24.65
N TYR D 256 5.70 20.02 23.40
CA TYR D 256 4.95 20.56 22.23
C TYR D 256 3.51 20.02 22.11
N ASP D 257 3.29 18.75 22.38
CA ASP D 257 1.97 18.14 22.16
C ASP D 257 0.99 18.52 23.27
N MET D 258 0.37 19.67 23.15
CA MET D 258 -0.48 20.19 24.23
C MET D 258 -1.66 19.29 24.54
N ASP D 259 -2.38 18.82 23.52
CA ASP D 259 -3.62 18.02 23.67
C ASP D 259 -3.37 16.51 24.00
N LYS D 260 -2.10 16.16 24.16
CA LYS D 260 -1.68 14.80 24.59
C LYS D 260 -2.15 13.64 23.69
N ASP D 261 -2.55 13.94 22.45
CA ASP D 261 -3.02 12.91 21.53
C ASP D 261 -1.90 12.16 20.80
N GLY D 262 -0.63 12.50 21.10
CA GLY D 262 0.53 11.89 20.42
C GLY D 262 0.92 12.48 19.06
N TYR D 263 0.33 13.60 18.70
CA TYR D 263 0.69 14.30 17.45
C TYR D 263 0.89 15.78 17.71
N ILE D 264 1.92 16.37 17.11
CA ILE D 264 2.15 17.83 17.23
C ILE D 264 1.50 18.57 16.05
N SER D 265 0.47 19.35 16.35
CA SER D 265 -0.22 20.12 15.32
C SER D 265 0.49 21.44 15.08
N ASN D 266 0.11 22.08 13.97
CA ASN D 266 0.63 23.39 13.67
C ASN D 266 0.36 24.35 14.81
N GLY D 267 -0.92 24.53 15.12
CA GLY D 267 -1.30 25.45 16.20
C GLY D 267 -0.57 25.15 17.49
N GLU D 268 -0.49 23.85 17.83
CA GLU D 268 0.25 23.37 19.00
C GLU D 268 1.71 23.89 18.98
N LEU D 269 2.41 23.53 17.94
CA LEU D 269 3.79 23.95 17.74
C LEU D 269 3.92 25.48 17.81
N PHE D 270 2.95 26.18 17.24
CA PHE D 270 2.95 27.64 17.24
C PHE D 270 2.81 28.21 18.64
N GLN D 271 1.83 27.70 19.38
CA GLN D 271 1.49 28.24 20.70
C GLN D 271 2.62 28.00 21.70
N VAL D 272 3.18 26.81 21.63
CA VAL D 272 4.21 26.39 22.55
C VAL D 272 5.47 27.20 22.34
N LEU D 273 5.86 27.32 21.08
CA LEU D 273 6.98 28.19 20.75
C LEU D 273 6.64 29.62 21.17
N LYS D 274 5.43 30.06 20.85
CA LYS D 274 5.00 31.44 21.13
C LYS D 274 5.14 31.78 22.61
N MET D 275 4.96 30.77 23.45
CA MET D 275 5.08 30.91 24.89
C MET D 275 6.52 31.26 25.31
N MET D 276 7.51 30.57 24.74
CA MET D 276 8.92 30.81 25.12
C MET D 276 9.58 31.97 24.36
N VAL D 277 9.15 32.21 23.13
CA VAL D 277 9.74 33.26 22.26
C VAL D 277 9.21 34.67 22.57
N GLY D 278 7.98 34.74 23.10
CA GLY D 278 7.35 36.02 23.45
C GLY D 278 7.18 36.95 22.27
N ASN D 279 7.77 38.14 22.39
CA ASN D 279 7.68 39.18 21.34
C ASN D 279 8.96 39.39 20.52
N ASN D 280 9.93 38.49 20.66
CA ASN D 280 11.16 38.60 19.87
C ASN D 280 10.95 38.24 18.41
N LEU D 281 9.80 37.65 18.10
CA LEU D 281 9.45 37.34 16.71
C LEU D 281 8.03 37.79 16.45
N LYS D 282 7.82 38.36 15.27
CA LYS D 282 6.50 38.72 14.84
C LYS D 282 5.73 37.42 14.59
N ASP D 283 4.41 37.48 14.73
CA ASP D 283 3.58 36.29 14.62
C ASP D 283 3.60 35.73 13.20
N THR D 284 3.69 36.61 12.21
CA THR D 284 3.78 36.14 10.80
C THR D 284 5.07 35.32 10.67
N GLN D 285 6.16 35.84 11.24
CA GLN D 285 7.47 35.16 11.19
C GLN D 285 7.48 33.78 11.85
N LEU D 286 6.88 33.71 13.02
CA LEU D 286 6.90 32.50 13.80
C LEU D 286 6.08 31.45 13.08
N GLN D 287 4.92 31.85 12.59
CA GLN D 287 4.07 30.96 11.83
C GLN D 287 4.84 30.37 10.66
N GLN D 288 5.60 31.20 9.98
CA GLN D 288 6.35 30.77 8.80
C GLN D 288 7.35 29.64 9.09
N ILE D 289 8.14 29.82 10.15
CA ILE D 289 9.16 28.80 10.53
C ILE D 289 8.53 27.50 11.04
N VAL D 290 7.38 27.63 11.69
CA VAL D 290 6.57 26.48 12.13
C VAL D 290 6.19 25.71 10.88
N ASP D 291 5.61 26.44 9.92
CA ASP D 291 5.19 25.85 8.63
C ASP D 291 6.31 25.05 7.93
N LYS D 292 7.45 25.71 7.71
CA LYS D 292 8.56 25.07 7.01
C LYS D 292 9.10 23.89 7.77
N THR D 293 9.13 23.98 9.10
CA THR D 293 9.68 22.90 9.91
C THR D 293 8.84 21.67 9.69
N ILE D 294 7.54 21.84 9.81
CA ILE D 294 6.56 20.77 9.55
C ILE D 294 6.67 20.19 8.13
N ILE D 295 6.65 21.04 7.12
CA ILE D 295 6.71 20.57 5.74
C ILE D 295 7.86 19.60 5.55
N ASN D 296 9.02 19.99 6.07
CA ASN D 296 10.27 19.21 6.02
C ASN D 296 10.28 18.00 6.94
N ALA D 297 9.46 18.03 8.00
CA ALA D 297 9.40 16.94 8.99
C ALA D 297 8.26 15.90 8.75
N ASP D 298 7.15 16.36 8.21
CA ASP D 298 5.95 15.52 7.98
C ASP D 298 6.06 14.62 6.76
N LYS D 299 6.12 13.32 6.99
CA LYS D 299 6.32 12.34 5.92
C LYS D 299 5.05 11.67 5.40
N ASP D 300 3.97 11.75 6.18
CA ASP D 300 2.69 11.10 5.82
C ASP D 300 1.59 12.05 5.29
N GLY D 301 1.82 13.36 5.34
CA GLY D 301 0.96 14.32 4.62
C GLY D 301 -0.20 14.89 5.41
N ASP D 302 -0.47 14.30 6.57
CA ASP D 302 -1.59 14.74 7.43
C ASP D 302 -1.52 16.18 7.93
N GLY D 303 -0.31 16.75 7.92
CA GLY D 303 -0.08 18.09 8.43
C GLY D 303 0.24 18.17 9.93
N ARG D 304 0.60 17.03 10.53
CA ARG D 304 1.02 16.98 11.96
C ARG D 304 2.26 16.11 12.14
N ILE D 305 2.92 16.25 13.29
CA ILE D 305 4.19 15.58 13.58
C ILE D 305 3.98 14.43 14.56
N SER D 306 4.27 13.22 14.11
CA SER D 306 4.19 12.02 14.95
C SER D 306 5.40 11.95 15.84
N PHE D 307 5.39 11.04 16.81
CA PHE D 307 6.61 10.83 17.60
C PHE D 307 7.76 10.38 16.70
N GLU D 308 7.46 9.54 15.72
CA GLU D 308 8.48 9.02 14.82
C GLU D 308 9.13 10.13 13.97
N GLU D 309 8.28 10.90 13.28
CA GLU D 309 8.72 12.02 12.44
C GLU D 309 9.61 12.95 13.30
N PHE D 310 9.09 13.31 14.48
CA PHE D 310 9.85 14.07 15.52
C PHE D 310 11.26 13.54 15.78
N CYS D 311 11.34 12.23 16.07
CA CYS D 311 12.62 11.58 16.43
C CYS D 311 13.58 11.59 15.26
N ALA D 312 13.02 11.53 14.04
CA ALA D 312 13.80 11.65 12.79
C ALA D 312 14.47 13.02 12.63
N VAL D 313 13.79 14.08 13.07
CA VAL D 313 14.32 15.45 12.88
C VAL D 313 15.29 15.80 14.01
N VAL D 314 15.00 15.39 15.24
CA VAL D 314 15.98 15.51 16.33
C VAL D 314 17.18 14.54 16.08
N GLY D 315 18.41 14.88 16.44
CA GLY D 315 18.75 15.92 17.44
C GLY D 315 20.03 15.59 18.24
N GLY D 316 20.43 16.53 19.09
CA GLY D 316 21.56 16.32 20.01
C GLY D 316 22.19 17.62 20.49
N ASP D 348 -7.96 25.24 10.51
CA ASP D 348 -7.34 24.22 11.33
C ASP D 348 -6.89 24.73 12.68
N ARG D 349 -5.90 24.05 13.23
CA ARG D 349 -5.19 24.47 14.41
C ARG D 349 -4.53 25.83 14.23
N VAL D 350 -4.21 26.13 12.98
CA VAL D 350 -3.19 27.13 12.63
C VAL D 350 -3.65 28.58 12.84
N VAL D 351 -2.73 29.44 13.27
CA VAL D 351 -3.00 30.90 13.42
C VAL D 351 -2.38 31.81 12.27
N LYS D 352 -3.06 31.83 11.12
CA LYS D 352 -2.47 32.39 9.89
C LYS D 352 -3.50 32.91 8.87
N ALA D 353 -3.23 34.11 8.38
CA ALA D 353 -3.63 34.56 7.06
C ALA D 353 -2.37 34.45 6.19
N VAL D 354 -1.29 33.94 6.78
CA VAL D 354 0.02 33.89 6.14
C VAL D 354 -0.02 32.72 5.14
N PRO D 355 0.40 32.94 3.88
CA PRO D 355 0.42 31.82 2.92
C PRO D 355 1.21 30.61 3.38
N PHE D 356 0.64 29.44 3.14
CA PHE D 356 1.29 28.17 3.40
C PHE D 356 2.06 27.83 2.12
N PRO D 357 3.33 27.39 2.23
CA PRO D 357 4.10 27.01 1.04
C PRO D 357 3.63 25.73 0.35
N PRO D 358 3.53 25.78 -0.97
CA PRO D 358 3.01 24.60 -1.64
C PRO D 358 3.92 23.39 -1.46
N SER D 359 3.32 22.27 -1.09
CA SER D 359 4.03 21.03 -0.95
C SER D 359 4.26 20.30 -2.29
N HIS D 360 3.51 20.66 -3.34
CA HIS D 360 3.74 20.10 -4.68
C HIS D 360 5.05 20.58 -5.30
N ARG D 361 5.89 19.62 -5.72
CA ARG D 361 7.15 19.91 -6.42
C ARG D 361 6.91 19.92 -7.95
N LEU D 362 7.15 21.04 -8.62
CA LEU D 362 6.84 21.14 -10.06
C LEU D 362 7.60 20.11 -10.89
N THR D 363 6.88 19.56 -11.86
CA THR D 363 7.41 18.51 -12.72
C THR D 363 7.94 19.09 -14.03
N ALA D 364 8.62 18.26 -14.81
CA ALA D 364 9.23 18.69 -16.08
C ALA D 364 8.19 19.21 -17.06
N LYS D 365 6.96 18.70 -16.97
CA LYS D 365 5.86 19.10 -17.86
C LYS D 365 5.27 20.44 -17.52
N GLU D 366 5.24 20.73 -16.22
CA GLU D 366 4.75 22.00 -15.71
C GLU D 366 5.73 23.17 -15.95
N VAL D 367 7.03 22.88 -16.06
CA VAL D 367 8.07 23.90 -16.14
C VAL D 367 8.56 24.08 -17.57
N PHE D 368 8.60 23.00 -18.32
CA PHE D 368 9.12 23.04 -19.68
C PHE D 368 8.04 22.79 -20.71
N ASP D 369 8.13 23.54 -21.81
CA ASP D 369 7.24 23.37 -22.95
C ASP D 369 7.96 22.50 -23.98
N ASN D 370 7.25 22.02 -25.00
CA ASN D 370 7.77 20.98 -25.91
C ASN D 370 9.09 21.29 -26.57
N ASP D 371 9.31 22.57 -26.91
CA ASP D 371 10.55 22.97 -27.61
C ASP D 371 11.73 23.08 -26.64
N GLY D 372 11.53 22.73 -25.36
CA GLY D 372 12.62 22.71 -24.39
C GLY D 372 12.68 23.87 -23.40
N LYS D 373 12.07 24.99 -23.78
CA LYS D 373 12.21 26.25 -23.05
C LYS D 373 11.33 26.29 -21.80
N PRO D 374 11.79 26.96 -20.74
CA PRO D 374 11.09 26.99 -19.49
C PRO D 374 10.05 28.11 -19.35
N ARG D 375 9.08 27.85 -18.50
CA ARG D 375 7.92 28.72 -18.34
C ARG D 375 8.14 29.64 -17.16
N VAL D 376 8.89 30.69 -17.42
CA VAL D 376 9.17 31.72 -16.43
C VAL D 376 7.90 32.19 -15.70
N ASP D 377 6.82 32.40 -16.45
CA ASP D 377 5.47 32.59 -15.94
C ASP D 377 5.31 31.78 -14.65
N ILE D 378 5.39 30.47 -14.83
CA ILE D 378 5.00 29.47 -13.84
C ILE D 378 6.05 29.32 -12.76
N LEU D 379 7.31 29.27 -13.19
CA LEU D 379 8.47 29.24 -12.29
C LEU D 379 8.38 30.30 -11.16
N LYS D 380 8.25 31.54 -11.58
CA LYS D 380 8.13 32.68 -10.68
C LYS D 380 6.98 32.51 -9.69
N ALA D 381 5.81 32.17 -10.22
CA ALA D 381 4.63 31.97 -9.39
C ALA D 381 4.91 31.02 -8.23
N HIS D 382 5.55 29.90 -8.52
CA HIS D 382 5.85 28.85 -7.55
C HIS D 382 6.92 29.27 -6.55
N LEU D 383 8.03 29.75 -7.07
CA LEU D 383 9.18 30.11 -6.23
C LEU D 383 8.84 31.25 -5.27
N MET D 384 7.99 32.17 -5.69
CA MET D 384 7.55 33.26 -4.81
C MET D 384 6.67 32.73 -3.70
N LYS D 385 5.96 31.65 -3.96
CA LYS D 385 5.12 31.01 -2.96
C LYS D 385 5.94 30.10 -2.04
N GLU D 386 7.26 30.18 -2.18
CA GLU D 386 8.23 29.31 -1.49
C GLU D 386 8.22 27.86 -1.95
N GLY D 387 7.60 27.61 -3.09
CA GLY D 387 7.55 26.28 -3.67
C GLY D 387 8.91 25.80 -4.14
N ARG D 388 9.06 24.49 -4.33
CA ARG D 388 10.30 23.91 -4.84
C ARG D 388 10.02 23.08 -6.08
N LEU D 389 11.07 22.89 -6.88
CA LEU D 389 10.98 22.12 -8.10
C LEU D 389 11.34 20.70 -7.74
N GLU D 390 11.44 19.83 -8.73
CA GLU D 390 11.92 18.49 -8.48
C GLU D 390 13.40 18.39 -8.72
N GLU D 391 14.05 17.49 -7.99
CA GLU D 391 15.50 17.32 -8.08
C GLU D 391 15.92 17.19 -9.55
N SER D 392 15.07 16.55 -10.34
CA SER D 392 15.35 16.39 -11.76
C SER D 392 15.17 17.69 -12.55
N VAL D 393 14.09 18.41 -12.25
CA VAL D 393 13.78 19.67 -12.97
C VAL D 393 14.83 20.76 -12.73
N ALA D 394 15.18 20.94 -11.46
CA ALA D 394 16.28 21.82 -11.03
C ALA D 394 17.61 21.48 -11.68
N LEU D 395 17.97 20.19 -11.66
CA LEU D 395 19.22 19.75 -12.31
C LEU D 395 19.28 20.06 -13.80
N ARG D 396 18.13 19.89 -14.46
CA ARG D 396 18.04 20.17 -15.85
C ARG D 396 18.27 21.65 -16.08
N ILE D 397 17.58 22.50 -15.32
CA ILE D 397 17.73 23.96 -15.46
C ILE D 397 19.18 24.37 -15.26
N ILE D 398 19.81 23.81 -14.23
CA ILE D 398 21.18 24.21 -13.91
C ILE D 398 22.15 23.85 -15.02
N THR D 399 22.04 22.63 -15.49
CA THR D 399 22.96 22.08 -16.51
C THR D 399 22.67 22.60 -17.91
N GLU D 400 21.40 22.79 -18.20
CA GLU D 400 21.00 23.30 -19.49
C GLU D 400 21.53 24.73 -19.66
N GLY D 401 21.55 25.47 -18.57
CA GLY D 401 22.06 26.86 -18.59
C GLY D 401 23.57 26.91 -18.64
N ALA D 402 24.19 26.11 -17.79
CA ALA D 402 25.65 26.03 -17.74
C ALA D 402 26.21 25.72 -19.13
N SER D 403 25.52 24.87 -19.89
CA SER D 403 25.94 24.50 -21.25
C SER D 403 25.90 25.66 -22.20
N ILE D 404 25.01 26.59 -21.95
CA ILE D 404 25.03 27.84 -22.69
C ILE D 404 26.22 28.73 -22.27
N LEU D 405 26.48 28.78 -20.97
CA LEU D 405 27.57 29.60 -20.44
C LEU D 405 28.89 29.13 -20.97
N ARG D 406 29.05 27.81 -20.92
CA ARG D 406 30.29 27.11 -21.31
C ARG D 406 30.73 27.55 -22.68
N GLN D 407 29.77 27.93 -23.53
CA GLN D 407 30.05 28.35 -24.90
C GLN D 407 30.41 29.86 -25.02
N GLU D 408 30.01 30.69 -24.07
CA GLU D 408 30.28 32.13 -24.16
C GLU D 408 31.76 32.39 -23.85
N LYS D 409 32.32 33.41 -24.48
CA LYS D 409 33.72 33.81 -24.22
C LYS D 409 33.96 34.38 -22.79
N ASN D 410 35.24 34.44 -22.41
CA ASN D 410 35.68 35.04 -21.14
C ASN D 410 35.24 36.48 -20.97
N LEU D 411 35.39 37.24 -22.04
CA LEU D 411 34.96 38.61 -22.03
C LEU D 411 33.83 38.71 -23.03
N LEU D 412 32.65 39.05 -22.56
CA LEU D 412 31.51 39.17 -23.46
C LEU D 412 31.61 40.47 -24.21
N ASP D 413 30.85 40.54 -25.28
CA ASP D 413 30.61 41.77 -26.02
C ASP D 413 29.12 42.03 -25.95
N ILE D 414 28.72 43.13 -25.36
CA ILE D 414 27.30 43.43 -25.16
C ILE D 414 27.01 44.83 -25.67
N ASP D 415 25.84 45.02 -26.26
CA ASP D 415 25.46 46.32 -26.83
C ASP D 415 24.42 47.09 -26.04
N ALA D 416 24.45 48.42 -26.19
CA ALA D 416 23.46 49.29 -25.55
C ALA D 416 22.21 49.35 -26.41
N PRO D 417 21.00 49.51 -25.81
CA PRO D 417 20.72 49.69 -24.40
C PRO D 417 20.82 48.42 -23.59
N VAL D 418 21.15 48.59 -22.32
CA VAL D 418 21.29 47.48 -21.38
C VAL D 418 21.04 47.96 -19.95
N THR D 419 20.47 47.08 -19.13
CA THR D 419 20.34 47.30 -17.70
C THR D 419 21.44 46.54 -17.00
N VAL D 420 22.33 47.23 -16.29
CA VAL D 420 23.42 46.55 -15.55
C VAL D 420 23.10 46.41 -14.07
N CYS D 421 23.37 45.24 -13.48
CA CYS D 421 23.00 45.00 -12.09
C CYS D 421 24.19 44.57 -11.30
N GLY D 422 24.16 44.88 -10.00
CA GLY D 422 25.18 44.46 -9.04
C GLY D 422 24.77 43.22 -8.27
N ASP D 423 25.25 43.16 -7.03
CA ASP D 423 25.13 41.95 -6.23
C ASP D 423 23.68 41.76 -5.86
N ILE D 424 23.28 40.51 -5.72
CA ILE D 424 21.90 40.10 -5.42
C ILE D 424 21.84 39.36 -4.08
N HIS D 425 22.73 38.39 -3.88
CA HIS D 425 22.96 37.74 -2.57
C HIS D 425 21.69 37.13 -2.00
N GLY D 426 21.06 36.31 -2.85
CA GLY D 426 19.99 35.43 -2.42
C GLY D 426 18.76 36.14 -1.97
N GLN D 427 18.67 37.42 -2.25
CA GLN D 427 17.47 38.18 -1.96
C GLN D 427 16.45 38.09 -3.13
N PHE D 428 15.89 36.89 -3.30
CA PHE D 428 15.03 36.59 -4.46
C PHE D 428 13.84 37.56 -4.61
N PHE D 429 13.26 37.96 -3.49
CA PHE D 429 12.08 38.81 -3.51
C PHE D 429 12.40 40.24 -3.99
N ASP D 430 13.65 40.65 -3.82
CA ASP D 430 14.09 41.93 -4.32
C ASP D 430 14.51 41.84 -5.78
N LEU D 431 14.91 40.65 -6.22
CA LEU D 431 15.14 40.39 -7.62
C LEU D 431 13.86 40.63 -8.44
N MET D 432 12.71 40.28 -7.88
CA MET D 432 11.47 40.42 -8.61
C MET D 432 11.23 41.89 -8.84
N LYS D 433 11.39 42.67 -7.77
CA LYS D 433 11.31 44.11 -7.90
C LYS D 433 12.34 44.60 -8.93
N LEU D 434 13.58 44.13 -8.81
CA LEU D 434 14.66 44.53 -9.72
C LEU D 434 14.25 44.50 -11.18
N PHE D 435 13.64 43.39 -11.60
CA PHE D 435 13.15 43.23 -12.97
C PHE D 435 12.03 44.16 -13.32
N GLU D 436 11.16 44.46 -12.35
CA GLU D 436 10.04 45.39 -12.54
C GLU D 436 10.57 46.81 -12.81
N VAL D 437 11.62 47.14 -12.10
CA VAL D 437 12.28 48.44 -12.17
C VAL D 437 13.19 48.58 -13.39
N GLY D 438 13.91 47.51 -13.70
CA GLY D 438 14.91 47.56 -14.79
C GLY D 438 14.37 47.23 -16.18
N GLY D 439 13.12 46.82 -16.25
CA GLY D 439 12.48 46.45 -17.51
C GLY D 439 12.41 44.97 -17.73
N SER D 440 11.36 44.52 -18.41
CA SER D 440 11.11 43.08 -18.64
C SER D 440 12.27 42.45 -19.43
N PRO D 441 12.74 41.26 -19.00
CA PRO D 441 13.80 40.54 -19.71
C PRO D 441 13.45 40.21 -21.15
N ALA D 442 12.14 40.11 -21.41
CA ALA D 442 11.59 39.97 -22.72
C ALA D 442 11.58 41.44 -23.06
N ASN D 443 12.32 41.93 -24.03
CA ASN D 443 12.21 43.35 -24.38
C ASN D 443 13.34 44.25 -23.80
N THR D 444 14.11 43.73 -22.83
CA THR D 444 15.26 44.45 -22.29
C THR D 444 16.53 43.60 -22.19
N ARG D 445 17.67 44.22 -22.40
CA ARG D 445 18.96 43.55 -22.24
C ARG D 445 19.47 43.62 -20.81
N TYR D 446 19.90 42.48 -20.26
CA TYR D 446 20.42 42.42 -18.90
C TYR D 446 21.86 41.97 -18.85
N LEU D 447 22.59 42.57 -17.92
CA LEU D 447 23.93 42.11 -17.56
C LEU D 447 23.98 42.15 -16.06
N PHE D 448 24.20 40.99 -15.46
CA PHE D 448 24.40 40.88 -14.01
C PHE D 448 25.88 40.69 -13.75
N LEU D 449 26.44 41.43 -12.79
CA LEU D 449 27.88 41.43 -12.55
C LEU D 449 28.26 40.52 -11.42
N GLY D 450 27.29 39.81 -10.89
CA GLY D 450 27.31 39.71 -9.46
C GLY D 450 27.25 38.40 -8.75
N ASP D 451 27.15 38.55 -7.44
CA ASP D 451 27.16 37.50 -6.46
C ASP D 451 25.71 37.17 -6.39
N TYR D 452 25.31 36.02 -6.92
CA TYR D 452 23.88 35.62 -6.92
C TYR D 452 23.50 34.88 -5.62
N VAL D 453 24.48 34.43 -4.88
CA VAL D 453 24.18 33.51 -3.84
C VAL D 453 24.89 33.92 -2.59
N ASP D 454 24.48 33.27 -1.52
CA ASP D 454 25.19 33.20 -0.25
C ASP D 454 24.73 33.90 0.96
N ARG D 455 24.32 35.14 0.91
CA ARG D 455 24.19 35.78 2.22
C ARG D 455 22.76 35.87 2.59
N GLY D 456 21.92 35.34 1.72
CA GLY D 456 20.50 35.53 1.80
C GLY D 456 19.95 34.15 1.68
N TYR D 457 18.73 33.96 2.16
CA TYR D 457 18.22 32.63 2.33
C TYR D 457 17.49 32.09 1.10
N PHE D 458 17.57 32.80 -0.01
CA PHE D 458 16.87 32.37 -1.23
C PHE D 458 17.77 32.23 -2.44
N SER D 459 19.01 31.86 -2.20
CA SER D 459 20.00 31.79 -3.26
C SER D 459 19.64 30.82 -4.38
N ILE D 460 19.15 29.64 -4.00
CA ILE D 460 18.84 28.60 -4.99
C ILE D 460 17.73 29.09 -5.91
N GLU D 461 16.79 29.85 -5.37
CA GLU D 461 15.70 30.40 -6.17
C GLU D 461 16.23 31.40 -7.17
N CYS D 462 17.12 32.29 -6.71
CA CYS D 462 17.74 33.29 -7.60
C CYS D 462 18.49 32.63 -8.73
N VAL D 463 19.12 31.52 -8.41
CA VAL D 463 19.91 30.76 -9.37
C VAL D 463 19.02 30.06 -10.38
N LEU D 464 18.09 29.26 -9.88
CA LEU D 464 17.14 28.60 -10.74
C LEU D 464 16.47 29.57 -11.72
N TYR D 465 15.97 30.68 -11.18
CA TYR D 465 15.27 31.68 -11.99
C TYR D 465 16.15 32.33 -13.06
N LEU D 466 17.32 32.81 -12.66
CA LEU D 466 18.19 33.48 -13.58
C LEU D 466 18.71 32.48 -14.60
N TRP D 467 19.00 31.27 -14.16
CA TRP D 467 19.47 30.25 -15.08
C TRP D 467 18.37 29.92 -16.09
N ALA D 468 17.14 29.93 -15.61
CA ALA D 468 16.00 29.67 -16.48
C ALA D 468 15.89 30.77 -17.48
N LEU D 469 15.94 32.00 -16.99
CA LEU D 469 15.92 33.15 -17.87
C LEU D 469 17.05 33.14 -18.88
N LYS D 470 18.16 32.54 -18.52
CA LYS D 470 19.33 32.51 -19.44
C LYS D 470 19.05 31.61 -20.64
N ILE D 471 18.37 30.50 -20.38
CA ILE D 471 18.05 29.53 -21.40
C ILE D 471 17.07 30.17 -22.40
N LEU D 472 16.14 30.91 -21.83
CA LEU D 472 15.04 31.56 -22.56
C LEU D 472 15.45 32.75 -23.40
N TYR D 473 16.42 33.53 -22.91
CA TYR D 473 16.93 34.73 -23.59
C TYR D 473 18.45 34.71 -23.77
N PRO D 474 18.99 33.64 -24.33
CA PRO D 474 20.43 33.43 -24.41
C PRO D 474 21.20 34.62 -24.91
N LYS D 475 20.64 35.33 -25.88
CA LYS D 475 21.33 36.41 -26.58
C LYS D 475 21.07 37.82 -25.95
N THR D 476 20.10 37.92 -25.03
CA THR D 476 19.77 39.23 -24.39
C THR D 476 20.02 39.30 -22.86
N LEU D 477 20.21 38.16 -22.20
CA LEU D 477 20.50 38.14 -20.73
C LEU D 477 21.85 37.49 -20.39
N PHE D 478 22.66 38.25 -19.68
CA PHE D 478 24.06 37.87 -19.44
C PHE D 478 24.46 37.89 -17.98
N LEU D 479 25.14 36.83 -17.56
CA LEU D 479 25.52 36.62 -16.15
C LEU D 479 27.04 36.56 -16.06
N LEU D 480 27.63 37.38 -15.20
CA LEU D 480 29.04 37.25 -14.89
C LEU D 480 29.22 36.47 -13.63
N ARG D 481 30.49 36.23 -13.33
CA ARG D 481 30.84 35.50 -12.13
C ARG D 481 31.24 36.53 -11.12
N GLY D 482 30.77 36.29 -9.90
CA GLY D 482 31.16 37.09 -8.74
C GLY D 482 31.91 36.22 -7.74
N ASN D 483 32.58 36.85 -6.77
CA ASN D 483 33.53 36.10 -5.90
C ASN D 483 32.86 34.95 -5.16
N HIS D 484 31.56 35.13 -4.96
CA HIS D 484 30.77 34.19 -4.19
C HIS D 484 30.37 32.93 -4.95
N GLU D 485 30.61 32.93 -6.25
CA GLU D 485 30.22 31.81 -7.10
C GLU D 485 31.33 30.77 -7.17
N CYS D 486 31.68 30.22 -6.02
CA CYS D 486 32.76 29.24 -5.94
C CYS D 486 32.50 28.26 -4.82
N ARG D 487 33.30 27.18 -4.79
CA ARG D 487 33.10 26.08 -3.84
C ARG D 487 33.54 26.49 -2.46
N HIS D 488 34.49 27.43 -2.42
CA HIS D 488 35.18 27.79 -1.19
C HIS D 488 34.29 28.63 -0.29
N LEU D 489 33.68 29.65 -0.87
CA LEU D 489 32.79 30.51 -0.09
C LEU D 489 31.40 29.89 0.25
N THR D 490 30.87 29.09 -0.66
CA THR D 490 29.51 28.51 -0.50
C THR D 490 29.53 27.45 0.55
N GLU D 491 30.70 26.86 0.75
CA GLU D 491 30.93 25.93 1.87
C GLU D 491 31.01 26.70 3.18
N TYR D 492 31.68 27.85 3.16
CA TYR D 492 31.85 28.64 4.36
C TYR D 492 30.53 29.26 4.84
N PHE D 493 29.82 29.89 3.91
CA PHE D 493 28.51 30.44 4.20
C PHE D 493 27.42 29.40 3.96
N THR D 494 26.18 29.87 3.86
CA THR D 494 25.02 29.00 3.93
C THR D 494 24.45 28.43 2.63
N PHE D 495 25.09 28.64 1.48
CA PHE D 495 24.53 28.15 0.17
C PHE D 495 24.50 26.62 0.08
N LYS D 496 25.65 25.97 0.33
CA LYS D 496 25.72 24.52 0.39
C LYS D 496 24.62 24.04 1.30
N GLN D 497 24.49 24.71 2.43
CA GLN D 497 23.48 24.33 3.41
C GLN D 497 22.04 24.44 2.87
N GLU D 498 21.77 25.52 2.12
CA GLU D 498 20.46 25.72 1.46
C GLU D 498 20.15 24.56 0.48
N CYS D 499 21.12 24.20 -0.35
CA CYS D 499 20.95 23.14 -1.33
C CYS D 499 20.65 21.79 -0.72
N LYS D 500 21.18 21.52 0.47
CA LYS D 500 20.91 20.26 1.16
C LYS D 500 19.48 20.27 1.73
N ILE D 501 19.13 21.38 2.38
CA ILE D 501 17.81 21.53 3.02
C ILE D 501 16.66 21.59 2.04
N LYS D 502 16.90 22.16 0.89
CA LYS D 502 15.95 22.07 -0.21
C LYS D 502 16.66 21.19 -1.20
N TYR D 503 15.95 20.34 -1.90
CA TYR D 503 16.65 19.54 -2.92
C TYR D 503 17.71 18.59 -2.25
N SER D 504 18.89 18.48 -2.87
CA SER D 504 19.91 17.51 -2.50
C SER D 504 21.26 18.15 -2.64
N GLU D 505 22.30 17.41 -2.25
CA GLU D 505 23.68 17.89 -2.48
C GLU D 505 24.10 17.77 -3.95
N ARG D 506 23.34 17.04 -4.77
CA ARG D 506 23.64 16.97 -6.22
C ARG D 506 23.38 18.29 -6.92
N VAL D 507 22.36 18.99 -6.43
CA VAL D 507 22.00 20.30 -6.94
C VAL D 507 23.12 21.28 -6.65
N TYR D 508 23.63 21.24 -5.41
CA TYR D 508 24.81 22.01 -5.02
C TYR D 508 25.97 21.74 -5.97
N ASP D 509 26.37 20.47 -6.06
CA ASP D 509 27.47 20.07 -6.96
C ASP D 509 27.24 20.54 -8.39
N ALA D 510 25.98 20.44 -8.87
CA ALA D 510 25.59 20.92 -10.20
C ALA D 510 25.82 22.45 -10.36
N CYS D 511 25.36 23.23 -9.38
CA CYS D 511 25.58 24.69 -9.35
C CYS D 511 27.06 25.07 -9.36
N MET D 512 27.85 24.29 -8.62
CA MET D 512 29.30 24.54 -8.56
C MET D 512 29.93 24.42 -9.95
N ASP D 513 29.56 23.38 -10.69
CA ASP D 513 30.10 23.18 -12.04
C ASP D 513 29.51 24.21 -13.02
N ALA D 514 28.27 24.61 -12.79
CA ALA D 514 27.65 25.68 -13.58
C ALA D 514 28.38 26.97 -13.40
N PHE D 515 28.68 27.24 -12.14
CA PHE D 515 29.35 28.49 -11.78
C PHE D 515 30.69 28.57 -12.46
N ASP D 516 31.37 27.43 -12.58
CA ASP D 516 32.67 27.38 -13.26
C ASP D 516 32.61 27.93 -14.67
N CYS D 517 31.46 27.75 -15.33
CA CYS D 517 31.22 28.25 -16.70
C CYS D 517 30.92 29.73 -16.79
N LEU D 518 30.51 30.34 -15.70
CA LEU D 518 30.27 31.79 -15.71
C LEU D 518 31.47 32.55 -16.30
N PRO D 519 31.20 33.46 -17.25
CA PRO D 519 32.20 34.40 -17.76
C PRO D 519 32.68 35.36 -16.71
N LEU D 520 33.87 35.90 -16.93
CA LEU D 520 34.51 36.77 -15.94
C LEU D 520 34.22 38.26 -16.13
N ALA D 521 33.82 38.65 -17.33
CA ALA D 521 33.76 40.07 -17.64
C ALA D 521 32.94 40.42 -18.88
N ALA D 522 32.77 41.72 -19.09
CA ALA D 522 32.00 42.21 -20.21
C ALA D 522 32.48 43.55 -20.73
N LEU D 523 32.61 43.63 -22.03
CA LEU D 523 32.88 44.86 -22.70
C LEU D 523 31.53 45.30 -23.21
N MET D 524 31.04 46.40 -22.64
CA MET D 524 29.69 46.87 -22.92
C MET D 524 29.70 48.13 -23.78
N ASN D 525 29.02 48.04 -24.92
CA ASN D 525 28.95 49.11 -25.94
C ASN D 525 30.31 49.70 -26.31
N GLN D 526 31.36 48.89 -26.21
CA GLN D 526 32.73 49.31 -26.56
C GLN D 526 33.24 50.51 -25.80
N GLN D 527 32.70 50.70 -24.62
CA GLN D 527 33.04 51.84 -23.82
C GLN D 527 33.39 51.42 -22.40
N PHE D 528 32.63 50.47 -21.87
CA PHE D 528 32.73 50.07 -20.49
C PHE D 528 33.23 48.63 -20.33
N LEU D 529 34.24 48.48 -19.49
CA LEU D 529 34.64 47.21 -19.01
C LEU D 529 33.80 46.91 -17.77
N CYS D 530 33.16 45.76 -17.77
CA CYS D 530 32.24 45.43 -16.73
C CYS D 530 32.74 44.21 -16.03
N VAL D 531 33.04 44.39 -14.77
CA VAL D 531 33.69 43.37 -13.98
C VAL D 531 33.03 43.35 -12.62
N HIS D 532 33.05 42.18 -11.97
CA HIS D 532 32.50 42.08 -10.61
C HIS D 532 33.30 42.90 -9.65
N GLY D 533 34.58 42.60 -9.57
CA GLY D 533 35.51 43.29 -8.64
C GLY D 533 36.31 44.46 -9.23
N GLY D 534 37.28 44.15 -10.08
CA GLY D 534 38.03 45.18 -10.77
C GLY D 534 39.30 44.65 -11.41
N LEU D 535 40.34 45.48 -11.31
CA LEU D 535 41.57 45.29 -12.04
C LEU D 535 42.49 44.27 -11.40
N SER D 536 43.56 43.98 -12.13
CA SER D 536 44.66 43.11 -11.70
C SER D 536 45.92 43.75 -12.23
N PRO D 537 47.04 43.65 -11.46
CA PRO D 537 48.31 44.14 -11.96
C PRO D 537 48.78 43.36 -13.19
N GLU D 538 48.28 42.13 -13.29
CA GLU D 538 48.57 41.23 -14.41
C GLU D 538 47.66 41.39 -15.62
N ILE D 539 46.62 42.23 -15.53
CA ILE D 539 45.69 42.45 -16.65
C ILE D 539 45.78 43.89 -17.15
N ASN D 540 46.55 44.06 -18.21
CA ASN D 540 46.88 45.37 -18.74
C ASN D 540 46.05 45.72 -19.94
N THR D 541 45.70 44.69 -20.69
CA THR D 541 44.83 44.83 -21.83
C THR D 541 43.62 43.92 -21.72
N LEU D 542 42.59 44.25 -22.50
CA LEU D 542 41.41 43.38 -22.61
C LEU D 542 41.77 41.96 -23.08
N ASP D 543 42.79 41.86 -23.93
CA ASP D 543 43.21 40.56 -24.47
C ASP D 543 43.71 39.66 -23.35
N ASP D 544 44.23 40.23 -22.28
CA ASP D 544 44.69 39.45 -21.13
C ASP D 544 43.56 38.66 -20.46
N ILE D 545 42.36 39.23 -20.47
CA ILE D 545 41.17 38.57 -19.89
C ILE D 545 40.80 37.29 -20.70
N ARG D 546 41.07 37.35 -21.99
CA ARG D 546 40.73 36.28 -22.94
C ARG D 546 41.64 35.07 -22.81
N LYS D 547 42.90 35.33 -22.46
CA LYS D 547 43.88 34.27 -22.36
C LYS D 547 43.72 33.40 -21.11
N LEU D 548 42.80 33.78 -20.22
CA LEU D 548 42.66 33.09 -18.94
C LEU D 548 41.84 31.83 -19.11
N ASP D 549 42.23 30.75 -18.46
CA ASP D 549 41.40 29.53 -18.39
C ASP D 549 40.45 29.74 -17.22
N ARG D 550 39.16 29.91 -17.54
CA ARG D 550 38.15 30.25 -16.50
C ARG D 550 37.40 29.06 -15.88
N PHE D 551 37.59 27.86 -16.43
CA PHE D 551 36.80 26.67 -16.04
C PHE D 551 37.43 25.90 -14.87
N LYS D 552 37.47 26.56 -13.73
CA LYS D 552 38.03 25.99 -12.52
C LYS D 552 37.51 26.80 -11.32
N GLU D 553 37.75 26.26 -10.12
CA GLU D 553 37.55 27.00 -8.89
C GLU D 553 38.53 28.17 -8.95
N PRO D 554 38.08 29.39 -8.58
CA PRO D 554 38.97 30.58 -8.57
C PRO D 554 40.21 30.45 -7.70
N PRO D 555 41.42 30.65 -8.27
CA PRO D 555 42.63 30.50 -7.48
C PRO D 555 42.73 31.60 -6.44
N ALA D 556 43.67 31.42 -5.50
CA ALA D 556 43.83 32.31 -4.30
C ALA D 556 44.55 33.59 -4.62
N TYR D 557 45.10 33.65 -5.82
CA TYR D 557 45.76 34.84 -6.35
C TYR D 557 45.83 34.64 -7.86
N GLY D 558 46.24 35.69 -8.56
CA GLY D 558 46.29 35.64 -10.02
C GLY D 558 45.17 36.44 -10.64
N PRO D 559 45.24 36.66 -11.96
CA PRO D 559 44.31 37.55 -12.62
C PRO D 559 42.83 37.18 -12.42
N MET D 560 42.55 35.89 -12.28
CA MET D 560 41.17 35.49 -12.06
C MET D 560 40.70 36.07 -10.74
N CYS D 561 41.45 35.78 -9.67
CA CYS D 561 41.14 36.25 -8.31
C CYS D 561 40.90 37.76 -8.25
N ASP D 562 41.85 38.49 -8.82
CA ASP D 562 41.81 39.95 -8.79
C ASP D 562 40.57 40.46 -9.48
N ILE D 563 40.23 39.91 -10.65
CA ILE D 563 39.01 40.32 -11.40
C ILE D 563 37.76 40.25 -10.47
N LEU D 564 37.73 39.22 -9.64
CA LEU D 564 36.62 38.97 -8.75
C LEU D 564 36.68 39.64 -7.34
N TRP D 565 37.88 40.00 -6.86
CA TRP D 565 38.03 40.53 -5.49
C TRP D 565 38.62 41.95 -5.37
N SER D 566 39.39 42.40 -6.34
CA SER D 566 39.96 43.75 -6.26
C SER D 566 38.86 44.74 -5.86
N ASP D 567 39.21 45.65 -4.95
CA ASP D 567 38.36 46.77 -4.51
C ASP D 567 39.12 48.07 -4.79
N PRO D 568 38.42 49.22 -4.91
CA PRO D 568 39.15 50.47 -5.06
C PRO D 568 39.63 50.98 -3.72
N LEU D 569 40.61 51.91 -3.76
CA LEU D 569 41.17 52.52 -2.54
C LEU D 569 40.07 53.20 -1.75
N GLU D 570 40.21 53.24 -0.43
CA GLU D 570 39.23 53.93 0.41
C GLU D 570 39.20 55.42 0.06
N ASP D 571 40.36 55.98 -0.24
CA ASP D 571 40.45 57.38 -0.67
C ASP D 571 40.82 57.41 -2.14
N PHE D 572 40.15 56.58 -2.94
CA PHE D 572 40.30 56.54 -4.40
C PHE D 572 40.03 57.93 -5.01
N GLY D 573 41.00 58.50 -5.70
CA GLY D 573 40.88 59.86 -6.27
C GLY D 573 41.61 60.95 -5.50
N ASN D 574 42.01 60.65 -4.25
CA ASN D 574 42.86 61.54 -3.44
C ASN D 574 44.09 60.79 -3.03
N GLU D 575 44.54 59.90 -3.90
CA GLU D 575 45.43 58.86 -3.44
C GLU D 575 46.86 59.30 -3.71
N LYS D 576 47.38 60.04 -2.75
CA LYS D 576 48.79 60.42 -2.83
C LYS D 576 49.71 59.24 -2.49
N THR D 577 49.59 58.65 -1.30
CA THR D 577 50.59 57.68 -0.76
C THR D 577 51.27 56.71 -1.83
N GLN D 578 50.50 55.73 -2.33
CA GLN D 578 50.98 54.72 -3.32
C GLN D 578 50.09 54.62 -4.55
N GLU D 579 50.71 54.57 -5.72
CA GLU D 579 49.95 54.72 -6.96
C GLU D 579 49.13 53.49 -7.44
N HIS D 580 49.70 52.44 -8.02
CA HIS D 580 48.80 51.48 -8.70
C HIS D 580 47.99 50.43 -7.82
N PHE D 581 48.69 49.41 -7.34
CA PHE D 581 48.08 48.28 -6.66
C PHE D 581 48.71 48.06 -5.30
N THR D 582 47.89 47.82 -4.28
CA THR D 582 48.35 47.64 -2.87
C THR D 582 47.57 46.53 -2.18
N HIS D 583 48.22 45.82 -1.27
CA HIS D 583 47.60 44.66 -0.62
C HIS D 583 46.27 45.05 0.03
N ASN D 584 45.20 44.38 -0.38
CA ASN D 584 43.85 44.69 0.08
C ASN D 584 43.65 44.05 1.43
N THR D 585 43.51 44.89 2.45
CA THR D 585 43.46 44.37 3.81
C THR D 585 42.06 44.01 4.29
N VAL D 586 41.04 44.46 3.55
CA VAL D 586 39.64 44.17 3.88
C VAL D 586 39.32 42.73 3.49
N ARG D 587 39.75 42.37 2.29
CA ARG D 587 39.50 41.06 1.75
C ARG D 587 40.51 40.05 2.24
N GLY D 588 41.76 40.48 2.36
CA GLY D 588 42.87 39.59 2.66
C GLY D 588 43.40 38.77 1.49
N CYS D 589 43.21 39.27 0.28
CA CYS D 589 43.81 38.65 -0.87
C CYS D 589 44.10 39.64 -2.00
N SER D 590 43.11 39.90 -2.82
CA SER D 590 43.32 40.75 -3.99
C SER D 590 43.82 42.15 -3.62
N TYR D 591 44.19 42.95 -4.63
CA TYR D 591 44.72 44.31 -4.41
C TYR D 591 43.64 45.40 -4.20
N PHE D 592 44.08 46.56 -3.70
CA PHE D 592 43.35 47.82 -3.83
C PHE D 592 43.91 48.55 -5.06
N TYR D 593 43.03 49.03 -5.94
CA TYR D 593 43.49 49.80 -7.09
C TYR D 593 43.23 51.28 -6.89
N SER D 594 44.09 52.09 -7.50
CA SER D 594 44.01 53.50 -7.36
C SER D 594 43.45 54.16 -8.63
N TYR D 595 43.05 55.41 -8.49
CA TYR D 595 42.54 56.24 -9.61
C TYR D 595 43.53 56.27 -10.78
N PRO D 596 44.83 56.52 -10.53
CA PRO D 596 45.79 56.45 -11.63
C PRO D 596 45.82 55.09 -12.31
N ALA D 597 45.74 54.03 -11.52
CA ALA D 597 45.72 52.68 -12.04
C ALA D 597 44.56 52.49 -13.01
N VAL D 598 43.39 52.94 -12.59
CA VAL D 598 42.19 52.81 -13.41
C VAL D 598 42.28 53.68 -14.66
N CYS D 599 42.70 54.94 -14.45
CA CYS D 599 42.87 55.92 -15.53
C CYS D 599 43.89 55.42 -16.54
N ASP D 600 44.95 54.78 -16.01
CA ASP D 600 46.01 54.26 -16.84
C ASP D 600 45.41 53.21 -17.74
N PHE D 601 44.69 52.27 -17.15
CA PHE D 601 44.03 51.20 -17.91
C PHE D 601 42.93 51.71 -18.88
N LEU D 602 42.18 52.72 -18.47
CA LEU D 602 41.14 53.29 -19.32
C LEU D 602 41.73 53.87 -20.58
N GLN D 603 42.94 54.42 -20.48
CA GLN D 603 43.60 55.02 -21.66
C GLN D 603 44.21 53.95 -22.55
N HIS D 604 44.98 53.04 -21.95
CA HIS D 604 45.69 52.00 -22.70
C HIS D 604 44.71 51.15 -23.53
N ASN D 605 43.47 50.98 -23.07
CA ASN D 605 42.49 50.13 -23.77
C ASN D 605 41.35 50.90 -24.46
N ASN D 606 41.49 52.23 -24.48
CA ASN D 606 40.54 53.16 -25.08
C ASN D 606 39.08 53.05 -24.53
N LEU D 607 38.96 52.98 -23.22
CA LEU D 607 37.68 52.76 -22.56
C LEU D 607 37.25 53.98 -21.81
N LEU D 608 35.95 54.08 -21.55
CA LEU D 608 35.38 55.28 -20.93
C LEU D 608 35.29 55.16 -19.41
N SER D 609 34.93 53.97 -18.95
CA SER D 609 34.70 53.72 -17.51
C SER D 609 34.63 52.23 -17.15
N ILE D 610 34.71 51.98 -15.85
CA ILE D 610 34.61 50.64 -15.31
C ILE D 610 33.37 50.53 -14.43
N LEU D 611 32.53 49.56 -14.77
CA LEU D 611 31.38 49.21 -13.96
C LEU D 611 31.69 47.98 -13.19
N ARG D 612 31.44 48.04 -11.91
CA ARG D 612 31.70 46.95 -11.04
C ARG D 612 30.68 46.95 -9.89
N ALA D 613 30.75 45.94 -9.05
CA ALA D 613 29.80 45.76 -7.94
C ALA D 613 30.33 44.78 -6.95
N HIS D 614 30.78 45.22 -5.81
CA HIS D 614 31.36 44.22 -4.91
C HIS D 614 31.28 44.65 -3.46
N GLU D 615 31.09 45.95 -3.29
CA GLU D 615 30.99 46.57 -2.00
C GLU D 615 29.56 47.07 -1.85
N ALA D 616 28.95 46.74 -0.72
CA ALA D 616 27.66 47.32 -0.39
C ALA D 616 27.72 48.88 -0.43
N GLN D 617 26.59 49.51 -0.75
CA GLN D 617 26.47 50.97 -0.87
C GLN D 617 25.15 51.50 -0.31
N ASP D 618 25.24 52.48 0.57
CA ASP D 618 24.07 53.01 1.22
C ASP D 618 23.02 53.42 0.18
N ALA D 619 23.47 54.15 -0.85
CA ALA D 619 22.54 54.66 -1.85
C ALA D 619 22.30 53.69 -3.01
N GLY D 620 22.85 52.48 -2.92
CA GLY D 620 22.68 51.47 -3.98
C GLY D 620 23.72 51.57 -5.09
N TYR D 621 24.47 52.66 -5.11
CA TYR D 621 25.53 52.83 -6.07
C TYR D 621 26.57 53.78 -5.51
N ARG D 622 27.51 54.15 -6.35
CA ARG D 622 28.54 55.13 -6.00
C ARG D 622 29.38 55.44 -7.21
N MET D 623 29.50 56.71 -7.51
CA MET D 623 30.35 57.14 -8.62
C MET D 623 31.62 57.70 -8.07
N TYR D 624 32.65 57.63 -8.85
CA TYR D 624 33.94 58.01 -8.37
C TYR D 624 34.47 59.11 -9.30
N ARG D 625 35.70 59.52 -9.03
CA ARG D 625 36.25 60.72 -9.63
C ARG D 625 36.22 60.66 -11.15
N LYS D 626 35.77 61.77 -11.73
CA LYS D 626 35.62 61.90 -13.16
C LYS D 626 36.96 61.91 -13.84
N SER D 627 37.01 61.35 -15.04
CA SER D 627 38.26 61.35 -15.80
C SER D 627 38.56 62.79 -16.19
N GLN D 628 39.85 63.14 -16.11
CA GLN D 628 40.34 64.50 -16.42
C GLN D 628 39.97 64.94 -17.85
N THR D 629 39.91 63.98 -18.78
CA THR D 629 39.63 64.26 -20.20
C THR D 629 38.14 64.04 -20.60
N THR D 630 37.56 62.94 -20.14
CA THR D 630 36.20 62.56 -20.58
C THR D 630 35.10 63.34 -19.86
N GLY D 631 35.38 63.71 -18.62
CA GLY D 631 34.36 64.35 -17.76
C GLY D 631 33.32 63.38 -17.24
N PHE D 632 33.57 62.08 -17.43
CA PHE D 632 32.66 61.01 -17.00
C PHE D 632 33.34 60.12 -15.93
N PRO D 633 32.58 59.67 -14.92
CA PRO D 633 33.13 58.90 -13.80
C PRO D 633 34.00 57.74 -14.25
N SER D 634 35.23 57.73 -13.74
CA SER D 634 36.22 56.70 -14.09
C SER D 634 35.80 55.33 -13.58
N LEU D 635 34.96 55.33 -12.54
CA LEU D 635 34.57 54.12 -11.85
C LEU D 635 33.16 54.27 -11.27
N ILE D 636 32.37 53.21 -11.38
CA ILE D 636 31.06 53.19 -10.78
C ILE D 636 30.84 51.87 -10.09
N THR D 637 30.38 51.92 -8.83
CA THR D 637 29.98 50.72 -8.12
C THR D 637 28.50 50.63 -8.24
N ILE D 638 27.99 49.42 -8.47
CA ILE D 638 26.55 49.19 -8.52
C ILE D 638 26.23 48.10 -7.52
N PHE D 639 25.16 48.26 -6.74
CA PHE D 639 24.74 47.30 -5.68
C PHE D 639 23.23 47.14 -5.63
N SER D 640 22.75 45.92 -5.87
CA SER D 640 21.34 45.68 -6.20
C SER D 640 20.58 44.90 -5.16
N ALA D 641 21.17 44.77 -3.98
CA ALA D 641 20.51 44.09 -2.85
C ALA D 641 20.08 45.13 -1.82
N PRO D 642 18.80 45.50 -1.87
CA PRO D 642 18.28 46.47 -0.95
C PRO D 642 18.14 45.92 0.46
N ASN D 643 18.43 46.75 1.45
CA ASN D 643 18.33 46.37 2.89
C ASN D 643 19.10 45.07 3.14
N TYR D 644 20.37 45.16 2.78
CA TYR D 644 21.29 44.04 2.87
C TYR D 644 21.39 43.39 4.27
N LEU D 645 21.31 42.05 4.27
CA LEU D 645 21.30 41.19 5.48
C LEU D 645 20.14 41.46 6.38
N ASP D 646 19.15 42.17 5.84
CA ASP D 646 17.96 42.63 6.58
C ASP D 646 18.22 43.79 7.53
N VAL D 647 19.45 44.28 7.60
CA VAL D 647 19.84 45.28 8.62
C VAL D 647 20.48 46.57 8.09
N TYR D 648 21.24 46.54 7.00
CA TYR D 648 21.89 47.76 6.50
C TYR D 648 20.87 48.89 6.17
N ASN D 649 19.65 48.50 5.82
CA ASN D 649 18.60 49.48 5.52
C ASN D 649 19.04 50.43 4.35
N ASN D 650 19.74 49.83 3.39
CA ASN D 650 20.29 50.55 2.24
C ASN D 650 19.41 50.44 1.04
N LYS D 651 19.49 51.42 0.17
CA LYS D 651 18.75 51.36 -1.06
C LYS D 651 19.57 50.53 -2.04
N ALA D 652 18.87 49.97 -3.02
CA ALA D 652 19.51 49.22 -4.12
C ALA D 652 19.50 50.05 -5.37
N ALA D 653 20.26 49.60 -6.36
CA ALA D 653 20.25 50.27 -7.64
C ALA D 653 20.69 49.36 -8.80
N VAL D 654 20.32 49.80 -9.98
CA VAL D 654 20.73 49.21 -11.24
C VAL D 654 21.04 50.36 -12.20
N LEU D 655 21.94 50.13 -13.15
CA LEU D 655 22.22 51.12 -14.21
C LEU D 655 21.45 50.83 -15.48
N LYS D 656 20.71 51.83 -15.94
CA LYS D 656 20.03 51.71 -17.21
C LYS D 656 20.69 52.64 -18.21
N TYR D 657 21.46 52.06 -19.12
CA TYR D 657 22.17 52.82 -20.15
C TYR D 657 21.47 52.78 -21.50
N GLU D 658 20.96 53.94 -21.90
CA GLU D 658 20.17 54.08 -23.12
C GLU D 658 20.12 55.54 -23.56
N ASN D 659 20.04 55.74 -24.86
CA ASN D 659 20.05 57.09 -25.44
C ASN D 659 21.20 57.94 -24.87
N ASN D 660 22.33 57.29 -24.68
CA ASN D 660 23.55 57.95 -24.27
C ASN D 660 23.41 58.58 -22.92
N VAL D 661 22.53 58.01 -22.12
CA VAL D 661 22.32 58.43 -20.72
C VAL D 661 22.49 57.23 -19.80
N MET D 662 23.29 57.40 -18.75
CA MET D 662 23.48 56.37 -17.72
C MET D 662 22.58 56.66 -16.54
N ASN D 663 21.34 56.19 -16.57
CA ASN D 663 20.37 56.50 -15.53
C ASN D 663 20.45 55.49 -14.39
N ILE D 664 20.56 55.97 -13.17
CA ILE D 664 20.69 55.09 -12.02
C ILE D 664 19.36 55.01 -11.33
N ARG D 665 18.75 53.85 -11.39
CA ARG D 665 17.45 53.69 -10.80
C ARG D 665 17.59 52.99 -9.48
N GLN D 666 17.07 53.61 -8.43
CA GLN D 666 17.14 53.03 -7.10
C GLN D 666 15.84 52.36 -6.74
N PHE D 667 15.86 51.53 -5.72
CA PHE D 667 14.64 50.94 -5.20
C PHE D 667 14.83 50.41 -3.79
N ASN D 668 13.75 50.44 -3.02
CA ASN D 668 13.75 49.93 -1.64
C ASN D 668 13.42 48.46 -1.65
N CYS D 669 13.54 47.82 -0.50
CA CYS D 669 13.39 46.38 -0.47
C CYS D 669 11.93 45.99 -0.39
N SER D 670 11.69 44.67 -0.40
CA SER D 670 10.37 44.09 -0.36
C SER D 670 10.25 42.99 0.69
N PRO D 671 9.02 42.65 1.07
CA PRO D 671 8.88 41.68 2.10
C PRO D 671 9.42 40.35 1.65
N HIS D 672 9.86 39.55 2.62
CA HIS D 672 10.25 38.18 2.35
C HIS D 672 10.05 37.31 3.54
N PRO D 673 9.80 36.03 3.28
CA PRO D 673 9.56 35.04 4.30
C PRO D 673 10.72 34.90 5.26
N TYR D 674 10.45 34.24 6.38
CA TYR D 674 11.42 34.11 7.43
C TYR D 674 12.02 32.69 7.48
N TRP D 675 13.29 32.63 7.79
CA TRP D 675 13.98 31.39 8.03
C TRP D 675 14.82 31.65 9.27
N LEU D 676 14.99 30.63 10.11
CA LEU D 676 15.90 30.74 11.25
C LEU D 676 17.31 30.73 10.72
N PRO D 677 18.24 31.36 11.46
CA PRO D 677 19.60 31.41 10.95
C PRO D 677 20.08 30.04 10.56
N ASN D 678 20.71 29.95 9.40
CA ASN D 678 21.28 28.70 8.91
C ASN D 678 20.23 27.55 8.79
N PHE D 679 18.98 27.91 8.50
CA PHE D 679 17.91 26.96 8.16
C PHE D 679 17.65 25.91 9.25
N MET D 680 17.91 26.31 10.49
CA MET D 680 17.69 25.45 11.62
C MET D 680 16.22 25.14 11.74
N ASP D 681 15.95 23.90 12.01
CA ASP D 681 14.63 23.43 12.27
C ASP D 681 14.14 23.98 13.61
N VAL D 682 12.86 24.20 13.77
CA VAL D 682 12.38 24.83 15.01
C VAL D 682 12.63 24.06 16.31
N PHE D 683 12.63 22.73 16.22
CA PHE D 683 12.85 21.90 17.40
C PHE D 683 14.30 22.07 17.85
N THR D 684 15.23 21.81 16.93
CA THR D 684 16.66 22.03 17.18
C THR D 684 16.96 23.37 17.84
N TRP D 685 16.28 24.38 17.37
CA TRP D 685 16.38 25.72 17.90
C TRP D 685 15.86 25.80 19.33
N SER D 686 14.66 25.29 19.54
CA SER D 686 13.96 25.51 20.79
C SER D 686 14.39 24.54 21.87
N LEU D 687 14.71 23.32 21.47
CA LEU D 687 14.97 22.25 22.45
C LEU D 687 15.95 22.67 23.54
N PRO D 688 17.09 23.23 23.16
CA PRO D 688 18.05 23.63 24.18
C PRO D 688 17.44 24.56 25.21
N PHE D 689 16.64 25.51 24.77
CA PHE D 689 15.98 26.44 25.67
C PHE D 689 14.98 25.69 26.56
N VAL D 690 14.25 24.76 25.96
CA VAL D 690 13.36 23.86 26.73
C VAL D 690 14.14 23.06 27.78
N GLY D 691 15.28 22.52 27.38
CA GLY D 691 16.12 21.77 28.28
C GLY D 691 16.51 22.60 29.47
N GLU D 692 17.07 23.77 29.18
CA GLU D 692 17.62 24.63 30.22
C GLU D 692 16.54 25.13 31.20
N LYS D 693 15.34 25.39 30.71
CA LYS D 693 14.30 26.02 31.54
C LYS D 693 13.54 25.05 32.43
N VAL D 694 13.34 23.82 31.98
CA VAL D 694 12.74 22.79 32.81
C VAL D 694 13.73 22.35 33.87
N THR D 695 15.01 22.36 33.49
CA THR D 695 16.05 22.01 34.42
C THR D 695 16.02 23.01 35.56
N GLU D 696 16.11 24.30 35.23
CA GLU D 696 15.98 25.34 36.26
C GLU D 696 14.79 25.03 37.13
N MET D 697 13.63 24.81 36.51
CA MET D 697 12.40 24.60 37.28
C MET D 697 12.64 23.59 38.38
N LEU D 698 13.10 22.42 38.00
CA LEU D 698 13.27 21.35 38.97
C LEU D 698 14.31 21.68 40.01
N VAL D 699 15.41 22.30 39.58
CA VAL D 699 16.53 22.60 40.49
C VAL D 699 16.08 23.54 41.59
N ASN D 700 15.08 24.37 41.28
CA ASN D 700 14.59 25.41 42.11
C ASN D 700 13.51 24.82 43.01
N VAL D 701 13.74 23.59 43.46
CA VAL D 701 12.94 22.98 44.48
C VAL D 701 13.97 22.32 45.41
N LEU D 702 14.44 23.15 46.34
CA LEU D 702 15.36 22.78 47.39
C LEU D 702 14.78 23.33 48.71
N ASN D 703 14.92 22.60 49.83
CA ASN D 703 14.29 22.98 51.14
C ASN D 703 13.71 24.38 51.20
N PHE D 793 21.76 51.81 10.66
CA PHE D 793 22.69 52.40 9.69
C PHE D 793 23.73 51.42 9.11
N GLU D 794 24.54 51.93 8.19
CA GLU D 794 25.64 51.11 7.65
C GLU D 794 26.73 50.94 8.72
N GLU D 795 26.41 51.18 10.00
CA GLU D 795 27.31 50.85 11.12
C GLU D 795 27.22 49.33 11.32
N ALA D 796 26.21 48.71 10.71
CA ALA D 796 26.22 47.27 10.42
C ALA D 796 27.35 46.85 9.44
N LYS D 797 27.86 47.81 8.69
CA LYS D 797 29.08 47.62 7.91
C LYS D 797 30.28 47.37 8.84
N GLY D 798 30.21 47.91 10.04
CA GLY D 798 31.16 47.60 11.10
C GLY D 798 31.00 46.21 11.67
N LEU D 799 29.78 45.69 11.73
CA LEU D 799 29.58 44.37 12.30
C LEU D 799 30.03 43.30 11.31
N ASP D 800 30.00 43.65 10.04
CA ASP D 800 30.07 42.65 9.01
C ASP D 800 31.45 42.52 8.35
N ARG D 801 32.37 43.45 8.69
CA ARG D 801 33.72 43.59 8.07
C ARG D 801 34.39 42.24 7.84
N ILE D 802 34.31 41.40 8.86
CA ILE D 802 34.93 40.05 8.87
C ILE D 802 34.46 39.15 7.71
N ASN D 803 33.18 39.22 7.37
CA ASN D 803 32.61 38.38 6.30
C ASN D 803 32.84 38.91 4.87
N GLU D 804 33.38 40.12 4.78
CA GLU D 804 33.83 40.68 3.51
C GLU D 804 35.21 40.05 3.14
N ARG D 805 35.77 39.31 4.10
CA ARG D 805 37.04 38.60 3.95
C ARG D 805 36.88 37.27 3.21
N MET D 806 37.84 36.95 2.36
CA MET D 806 37.96 35.61 1.83
C MET D 806 38.15 34.64 2.98
N PRO D 807 37.43 33.50 3.00
CA PRO D 807 37.63 32.48 4.05
C PRO D 807 39.03 31.83 4.06
N PRO D 808 39.38 31.12 5.16
CA PRO D 808 40.70 30.52 5.32
C PRO D 808 40.87 29.27 4.46
N ARG D 809 41.68 29.40 3.42
CA ARG D 809 41.81 28.37 2.37
C ARG D 809 42.79 27.29 2.86
N ARG D 810 43.26 26.43 1.95
CA ARG D 810 44.40 25.53 2.19
C ARG D 810 45.47 25.69 1.10
#